data_6CSF
#
_entry.id   6CSF
#
_cell.length_a   183.051
_cell.length_b   183.051
_cell.length_c   349.843
_cell.angle_alpha   90.000
_cell.angle_beta   90.000
_cell.angle_gamma   120.000
#
_symmetry.space_group_name_H-M   'P 61'
#
loop_
_entity.id
_entity.type
_entity.pdbx_description
1 polymer 'Monoclonal antibody FAB heavy chain'
2 polymer 'Monoclonal antibody FAB light chain'
3 polymer 'Sodium/alanine symporter AgcS'
4 non-polymer 'SODIUM ION'
5 non-polymer D-ALANINE
#
loop_
_entity_poly.entity_id
_entity_poly.type
_entity_poly.pdbx_seq_one_letter_code
_entity_poly.pdbx_strand_id
1 'polypeptide(L)'
;EVKLEESGGGLVQPGGSMKLSCAASGFTSSDFAMDWVRQSPEAGLEWVAEIAASERHYAESVKGRFTISRDDSKSSVYLQ
MNSLRAEDSGLYYCTRTAGACGQWGTGTTVTVSSAKTTPPSVYPLAPGSAAAAASMVTLGCLVKGYFPEPVTVTWNSGSL
SSGVHTFPAVLQSDLYTLSSSVTVPSSTWPASTVTCNVAHPASSTKVDKAIVPG
;
A,H
2 'polypeptide(L)'
;DIAMTQSPASLSASVGETVTITCRTSENIASALAWYQQKQGKSPQLLVMNAKTLAAGVPSRFSGSGSGTAFSLKINSLQP
EDFGSYSCQHAAGWLLTFGGGTKLEIKRADAAPTVSIFPPSSEQLTSGGASVVCFLNNFYPKDINVKWKIDGSERQNGVL
NSWTDQDSADSTYSMSSTLTLTKDEYERHNSYTCEATHKTSTSPIVKSFNRAE
;
B,L
3 'polypeptide(L)'
;MDFVSLVNTVNSFVWGPYMLVLLLGTGIFLTLRLGFMQIHTLPYALKLAFSKHQDETSEGDISHFQALMTALAATIGTGN
IAGVATAYVLGGPGAIFWMWVTAFFGMATKYAEAVLAIKYRTVDDNGEMAGGPMYFLEKGLPDHGLGKILGVAFAFFGAF
AAFGIGNMVQTNSVADAVASNFGVDPLITGFVLAIFTAAVILGGIKSIGKATGIIVPFMAVFYILAGLVILAMNIGYIIP
AFGTIFSSAFNFSAGFGALIGTAIMWGVKRGVFSNEAGLGSAPIAAAAAKTDHPGRQALVSMTGTFLDTIVVCTITGLVL
TIAGLKAFPGLTDLTGASLTAASFDALMPMGGLIVTIGLVFFAYSTVLGWSYYGEKCFEYLIGTKGIRLYRIAFVLVAFW
GATASLPLVWNIADTLNGAMAIPNLIGLLLLSGVVVSETKAFNEIRKNEAKNA
;
M,C
#
loop_
_chem_comp.id
_chem_comp.type
_chem_comp.name
_chem_comp.formula
NA non-polymer 'SODIUM ION' 'Na 1'
#
# COMPACT_ATOMS: atom_id res chain seq x y z
N GLU A 1 -19.93 -0.60 9.14
CA GLU A 1 -20.59 -0.58 7.84
C GLU A 1 -21.47 -1.81 7.67
N VAL A 2 -21.14 -2.64 6.67
CA VAL A 2 -21.80 -3.91 6.44
C VAL A 2 -20.98 -4.99 7.15
N LYS A 3 -21.68 -5.99 7.69
CA LYS A 3 -21.01 -7.09 8.39
C LYS A 3 -21.44 -8.41 7.79
N LEU A 4 -20.45 -9.26 7.51
CA LEU A 4 -20.69 -10.65 7.17
C LEU A 4 -19.68 -11.48 7.95
N GLU A 5 -20.16 -12.26 8.91
CA GLU A 5 -19.31 -13.16 9.69
C GLU A 5 -19.78 -14.57 9.44
N GLU A 6 -18.93 -15.37 8.79
CA GLU A 6 -19.20 -16.78 8.61
C GLU A 6 -18.87 -17.51 9.90
N SER A 7 -19.44 -18.70 10.04
CA SER A 7 -19.21 -19.54 11.22
C SER A 7 -19.56 -20.97 10.85
N GLY A 8 -19.17 -21.90 11.73
CA GLY A 8 -19.57 -23.27 11.59
C GLY A 8 -18.57 -24.19 10.93
N GLY A 9 -17.45 -23.66 10.44
CA GLY A 9 -16.43 -24.52 9.85
C GLY A 9 -15.93 -25.55 10.85
N GLY A 10 -15.20 -26.54 10.34
CA GLY A 10 -14.65 -27.54 11.22
C GLY A 10 -14.01 -28.68 10.43
N LEU A 11 -13.74 -29.75 11.16
CA LEU A 11 -13.18 -30.98 10.59
C LEU A 11 -14.27 -32.04 10.60
N VAL A 12 -14.52 -32.64 9.43
CA VAL A 12 -15.58 -33.62 9.26
C VAL A 12 -15.07 -34.72 8.34
N GLN A 13 -15.42 -35.96 8.66
CA GLN A 13 -14.98 -37.11 7.90
C GLN A 13 -15.71 -37.19 6.55
N PRO A 14 -15.12 -37.87 5.57
CA PRO A 14 -15.78 -37.99 4.27
C PRO A 14 -17.13 -38.69 4.37
N GLY A 15 -18.08 -38.22 3.57
CA GLY A 15 -19.45 -38.67 3.67
C GLY A 15 -20.26 -37.99 4.75
N GLY A 16 -19.60 -37.27 5.66
CA GLY A 16 -20.29 -36.60 6.73
C GLY A 16 -21.03 -35.36 6.24
N SER A 17 -21.54 -34.61 7.21
CA SER A 17 -22.35 -33.44 6.92
C SER A 17 -22.11 -32.37 7.97
N MET A 18 -22.37 -31.12 7.59
CA MET A 18 -22.45 -29.99 8.49
C MET A 18 -23.03 -28.82 7.73
N LYS A 19 -23.56 -27.85 8.47
CA LYS A 19 -24.16 -26.66 7.90
C LYS A 19 -23.39 -25.44 8.38
N LEU A 20 -23.07 -24.55 7.45
CA LEU A 20 -22.38 -23.31 7.74
C LEU A 20 -23.39 -22.20 7.93
N SER A 21 -22.95 -21.10 8.52
CA SER A 21 -23.81 -19.97 8.79
C SER A 21 -23.04 -18.69 8.49
N CYS A 22 -23.79 -17.63 8.19
CA CYS A 22 -23.22 -16.32 7.87
C CYS A 22 -24.13 -15.24 8.45
N ALA A 23 -23.92 -14.89 9.71
CA ALA A 23 -24.66 -13.81 10.34
C ALA A 23 -24.35 -12.50 9.61
N ALA A 24 -25.38 -11.83 9.12
CA ALA A 24 -25.22 -10.61 8.35
C ALA A 24 -25.79 -9.42 9.11
N SER A 25 -25.21 -8.26 8.87
CA SER A 25 -25.56 -7.05 9.59
C SER A 25 -25.17 -5.85 8.75
N GLY A 26 -25.67 -4.67 9.15
CA GLY A 26 -25.32 -3.44 8.47
C GLY A 26 -26.12 -3.13 7.22
N PHE A 27 -27.06 -3.99 6.85
CA PHE A 27 -27.87 -3.78 5.65
C PHE A 27 -29.12 -4.66 5.76
N THR A 28 -29.85 -4.78 4.65
CA THR A 28 -31.11 -5.51 4.61
C THR A 28 -30.90 -6.84 3.90
N SER A 29 -30.74 -7.91 4.68
CA SER A 29 -30.49 -9.21 4.08
C SER A 29 -31.60 -9.61 3.12
N SER A 30 -32.81 -9.10 3.35
CA SER A 30 -33.97 -9.52 2.56
C SER A 30 -33.90 -8.98 1.14
N ASP A 31 -33.39 -7.77 0.94
CA ASP A 31 -33.39 -7.18 -0.40
C ASP A 31 -32.32 -7.77 -1.31
N PHE A 32 -31.20 -8.20 -0.76
CA PHE A 32 -30.03 -8.58 -1.55
C PHE A 32 -29.92 -10.10 -1.70
N ALA A 33 -29.55 -10.54 -2.91
CA ALA A 33 -29.29 -11.95 -3.16
C ALA A 33 -27.87 -12.32 -2.71
N MET A 34 -27.73 -13.52 -2.15
CA MET A 34 -26.50 -13.96 -1.51
C MET A 34 -25.89 -15.17 -2.19
N ASP A 35 -24.56 -15.26 -2.10
CA ASP A 35 -23.78 -16.32 -2.71
C ASP A 35 -22.87 -16.98 -1.67
N TRP A 36 -22.42 -18.19 -1.99
CA TRP A 36 -21.34 -18.87 -1.29
C TRP A 36 -20.20 -19.12 -2.26
N VAL A 37 -19.02 -18.59 -1.93
CA VAL A 37 -17.82 -18.77 -2.74
C VAL A 37 -16.76 -19.42 -1.87
N ARG A 38 -16.10 -20.43 -2.42
CA ARG A 38 -15.12 -21.19 -1.66
C ARG A 38 -13.75 -21.10 -2.33
N GLN A 39 -12.72 -21.09 -1.50
CA GLN A 39 -11.33 -21.05 -1.94
C GLN A 39 -10.63 -22.28 -1.40
N SER A 40 -10.05 -23.09 -2.29
CA SER A 40 -9.36 -24.28 -1.87
C SER A 40 -8.02 -23.87 -1.24
N PRO A 41 -7.34 -24.79 -0.54
CA PRO A 41 -6.04 -24.44 0.06
C PRO A 41 -5.00 -23.97 -0.95
N GLU A 42 -5.29 -24.04 -2.25
CA GLU A 42 -4.38 -23.63 -3.31
C GLU A 42 -4.86 -22.37 -4.02
N ALA A 43 -5.73 -21.58 -3.37
CA ALA A 43 -6.26 -20.31 -3.89
C ALA A 43 -7.15 -20.57 -5.11
N GLY A 44 -8.04 -21.55 -5.00
CA GLY A 44 -8.85 -21.94 -6.15
C GLY A 44 -9.91 -20.90 -6.51
N LEU A 45 -10.69 -20.48 -5.53
CA LEU A 45 -11.84 -19.59 -5.71
C LEU A 45 -12.87 -20.22 -6.64
N GLU A 46 -13.82 -20.96 -6.06
CA GLU A 46 -14.86 -21.66 -6.81
C GLU A 46 -16.22 -21.31 -6.24
N TRP A 47 -17.16 -21.00 -7.14
CA TRP A 47 -18.52 -20.63 -6.75
C TRP A 47 -19.33 -21.88 -6.39
N VAL A 48 -20.21 -21.74 -5.38
CA VAL A 48 -20.89 -22.88 -4.78
C VAL A 48 -22.42 -22.77 -4.88
N ALA A 49 -22.99 -21.66 -4.43
CA ALA A 49 -24.45 -21.62 -4.41
C ALA A 49 -24.97 -20.19 -4.48
N GLU A 50 -26.22 -20.06 -4.95
CA GLU A 50 -26.90 -18.78 -5.12
C GLU A 50 -28.28 -18.83 -4.49
N ILE A 51 -28.77 -17.67 -4.06
CA ILE A 51 -30.10 -17.57 -3.47
C ILE A 51 -30.48 -16.09 -3.45
N ALA A 52 -31.79 -15.84 -3.51
CA ALA A 52 -32.31 -14.47 -3.51
C ALA A 52 -33.30 -14.22 -2.37
N ALA A 53 -34.30 -15.08 -2.24
CA ALA A 53 -35.23 -15.12 -1.09
C ALA A 53 -36.23 -16.23 -1.33
N SER A 54 -36.11 -16.91 -2.48
CA SER A 54 -37.07 -17.93 -2.89
C SER A 54 -36.38 -19.07 -3.60
N GLU A 55 -35.71 -18.76 -4.71
CA GLU A 55 -35.12 -19.77 -5.59
C GLU A 55 -33.59 -19.72 -5.58
N ARG A 56 -32.99 -20.86 -5.91
CA ARG A 56 -31.56 -21.09 -5.72
C ARG A 56 -30.98 -21.81 -6.93
N HIS A 57 -29.67 -21.61 -7.15
CA HIS A 57 -28.94 -22.29 -8.20
C HIS A 57 -27.64 -22.86 -7.64
N TYR A 58 -27.22 -24.01 -8.18
CA TYR A 58 -26.07 -24.74 -7.63
C TYR A 58 -25.10 -25.09 -8.74
N ALA A 59 -23.82 -25.13 -8.38
CA ALA A 59 -22.82 -25.62 -9.32
C ALA A 59 -22.97 -27.11 -9.50
N GLU A 60 -22.66 -27.58 -10.70
CA GLU A 60 -22.87 -28.99 -11.02
C GLU A 60 -22.02 -29.88 -10.12
N SER A 61 -20.86 -29.37 -9.67
CA SER A 61 -19.94 -30.14 -8.84
C SER A 61 -20.57 -30.56 -7.52
N VAL A 62 -21.50 -29.77 -6.99
CA VAL A 62 -22.11 -30.02 -5.69
C VAL A 62 -23.62 -30.20 -5.78
N LYS A 63 -24.19 -30.16 -6.98
CA LYS A 63 -25.63 -30.27 -7.14
C LYS A 63 -26.11 -31.57 -6.49
N GLY A 64 -27.09 -31.45 -5.60
CA GLY A 64 -27.63 -32.60 -4.89
C GLY A 64 -26.97 -32.90 -3.57
N ARG A 65 -25.75 -32.38 -3.33
CA ARG A 65 -25.06 -32.56 -2.06
C ARG A 65 -25.01 -31.31 -1.19
N PHE A 66 -25.36 -30.15 -1.72
CA PHE A 66 -25.40 -28.94 -0.93
C PHE A 66 -26.84 -28.42 -0.91
N THR A 67 -27.18 -27.71 0.17
CA THR A 67 -28.49 -27.06 0.27
C THR A 67 -28.28 -25.68 0.85
N ILE A 68 -28.50 -24.65 0.04
CA ILE A 68 -28.39 -23.27 0.49
C ILE A 68 -29.76 -22.84 0.99
N SER A 69 -29.78 -22.11 2.09
CA SER A 69 -31.03 -21.69 2.73
C SER A 69 -30.85 -20.26 3.21
N ARG A 70 -31.96 -19.66 3.66
CA ARG A 70 -31.93 -18.28 4.11
C ARG A 70 -32.99 -18.08 5.19
N ASP A 71 -32.74 -17.10 6.05
CA ASP A 71 -33.64 -16.79 7.15
C ASP A 71 -33.57 -15.27 7.35
N ASP A 72 -34.33 -14.54 6.54
CA ASP A 72 -34.28 -13.08 6.58
C ASP A 72 -34.73 -12.54 7.93
N SER A 73 -35.45 -13.34 8.71
CA SER A 73 -35.86 -12.91 10.04
C SER A 73 -34.67 -12.79 10.96
N LYS A 74 -33.77 -13.77 10.91
CA LYS A 74 -32.55 -13.80 11.71
C LYS A 74 -31.37 -13.16 10.98
N SER A 75 -31.60 -12.55 9.81
CA SER A 75 -30.56 -11.89 9.01
C SER A 75 -29.31 -12.75 8.85
N SER A 76 -29.50 -14.05 8.58
CA SER A 76 -28.38 -14.94 8.38
C SER A 76 -28.66 -15.87 7.20
N VAL A 77 -27.58 -16.22 6.48
CA VAL A 77 -27.65 -17.19 5.41
C VAL A 77 -26.95 -18.46 5.87
N TYR A 78 -27.39 -19.59 5.33
CA TYR A 78 -26.82 -20.88 5.67
C TYR A 78 -26.30 -21.57 4.42
N LEU A 79 -25.48 -22.59 4.64
CA LEU A 79 -25.09 -23.53 3.57
C LEU A 79 -24.97 -24.90 4.20
N GLN A 80 -25.88 -25.80 3.85
CA GLN A 80 -25.88 -27.14 4.40
C GLN A 80 -25.22 -28.10 3.42
N MET A 81 -24.20 -28.78 3.91
CA MET A 81 -23.40 -29.73 3.14
C MET A 81 -23.63 -31.13 3.69
N ASN A 82 -23.86 -32.08 2.80
CA ASN A 82 -23.98 -33.48 3.17
C ASN A 82 -23.32 -34.31 2.09
N SER A 83 -22.97 -35.55 2.45
CA SER A 83 -22.18 -36.42 1.59
C SER A 83 -20.93 -35.69 1.09
N LEU A 84 -20.16 -35.20 2.06
CA LEU A 84 -18.99 -34.39 1.72
C LEU A 84 -17.87 -35.23 1.15
N ARG A 85 -17.07 -34.60 0.31
CA ARG A 85 -15.95 -35.22 -0.36
C ARG A 85 -14.67 -34.52 0.09
N ALA A 86 -13.53 -35.11 -0.24
CA ALA A 86 -12.26 -34.48 0.07
C ALA A 86 -12.12 -33.15 -0.65
N GLU A 87 -12.63 -33.07 -1.88
CA GLU A 87 -12.50 -31.86 -2.66
C GLU A 87 -13.27 -30.69 -2.08
N ASP A 88 -14.24 -30.95 -1.20
CA ASP A 88 -14.96 -29.84 -0.59
C ASP A 88 -14.13 -29.06 0.42
N SER A 89 -12.86 -29.42 0.63
CA SER A 89 -12.03 -28.65 1.56
C SER A 89 -11.76 -27.27 0.99
N GLY A 90 -12.00 -26.26 1.80
CA GLY A 90 -11.73 -24.89 1.38
C GLY A 90 -12.22 -23.93 2.43
N LEU A 91 -11.93 -22.66 2.19
CA LEU A 91 -12.48 -21.57 2.99
C LEU A 91 -13.80 -21.19 2.33
N TYR A 92 -14.88 -21.26 3.08
CA TYR A 92 -16.19 -20.93 2.56
C TYR A 92 -16.53 -19.49 2.90
N TYR A 93 -16.72 -18.68 1.86
CA TYR A 93 -16.93 -17.25 1.98
C TYR A 93 -18.40 -16.91 1.70
N CYS A 94 -18.90 -15.95 2.46
CA CYS A 94 -20.25 -15.42 2.31
C CYS A 94 -20.18 -14.12 1.53
N THR A 95 -21.12 -13.92 0.61
CA THR A 95 -21.12 -12.68 -0.16
C THR A 95 -22.49 -12.46 -0.79
N ARG A 96 -22.69 -11.21 -1.22
CA ARG A 96 -23.90 -10.78 -1.91
C ARG A 96 -23.59 -10.50 -3.37
N THR A 97 -24.51 -10.88 -4.23
CA THR A 97 -24.29 -10.97 -5.66
C THR A 97 -25.23 -10.14 -6.49
N ALA A 98 -24.82 -9.91 -7.74
CA ALA A 98 -25.65 -9.26 -8.74
C ALA A 98 -24.94 -9.24 -10.08
N GLY A 99 -23.75 -8.65 -10.12
CA GLY A 99 -22.86 -8.80 -11.25
C GLY A 99 -21.42 -8.98 -10.82
N ALA A 100 -21.07 -8.34 -9.71
CA ALA A 100 -19.74 -8.42 -9.11
C ALA A 100 -19.89 -8.72 -7.64
N CYS A 101 -18.89 -9.41 -7.07
CA CYS A 101 -18.88 -9.76 -5.65
C CYS A 101 -18.20 -8.64 -4.87
N GLY A 102 -19.01 -7.69 -4.41
CA GLY A 102 -18.48 -6.48 -3.79
C GLY A 102 -18.18 -6.61 -2.31
N GLN A 103 -19.18 -7.02 -1.52
CA GLN A 103 -19.03 -7.16 -0.07
C GLN A 103 -18.84 -8.64 0.25
N TRP A 104 -17.64 -9.01 0.70
CA TRP A 104 -17.30 -10.39 1.03
C TRP A 104 -17.32 -10.58 2.53
N GLY A 105 -17.20 -11.84 2.95
CA GLY A 105 -17.24 -12.20 4.35
C GLY A 105 -15.86 -12.43 4.96
N THR A 106 -15.89 -12.92 6.20
CA THR A 106 -14.67 -13.23 6.92
C THR A 106 -14.03 -14.51 6.41
N GLY A 107 -14.84 -15.53 6.19
CA GLY A 107 -14.42 -16.85 5.73
C GLY A 107 -14.48 -17.81 6.91
N THR A 108 -14.94 -19.03 6.64
CA THR A 108 -14.85 -20.12 7.59
C THR A 108 -14.34 -21.36 6.88
N THR A 109 -13.60 -22.17 7.64
CA THR A 109 -12.70 -23.18 7.07
C THR A 109 -13.29 -24.57 7.26
N VAL A 110 -13.28 -25.35 6.18
CA VAL A 110 -13.73 -26.74 6.21
C VAL A 110 -12.57 -27.63 5.82
N THR A 111 -12.31 -28.66 6.61
CA THR A 111 -11.33 -29.70 6.32
C THR A 111 -12.05 -31.04 6.30
N VAL A 112 -12.05 -31.70 5.14
CA VAL A 112 -12.70 -32.98 4.98
C VAL A 112 -11.61 -34.03 4.84
N SER A 113 -11.41 -34.82 5.90
CA SER A 113 -10.38 -35.84 5.86
C SER A 113 -10.68 -36.89 6.93
N SER A 114 -10.31 -38.12 6.62
CA SER A 114 -10.47 -39.22 7.57
C SER A 114 -9.40 -39.23 8.65
N ALA A 115 -8.45 -38.30 8.59
CA ALA A 115 -7.35 -38.28 9.54
C ALA A 115 -7.87 -38.00 10.95
N LYS A 116 -7.10 -38.44 11.94
CA LYS A 116 -7.48 -38.35 13.34
C LYS A 116 -6.75 -37.19 13.99
N THR A 117 -7.48 -36.38 14.75
CA THR A 117 -6.88 -35.26 15.48
C THR A 117 -5.82 -35.78 16.44
N THR A 118 -4.61 -35.22 16.34
CA THR A 118 -3.49 -35.65 17.15
C THR A 118 -2.71 -34.40 17.55
N PRO A 119 -2.35 -34.28 18.83
CA PRO A 119 -1.68 -33.08 19.29
C PRO A 119 -0.24 -33.04 18.81
N PRO A 120 0.36 -31.86 18.73
CA PRO A 120 1.74 -31.76 18.26
C PRO A 120 2.74 -32.21 19.32
N SER A 121 3.94 -32.50 18.85
CA SER A 121 5.12 -32.65 19.68
C SER A 121 6.04 -31.49 19.34
N VAL A 122 6.45 -30.74 20.35
CA VAL A 122 7.23 -29.53 20.16
C VAL A 122 8.63 -29.77 20.71
N TYR A 123 9.62 -29.68 19.82
CA TYR A 123 11.00 -29.93 20.15
C TYR A 123 11.82 -28.67 19.92
N PRO A 124 12.73 -28.34 20.81
CA PRO A 124 13.52 -27.11 20.66
C PRO A 124 14.69 -27.30 19.72
N LEU A 125 14.99 -26.25 18.98
CA LEU A 125 16.11 -26.24 18.06
C LEU A 125 17.15 -25.25 18.57
N ALA A 126 18.28 -25.77 19.02
CA ALA A 126 19.39 -24.98 19.53
C ALA A 126 20.64 -25.37 18.77
N PRO A 127 21.54 -24.43 18.52
CA PRO A 127 22.69 -24.72 17.67
C PRO A 127 23.63 -25.71 18.31
N GLY A 128 24.44 -26.34 17.46
CA GLY A 128 25.43 -27.28 17.94
C GLY A 128 26.50 -26.59 18.76
N SER A 129 27.24 -27.42 19.51
CA SER A 129 28.25 -26.89 20.43
C SER A 129 29.31 -26.09 19.69
N ALA A 130 29.76 -26.57 18.53
CA ALA A 130 30.79 -25.87 17.77
C ALA A 130 30.16 -24.84 16.82
N ALA A 131 29.40 -23.94 17.40
CA ALA A 131 28.82 -22.85 16.63
C ALA A 131 29.86 -21.77 16.44
N ALA A 132 29.71 -21.00 15.36
CA ALA A 132 30.69 -19.98 15.01
C ALA A 132 30.64 -18.76 15.91
N ALA A 133 29.65 -18.67 16.79
CA ALA A 133 29.49 -17.55 17.69
C ALA A 133 29.54 -16.22 16.93
N ALA A 134 28.62 -16.09 15.98
CA ALA A 134 28.49 -14.85 15.22
C ALA A 134 27.81 -13.80 16.08
N SER A 135 27.72 -12.58 15.53
CA SER A 135 27.17 -11.47 16.31
C SER A 135 25.73 -11.72 16.70
N MET A 136 24.99 -12.47 15.88
CA MET A 136 23.59 -12.80 16.15
C MET A 136 23.41 -14.31 16.17
N VAL A 137 22.56 -14.79 17.09
CA VAL A 137 22.25 -16.21 17.18
C VAL A 137 20.83 -16.43 16.66
N THR A 138 20.61 -17.61 16.09
CA THR A 138 19.31 -18.00 15.56
C THR A 138 18.88 -19.28 16.23
N LEU A 139 17.69 -19.27 16.82
CA LEU A 139 17.12 -20.40 17.52
C LEU A 139 15.82 -20.82 16.83
N GLY A 140 15.32 -21.99 17.19
CA GLY A 140 14.20 -22.55 16.46
C GLY A 140 13.31 -23.40 17.33
N CYS A 141 12.12 -23.65 16.81
CA CYS A 141 11.11 -24.51 17.40
C CYS A 141 10.55 -25.41 16.32
N LEU A 142 10.41 -26.70 16.61
CA LEU A 142 9.88 -27.63 15.64
C LEU A 142 8.58 -28.21 16.17
N VAL A 143 7.49 -27.95 15.46
CA VAL A 143 6.14 -28.38 15.84
C VAL A 143 5.74 -29.44 14.84
N LYS A 144 5.82 -30.72 15.23
CA LYS A 144 5.62 -31.79 14.27
C LYS A 144 4.62 -32.81 14.81
N GLY A 145 3.95 -33.46 13.86
CA GLY A 145 3.01 -34.51 14.15
C GLY A 145 1.68 -34.02 14.68
N TYR A 146 1.07 -33.04 14.03
CA TYR A 146 -0.20 -32.48 14.47
C TYR A 146 -1.21 -32.47 13.33
N PHE A 147 -2.49 -32.60 13.71
CA PHE A 147 -3.63 -32.51 12.81
C PHE A 147 -4.83 -32.11 13.65
N PRO A 148 -5.75 -31.31 13.11
CA PRO A 148 -5.56 -30.63 11.83
C PRO A 148 -5.03 -29.22 12.05
N GLU A 149 -4.87 -28.49 10.95
CA GLU A 149 -4.47 -27.11 11.02
C GLU A 149 -5.56 -26.35 11.80
N PRO A 150 -5.20 -25.29 12.54
CA PRO A 150 -3.91 -24.62 12.65
C PRO A 150 -3.23 -24.67 14.00
N VAL A 151 -2.00 -24.16 14.01
CA VAL A 151 -1.22 -23.92 15.22
C VAL A 151 -0.83 -22.46 15.21
N THR A 152 -0.68 -21.89 16.40
CA THR A 152 -0.25 -20.50 16.56
C THR A 152 1.02 -20.50 17.39
N VAL A 153 2.07 -19.90 16.85
CA VAL A 153 3.38 -19.88 17.46
C VAL A 153 3.77 -18.44 17.77
N THR A 154 4.12 -18.19 19.03
CA THR A 154 4.63 -16.91 19.48
C THR A 154 5.91 -17.16 20.28
N TRP A 155 6.76 -16.15 20.34
CA TRP A 155 8.03 -16.24 21.06
C TRP A 155 8.00 -15.34 22.28
N ASN A 156 8.33 -15.91 23.43
CA ASN A 156 8.34 -15.19 24.70
C ASN A 156 7.01 -14.47 24.91
N SER A 157 5.92 -15.19 24.64
CA SER A 157 4.56 -14.70 24.85
C SER A 157 4.29 -13.40 24.10
N GLY A 158 4.90 -13.23 22.92
CA GLY A 158 4.75 -12.02 22.16
C GLY A 158 5.79 -10.96 22.43
N SER A 159 6.64 -11.15 23.44
CA SER A 159 7.71 -10.17 23.67
C SER A 159 8.70 -10.16 22.51
N LEU A 160 8.91 -11.32 21.89
CA LEU A 160 9.79 -11.45 20.73
C LEU A 160 8.92 -11.51 19.49
N SER A 161 8.77 -10.37 18.80
CA SER A 161 7.97 -10.28 17.60
C SER A 161 8.78 -9.94 16.38
N SER A 162 10.00 -9.45 16.55
CA SER A 162 10.84 -8.98 15.46
C SER A 162 11.87 -10.05 15.14
N GLY A 163 12.06 -10.33 13.87
CA GLY A 163 13.06 -11.32 13.53
C GLY A 163 12.63 -12.74 13.76
N VAL A 164 11.32 -13.01 13.80
CA VAL A 164 10.83 -14.37 13.90
C VAL A 164 10.29 -14.77 12.54
N HIS A 165 10.44 -16.04 12.22
CA HIS A 165 9.88 -16.62 11.00
C HIS A 165 9.16 -17.89 11.43
N THR A 166 7.88 -17.99 11.13
CA THR A 166 7.13 -19.21 11.33
C THR A 166 6.77 -19.73 9.96
N PHE A 167 7.24 -20.85 9.65
CA PHE A 167 7.13 -21.35 8.29
C PHE A 167 5.81 -22.07 8.10
N PRO A 168 5.25 -22.00 6.90
CA PRO A 168 3.97 -22.67 6.66
C PRO A 168 4.09 -24.16 6.87
N ALA A 169 3.02 -24.74 7.42
CA ALA A 169 3.04 -26.17 7.69
C ALA A 169 3.15 -26.95 6.39
N VAL A 170 3.79 -28.11 6.47
CA VAL A 170 3.91 -29.04 5.34
C VAL A 170 3.26 -30.35 5.77
N LEU A 171 2.42 -30.89 4.90
CA LEU A 171 1.63 -32.08 5.21
C LEU A 171 2.29 -33.31 4.61
N GLN A 172 2.56 -34.31 5.44
CA GLN A 172 3.15 -35.56 5.02
C GLN A 172 2.40 -36.70 5.71
N SER A 173 1.55 -37.39 4.95
CA SER A 173 0.81 -38.56 5.42
C SER A 173 0.07 -38.29 6.73
N ASP A 174 -1.11 -37.65 6.64
CA ASP A 174 -2.09 -37.53 7.71
C ASP A 174 -1.63 -36.59 8.83
N LEU A 175 -0.45 -35.98 8.73
CA LEU A 175 0.07 -35.14 9.80
C LEU A 175 0.81 -33.94 9.24
N TYR A 176 0.80 -32.86 10.02
CA TYR A 176 1.45 -31.62 9.65
C TYR A 176 2.71 -31.44 10.48
N THR A 177 3.65 -30.71 9.91
CA THR A 177 4.90 -30.36 10.57
C THR A 177 5.25 -28.91 10.27
N LEU A 178 5.68 -28.19 11.30
CA LEU A 178 5.89 -26.76 11.20
C LEU A 178 7.08 -26.39 12.07
N SER A 179 7.83 -25.39 11.63
CA SER A 179 8.99 -24.91 12.35
C SER A 179 8.96 -23.39 12.36
N SER A 180 9.55 -22.81 13.41
CA SER A 180 9.60 -21.37 13.54
C SER A 180 10.97 -20.97 14.07
N SER A 181 11.51 -19.88 13.52
CA SER A 181 12.87 -19.45 13.80
C SER A 181 12.87 -18.05 14.38
N VAL A 182 13.71 -17.83 15.39
CA VAL A 182 13.88 -16.52 16.00
C VAL A 182 15.36 -16.20 16.05
N THR A 183 15.69 -14.92 15.86
CA THR A 183 17.05 -14.42 15.86
C THR A 183 17.17 -13.33 16.92
N VAL A 184 18.12 -13.49 17.82
CA VAL A 184 18.37 -12.50 18.87
C VAL A 184 19.87 -12.29 18.98
N PRO A 185 20.28 -11.15 19.56
CA PRO A 185 21.71 -10.93 19.75
C PRO A 185 22.29 -11.99 20.67
N SER A 186 23.50 -12.44 20.34
CA SER A 186 24.14 -13.48 21.14
C SER A 186 24.35 -13.02 22.58
N SER A 187 24.40 -11.70 22.80
CA SER A 187 24.47 -11.17 24.16
C SER A 187 23.27 -11.64 24.97
N THR A 188 22.10 -11.71 24.34
CA THR A 188 20.87 -12.04 25.05
C THR A 188 20.80 -13.52 25.42
N TRP A 189 21.27 -14.40 24.52
CA TRP A 189 21.10 -15.83 24.73
C TRP A 189 22.43 -16.51 24.98
N PRO A 190 22.56 -17.36 26.02
CA PRO A 190 21.48 -17.84 26.91
C PRO A 190 21.25 -16.96 28.14
N ALA A 191 21.88 -15.79 28.18
CA ALA A 191 21.77 -14.92 29.35
C ALA A 191 20.32 -14.61 29.67
N SER A 192 19.54 -14.24 28.66
CA SER A 192 18.11 -14.01 28.80
C SER A 192 17.37 -15.18 28.18
N THR A 193 16.37 -15.68 28.89
CA THR A 193 15.68 -16.87 28.44
C THR A 193 14.86 -16.59 27.18
N VAL A 194 14.84 -17.58 26.29
CA VAL A 194 14.05 -17.52 25.06
C VAL A 194 13.16 -18.75 25.04
N THR A 195 11.85 -18.54 24.95
CA THR A 195 10.89 -19.63 25.09
C THR A 195 9.95 -19.67 23.89
N CYS A 196 9.46 -20.87 23.59
CA CYS A 196 8.59 -21.17 22.45
C CYS A 196 7.18 -21.43 22.94
N ASN A 197 6.22 -20.70 22.41
CA ASN A 197 4.82 -20.79 22.84
C ASN A 197 3.98 -21.33 21.69
N VAL A 198 3.60 -22.60 21.78
CA VAL A 198 2.87 -23.28 20.71
C VAL A 198 1.49 -23.67 21.23
N ALA A 199 0.47 -23.43 20.42
CA ALA A 199 -0.90 -23.71 20.80
C ALA A 199 -1.61 -24.39 19.64
N HIS A 200 -2.31 -25.48 19.95
CA HIS A 200 -3.12 -26.21 18.98
C HIS A 200 -4.53 -26.23 19.51
N PRO A 201 -5.44 -25.43 18.97
CA PRO A 201 -6.78 -25.32 19.57
C PRO A 201 -7.57 -26.62 19.51
N ALA A 202 -7.49 -27.32 18.38
CA ALA A 202 -8.32 -28.52 18.19
C ALA A 202 -8.05 -29.57 19.27
N SER A 203 -6.79 -29.74 19.67
CA SER A 203 -6.45 -30.69 20.71
C SER A 203 -6.43 -30.09 22.10
N SER A 204 -6.71 -28.79 22.22
CA SER A 204 -6.68 -28.09 23.50
C SER A 204 -5.34 -28.29 24.20
N THR A 205 -4.26 -28.09 23.44
CA THR A 205 -2.91 -28.19 23.96
C THR A 205 -2.18 -26.87 23.81
N LYS A 206 -1.56 -26.42 24.89
CA LYS A 206 -0.65 -25.29 24.90
C LYS A 206 0.63 -25.78 25.57
N VAL A 207 1.77 -25.58 24.90
CA VAL A 207 3.04 -26.07 25.43
C VAL A 207 4.10 -24.99 25.25
N ASP A 208 5.00 -24.92 26.23
CA ASP A 208 6.14 -24.01 26.22
C ASP A 208 7.42 -24.81 26.32
N LYS A 209 8.35 -24.55 25.40
CA LYS A 209 9.68 -25.15 25.43
C LYS A 209 10.72 -24.05 25.55
N ALA A 210 11.62 -24.17 26.52
CA ALA A 210 12.69 -23.20 26.70
C ALA A 210 13.91 -23.67 25.92
N ILE A 211 14.48 -22.78 25.13
CA ILE A 211 15.62 -23.15 24.30
C ILE A 211 16.87 -23.13 25.17
N VAL A 212 17.46 -24.30 25.41
CA VAL A 212 18.65 -24.43 26.23
C VAL A 212 19.77 -24.95 25.35
N PRO A 213 20.99 -24.44 25.48
CA PRO A 213 22.10 -24.92 24.65
C PRO A 213 22.53 -26.32 25.05
N GLY A 214 23.40 -26.89 24.22
CA GLY A 214 23.90 -28.25 24.46
C GLY A 214 25.30 -28.26 25.05
N ASP B 1 -19.43 -24.63 -19.44
CA ASP B 1 -18.56 -23.90 -18.51
C ASP B 1 -17.64 -22.94 -19.23
N ILE B 2 -17.49 -21.74 -18.68
CA ILE B 2 -16.58 -20.73 -19.21
C ILE B 2 -15.24 -20.85 -18.50
N ALA B 3 -14.18 -21.08 -19.27
CA ALA B 3 -12.84 -21.23 -18.75
C ALA B 3 -12.08 -19.93 -19.00
N MET B 4 -11.60 -19.31 -17.92
CA MET B 4 -10.83 -18.08 -18.00
C MET B 4 -9.40 -18.36 -17.57
N THR B 5 -8.45 -18.13 -18.47
CA THR B 5 -7.04 -18.37 -18.21
C THR B 5 -6.32 -17.03 -18.08
N GLN B 6 -5.59 -16.85 -16.98
CA GLN B 6 -4.88 -15.60 -16.73
C GLN B 6 -3.39 -15.79 -16.99
N SER B 7 -2.76 -14.75 -17.53
CA SER B 7 -1.34 -14.74 -17.76
C SER B 7 -0.80 -13.35 -17.41
N PRO B 8 0.42 -13.27 -16.89
CA PRO B 8 1.28 -14.40 -16.53
C PRO B 8 0.82 -15.05 -15.22
N ALA B 9 1.09 -16.34 -15.02
CA ALA B 9 0.65 -17.00 -13.81
C ALA B 9 1.25 -16.33 -12.57
N SER B 10 2.44 -15.80 -12.71
CA SER B 10 3.10 -15.08 -11.63
C SER B 10 4.12 -14.15 -12.26
N LEU B 11 4.26 -12.96 -11.67
CA LEU B 11 5.25 -12.02 -12.16
C LEU B 11 5.81 -11.28 -10.96
N SER B 12 7.00 -10.72 -11.13
CA SER B 12 7.64 -9.91 -10.10
C SER B 12 7.94 -8.55 -10.69
N ALA B 13 7.45 -7.50 -10.05
CA ALA B 13 7.54 -6.15 -10.59
C ALA B 13 8.52 -5.37 -9.73
N SER B 14 9.51 -4.76 -10.37
CA SER B 14 10.38 -3.85 -9.65
C SER B 14 9.56 -2.64 -9.23
N VAL B 15 9.69 -2.24 -7.96
CA VAL B 15 8.79 -1.26 -7.38
C VAL B 15 8.85 0.03 -8.18
N GLY B 16 7.71 0.69 -8.31
CA GLY B 16 7.62 1.94 -9.03
C GLY B 16 7.45 1.82 -10.52
N GLU B 17 7.36 0.60 -11.06
CA GLU B 17 7.15 0.41 -12.48
C GLU B 17 5.66 0.26 -12.76
N THR B 18 5.33 -0.12 -13.99
CA THR B 18 3.95 -0.37 -14.38
C THR B 18 3.85 -1.79 -14.91
N VAL B 19 2.71 -2.43 -14.69
CA VAL B 19 2.52 -3.83 -15.05
C VAL B 19 1.13 -4.02 -15.63
N THR B 20 0.98 -5.07 -16.43
CA THR B 20 -0.29 -5.36 -17.09
C THR B 20 -0.59 -6.85 -16.98
N ILE B 21 -1.78 -7.17 -16.48
CA ILE B 21 -2.22 -8.53 -16.22
C ILE B 21 -3.39 -8.84 -17.14
N THR B 22 -3.45 -10.08 -17.62
CA THR B 22 -4.40 -10.48 -18.65
C THR B 22 -5.30 -11.61 -18.16
N CYS B 23 -6.59 -11.51 -18.46
CA CYS B 23 -7.55 -12.57 -18.18
C CYS B 23 -8.20 -12.95 -19.50
N ARG B 24 -8.01 -14.20 -19.94
CA ARG B 24 -8.46 -14.63 -21.26
C ARG B 24 -9.50 -15.74 -21.12
N THR B 25 -10.59 -15.63 -21.89
CA THR B 25 -11.76 -16.46 -21.68
C THR B 25 -12.14 -17.25 -22.93
N SER B 26 -12.86 -18.34 -22.67
CA SER B 26 -13.20 -19.30 -23.73
C SER B 26 -14.16 -18.71 -24.75
N GLU B 27 -15.09 -17.86 -24.31
CA GLU B 27 -16.13 -17.35 -25.17
C GLU B 27 -16.46 -15.91 -24.82
N ASN B 28 -17.11 -15.23 -25.77
CA ASN B 28 -17.42 -13.81 -25.61
C ASN B 28 -18.33 -13.62 -24.40
N ILE B 29 -18.02 -12.59 -23.60
CA ILE B 29 -18.76 -12.36 -22.36
C ILE B 29 -19.11 -10.90 -22.20
N ALA B 30 -19.11 -10.16 -23.32
CA ALA B 30 -19.47 -8.73 -23.30
C ALA B 30 -18.60 -7.99 -22.29
N SER B 31 -19.19 -7.06 -21.55
CA SER B 31 -18.44 -6.29 -20.58
C SER B 31 -18.56 -6.87 -19.17
N ALA B 32 -18.99 -8.12 -19.04
CA ALA B 32 -19.23 -8.73 -17.73
C ALA B 32 -17.98 -9.48 -17.26
N LEU B 33 -16.98 -8.69 -16.87
CA LEU B 33 -15.74 -9.20 -16.30
C LEU B 33 -15.32 -8.29 -15.15
N ALA B 34 -14.97 -8.88 -14.00
CA ALA B 34 -14.60 -8.12 -12.80
C ALA B 34 -13.28 -8.62 -12.23
N TRP B 35 -12.55 -7.72 -11.58
CA TRP B 35 -11.21 -7.96 -11.09
C TRP B 35 -11.13 -7.84 -9.57
N TYR B 36 -10.37 -8.74 -8.95
CA TYR B 36 -10.14 -8.70 -7.51
C TYR B 36 -8.66 -8.78 -7.18
N GLN B 37 -8.34 -8.32 -5.97
CA GLN B 37 -7.02 -8.40 -5.36
C GLN B 37 -7.17 -9.03 -3.99
N GLN B 38 -6.39 -10.07 -3.73
CA GLN B 38 -6.51 -10.79 -2.47
C GLN B 38 -5.16 -10.87 -1.81
N LYS B 39 -5.14 -10.69 -0.50
CA LYS B 39 -3.91 -10.74 0.27
C LYS B 39 -3.99 -11.88 1.28
N GLN B 40 -2.85 -12.16 1.88
CA GLN B 40 -2.76 -13.24 2.84
C GLN B 40 -3.69 -12.97 4.01
N GLY B 41 -4.52 -13.96 4.35
CA GLY B 41 -5.45 -13.81 5.45
C GLY B 41 -6.60 -12.86 5.19
N LYS B 42 -7.02 -12.71 3.94
CA LYS B 42 -8.07 -11.76 3.61
C LYS B 42 -8.94 -12.32 2.50
N SER B 43 -10.16 -11.80 2.41
CA SER B 43 -11.06 -12.11 1.30
C SER B 43 -10.66 -11.29 0.09
N PRO B 44 -11.14 -11.65 -1.10
CA PRO B 44 -10.83 -10.84 -2.29
C PRO B 44 -11.35 -9.42 -2.12
N GLN B 45 -10.60 -8.48 -2.70
CA GLN B 45 -10.96 -7.07 -2.69
C GLN B 45 -11.30 -6.67 -4.12
N LEU B 46 -12.50 -6.14 -4.33
CA LEU B 46 -12.91 -5.74 -5.67
C LEU B 46 -12.12 -4.51 -6.11
N LEU B 47 -11.50 -4.60 -7.28
CA LEU B 47 -10.71 -3.53 -7.86
C LEU B 47 -11.41 -2.84 -9.02
N VAL B 48 -11.90 -3.60 -9.98
CA VAL B 48 -12.55 -3.05 -11.18
C VAL B 48 -13.76 -3.91 -11.49
N MET B 49 -14.91 -3.26 -11.66
CA MET B 49 -16.17 -3.94 -11.95
C MET B 49 -16.53 -3.72 -13.41
N ASN B 50 -17.22 -4.71 -13.98
CA ASN B 50 -17.74 -4.63 -15.33
C ASN B 50 -16.68 -4.17 -16.32
N ALA B 51 -15.55 -4.89 -16.31
CA ALA B 51 -14.45 -4.73 -17.26
C ALA B 51 -13.68 -3.44 -17.06
N LYS B 52 -14.36 -2.29 -17.08
CA LYS B 52 -13.69 -1.00 -16.99
C LYS B 52 -14.19 -0.11 -15.87
N THR B 53 -15.41 -0.32 -15.37
CA THR B 53 -15.96 0.58 -14.38
C THR B 53 -15.18 0.48 -13.08
N LEU B 54 -15.13 1.60 -12.36
CA LEU B 54 -14.23 1.78 -11.24
C LEU B 54 -14.97 1.67 -9.93
N ALA B 55 -14.43 0.87 -9.01
CA ALA B 55 -14.98 0.76 -7.67
C ALA B 55 -14.44 1.85 -6.76
N ALA B 56 -15.29 2.32 -5.86
CA ALA B 56 -14.95 3.47 -5.03
C ALA B 56 -14.01 3.07 -3.92
N GLY B 57 -13.03 3.93 -3.64
CA GLY B 57 -12.04 3.66 -2.63
C GLY B 57 -10.82 2.90 -3.10
N VAL B 58 -10.80 2.43 -4.34
CA VAL B 58 -9.63 1.74 -4.89
C VAL B 58 -8.78 2.78 -5.61
N PRO B 59 -7.47 2.77 -5.42
CA PRO B 59 -6.63 3.83 -5.98
C PRO B 59 -6.70 3.91 -7.50
N SER B 60 -6.46 5.13 -8.00
CA SER B 60 -6.63 5.45 -9.41
C SER B 60 -5.62 4.75 -10.31
N ARG B 61 -4.53 4.23 -9.75
CA ARG B 61 -3.53 3.56 -10.55
C ARG B 61 -4.10 2.33 -11.24
N PHE B 62 -5.08 1.68 -10.62
CA PHE B 62 -5.72 0.51 -11.19
C PHE B 62 -6.71 0.92 -12.27
N SER B 63 -6.60 0.28 -13.43
CA SER B 63 -7.49 0.52 -14.56
C SER B 63 -7.62 -0.79 -15.32
N GLY B 64 -8.82 -1.07 -15.80
CA GLY B 64 -9.05 -2.26 -16.60
C GLY B 64 -9.78 -1.90 -17.88
N SER B 65 -9.55 -2.72 -18.90
CA SER B 65 -10.12 -2.44 -20.22
C SER B 65 -10.36 -3.75 -20.96
N GLY B 66 -11.02 -3.63 -22.10
CA GLY B 66 -11.31 -4.77 -22.95
C GLY B 66 -12.79 -5.14 -22.92
N SER B 67 -13.15 -5.99 -23.88
CA SER B 67 -14.47 -6.58 -23.94
C SER B 67 -14.41 -7.84 -24.78
N GLY B 68 -15.25 -8.81 -24.45
CA GLY B 68 -15.32 -10.02 -25.26
C GLY B 68 -14.21 -11.03 -25.02
N THR B 69 -13.22 -11.04 -25.92
CA THR B 69 -12.15 -12.02 -25.94
C THR B 69 -10.79 -11.40 -25.68
N ALA B 70 -10.75 -10.24 -25.02
CA ALA B 70 -9.49 -9.61 -24.61
C ALA B 70 -9.75 -8.73 -23.40
N PHE B 71 -9.18 -9.10 -22.24
CA PHE B 71 -9.27 -8.30 -21.02
C PHE B 71 -7.89 -8.07 -20.43
N SER B 72 -7.66 -6.87 -19.92
CA SER B 72 -6.38 -6.54 -19.30
C SER B 72 -6.61 -5.70 -18.06
N LEU B 73 -5.89 -6.03 -16.99
CA LEU B 73 -5.86 -5.23 -15.77
C LEU B 73 -4.50 -4.54 -15.74
N LYS B 74 -4.50 -3.22 -15.66
CA LYS B 74 -3.30 -2.43 -15.81
C LYS B 74 -3.03 -1.71 -14.50
N ILE B 75 -1.82 -1.86 -13.98
CA ILE B 75 -1.40 -1.16 -12.77
C ILE B 75 -0.26 -0.22 -13.14
N ASN B 76 -0.44 1.06 -12.82
CA ASN B 76 0.54 2.09 -13.12
C ASN B 76 1.20 2.48 -11.80
N SER B 77 2.53 2.55 -11.81
CA SER B 77 3.31 2.87 -10.61
C SER B 77 2.98 1.92 -9.46
N LEU B 78 3.50 0.70 -9.56
CA LEU B 78 3.31 -0.27 -8.50
C LEU B 78 3.93 0.22 -7.20
N GLN B 79 3.45 -0.34 -6.11
CA GLN B 79 3.87 -0.04 -4.75
C GLN B 79 3.93 -1.37 -4.01
N PRO B 80 4.68 -1.43 -2.91
CA PRO B 80 4.77 -2.71 -2.18
C PRO B 80 3.43 -3.19 -1.66
N GLU B 81 2.45 -2.29 -1.49
CA GLU B 81 1.13 -2.67 -1.03
C GLU B 81 0.35 -3.49 -2.06
N ASP B 82 0.84 -3.57 -3.30
CA ASP B 82 0.17 -4.31 -4.35
C ASP B 82 0.57 -5.78 -4.39
N PHE B 83 1.35 -6.23 -3.41
CA PHE B 83 1.75 -7.63 -3.33
C PHE B 83 0.54 -8.49 -3.01
N GLY B 84 0.26 -9.46 -3.87
CA GLY B 84 -0.82 -10.39 -3.61
C GLY B 84 -1.20 -11.13 -4.89
N SER B 85 -2.31 -11.85 -4.79
CA SER B 85 -2.89 -12.55 -5.93
C SER B 85 -4.02 -11.74 -6.55
N TYR B 86 -4.05 -11.71 -7.87
CA TYR B 86 -5.08 -11.01 -8.63
C TYR B 86 -5.93 -12.01 -9.40
N SER B 87 -7.23 -11.99 -9.15
CA SER B 87 -8.19 -12.91 -9.76
C SER B 87 -9.22 -12.17 -10.57
N CYS B 88 -9.70 -12.81 -11.64
CA CYS B 88 -10.75 -12.27 -12.49
C CYS B 88 -11.97 -13.17 -12.42
N GLN B 89 -13.15 -12.56 -12.59
CA GLN B 89 -14.43 -13.22 -12.50
C GLN B 89 -15.39 -12.64 -13.54
N HIS B 90 -16.27 -13.50 -14.09
CA HIS B 90 -17.23 -13.07 -15.10
C HIS B 90 -18.65 -13.24 -14.59
N ALA B 91 -19.54 -12.37 -15.07
CA ALA B 91 -20.96 -12.40 -14.73
C ALA B 91 -21.85 -12.83 -15.89
N ALA B 92 -21.43 -13.83 -16.67
CA ALA B 92 -22.28 -14.40 -17.71
C ALA B 92 -23.02 -15.59 -17.11
N GLY B 93 -24.30 -15.39 -16.79
CA GLY B 93 -25.13 -16.43 -16.21
C GLY B 93 -25.31 -16.26 -14.72
N TRP B 94 -25.32 -17.36 -13.96
CA TRP B 94 -25.29 -17.33 -12.50
C TRP B 94 -24.21 -18.23 -11.93
N LEU B 95 -23.63 -19.12 -12.74
CA LEU B 95 -22.46 -19.90 -12.33
C LEU B 95 -21.24 -19.06 -12.73
N LEU B 96 -20.97 -18.06 -11.89
CA LEU B 96 -19.81 -17.21 -12.11
C LEU B 96 -18.54 -17.99 -11.80
N THR B 97 -17.62 -18.01 -12.77
CA THR B 97 -16.33 -18.67 -12.64
C THR B 97 -15.22 -17.64 -12.45
N PHE B 98 -14.05 -18.14 -12.06
CA PHE B 98 -12.90 -17.32 -11.70
C PHE B 98 -11.68 -17.77 -12.50
N GLY B 99 -10.63 -16.96 -12.43
CA GLY B 99 -9.38 -17.32 -13.05
C GLY B 99 -8.47 -18.10 -12.13
N GLY B 100 -7.45 -18.73 -12.72
CA GLY B 100 -6.47 -19.46 -11.95
C GLY B 100 -5.71 -18.59 -10.97
N GLY B 101 -5.58 -17.31 -11.28
CA GLY B 101 -4.90 -16.36 -10.44
C GLY B 101 -3.57 -15.93 -11.03
N THR B 102 -3.13 -14.74 -10.61
CA THR B 102 -1.83 -14.19 -10.98
C THR B 102 -1.17 -13.67 -9.71
N LYS B 103 0.02 -14.18 -9.42
CA LYS B 103 0.73 -13.82 -8.20
C LYS B 103 1.65 -12.64 -8.50
N LEU B 104 1.46 -11.55 -7.76
CA LEU B 104 2.25 -10.33 -7.94
C LEU B 104 3.24 -10.27 -6.80
N GLU B 105 4.53 -10.26 -7.14
CA GLU B 105 5.57 -10.20 -6.14
C GLU B 105 6.48 -9.01 -6.45
N ILE B 106 7.38 -8.73 -5.52
CA ILE B 106 8.16 -7.51 -5.55
C ILE B 106 9.63 -7.87 -5.78
N LYS B 107 10.32 -6.98 -6.50
CA LYS B 107 11.73 -7.13 -6.79
C LYS B 107 12.53 -6.30 -5.79
N ARG B 108 13.67 -6.85 -5.36
CA ARG B 108 14.59 -6.15 -4.48
C ARG B 108 16.00 -6.48 -4.93
N ALA B 109 16.97 -5.78 -4.34
CA ALA B 109 18.36 -6.09 -4.61
C ALA B 109 18.69 -7.47 -4.05
N ASP B 110 19.45 -8.24 -4.81
CA ASP B 110 19.78 -9.60 -4.38
C ASP B 110 20.46 -9.58 -3.01
N ALA B 111 20.11 -10.55 -2.18
CA ALA B 111 20.68 -10.68 -0.84
C ALA B 111 20.86 -12.15 -0.53
N ALA B 112 21.93 -12.45 0.18
CA ALA B 112 22.33 -13.83 0.39
C ALA B 112 21.68 -14.39 1.66
N PRO B 113 21.46 -15.70 1.71
CA PRO B 113 20.72 -16.25 2.85
C PRO B 113 21.57 -16.31 4.11
N THR B 114 20.89 -16.42 5.25
CA THR B 114 21.53 -16.55 6.55
C THR B 114 21.25 -17.97 7.03
N VAL B 115 22.19 -18.88 6.75
CA VAL B 115 21.99 -20.30 6.91
C VAL B 115 22.31 -20.72 8.33
N SER B 116 21.44 -21.57 8.90
CA SER B 116 21.57 -22.07 10.25
C SER B 116 21.13 -23.53 10.24
N ILE B 117 21.86 -24.37 10.98
CA ILE B 117 21.59 -25.80 11.00
C ILE B 117 21.50 -26.24 12.46
N PHE B 118 20.58 -27.16 12.73
CA PHE B 118 20.23 -27.57 14.08
C PHE B 118 20.22 -29.09 14.12
N PRO B 119 20.84 -29.71 15.13
CA PRO B 119 20.78 -31.16 15.27
C PRO B 119 19.45 -31.58 15.86
N PRO B 120 19.14 -32.88 15.83
CA PRO B 120 17.89 -33.34 16.46
C PRO B 120 17.88 -33.01 17.95
N SER B 121 16.69 -32.79 18.47
CA SER B 121 16.55 -32.51 19.89
C SER B 121 16.79 -33.76 20.71
N SER B 122 17.13 -33.56 22.00
CA SER B 122 17.26 -34.70 22.89
C SER B 122 15.91 -35.36 23.14
N GLU B 123 14.83 -34.58 23.16
CA GLU B 123 13.50 -35.14 23.40
C GLU B 123 13.05 -36.00 22.23
N GLN B 124 13.29 -35.52 20.99
CA GLN B 124 12.87 -36.26 19.81
C GLN B 124 13.54 -37.63 19.74
N LEU B 125 14.83 -37.70 20.10
CA LEU B 125 15.55 -38.97 20.07
C LEU B 125 14.94 -39.96 21.05
N THR B 126 14.66 -39.53 22.28
CA THR B 126 14.00 -40.42 23.22
C THR B 126 12.59 -40.80 22.76
N SER B 127 12.03 -40.07 21.81
CA SER B 127 10.74 -40.40 21.22
C SER B 127 10.87 -41.29 19.99
N GLY B 128 12.09 -41.65 19.60
CA GLY B 128 12.31 -42.59 18.52
C GLY B 128 12.46 -41.98 17.15
N GLY B 129 12.77 -40.68 17.06
CA GLY B 129 12.91 -40.03 15.78
C GLY B 129 13.97 -38.96 15.85
N ALA B 130 14.38 -38.48 14.67
CA ALA B 130 15.41 -37.46 14.58
C ALA B 130 15.19 -36.61 13.35
N SER B 131 14.96 -35.31 13.55
CA SER B 131 14.81 -34.38 12.46
C SER B 131 15.95 -33.39 12.49
N VAL B 132 16.60 -33.20 11.35
CA VAL B 132 17.69 -32.24 11.19
C VAL B 132 17.11 -31.04 10.45
N VAL B 133 17.29 -29.85 10.98
CA VAL B 133 16.62 -28.65 10.49
C VAL B 133 17.67 -27.67 10.00
N CYS B 134 17.40 -27.08 8.84
CA CYS B 134 18.24 -26.03 8.26
C CYS B 134 17.35 -24.84 7.93
N PHE B 135 17.75 -23.67 8.42
CA PHE B 135 16.98 -22.44 8.24
C PHE B 135 17.75 -21.54 7.28
N LEU B 136 17.07 -21.11 6.21
CA LEU B 136 17.64 -20.19 5.24
C LEU B 136 16.79 -18.92 5.23
N ASN B 137 17.29 -17.86 5.85
CA ASN B 137 16.46 -16.70 6.19
C ASN B 137 16.89 -15.45 5.43
N ASN B 138 15.90 -14.66 5.04
CA ASN B 138 16.07 -13.31 4.50
C ASN B 138 17.02 -13.30 3.30
N PHE B 139 16.57 -13.95 2.23
CA PHE B 139 17.33 -14.01 1.00
C PHE B 139 16.44 -13.68 -0.19
N TYR B 140 17.04 -13.12 -1.23
CA TYR B 140 16.37 -12.79 -2.47
C TYR B 140 17.35 -13.09 -3.61
N PRO B 141 16.89 -13.68 -4.72
CA PRO B 141 15.53 -14.12 -5.08
C PRO B 141 15.10 -15.47 -4.50
N LYS B 142 13.85 -15.88 -4.78
CA LYS B 142 13.30 -17.11 -4.23
C LYS B 142 14.03 -18.35 -4.76
N ASP B 143 14.57 -18.26 -5.98
CA ASP B 143 15.23 -19.41 -6.60
C ASP B 143 16.43 -19.84 -5.78
N ILE B 144 16.34 -20.99 -5.12
CA ILE B 144 17.42 -21.44 -4.24
C ILE B 144 17.45 -22.97 -4.29
N ASN B 145 18.63 -23.52 -4.08
CA ASN B 145 18.82 -24.97 -4.09
C ASN B 145 19.44 -25.39 -2.76
N VAL B 146 18.82 -26.37 -2.11
CA VAL B 146 19.30 -26.88 -0.83
C VAL B 146 19.66 -28.34 -1.02
N LYS B 147 20.92 -28.67 -0.73
CA LYS B 147 21.44 -30.01 -0.91
C LYS B 147 21.81 -30.56 0.46
N TRP B 148 21.42 -31.81 0.73
CA TRP B 148 21.74 -32.47 1.97
C TRP B 148 22.81 -33.52 1.72
N LYS B 149 23.92 -33.41 2.43
CA LYS B 149 24.98 -34.40 2.36
C LYS B 149 25.06 -35.06 3.73
N ILE B 150 24.98 -36.39 3.76
CA ILE B 150 25.14 -37.18 4.97
C ILE B 150 26.43 -37.95 4.81
N ASP B 151 27.42 -37.62 5.65
CA ASP B 151 28.74 -38.25 5.60
C ASP B 151 29.36 -38.10 4.21
N GLY B 152 29.21 -36.91 3.63
CA GLY B 152 29.77 -36.62 2.33
C GLY B 152 28.97 -37.13 1.16
N SER B 153 27.95 -37.96 1.40
CA SER B 153 27.14 -38.53 0.33
C SER B 153 25.79 -37.86 0.32
N GLU B 154 25.35 -37.43 -0.86
CA GLU B 154 24.11 -36.68 -1.00
C GLU B 154 22.92 -37.53 -0.58
N ARG B 155 21.90 -36.88 -0.02
CA ARG B 155 20.65 -37.53 0.31
C ARG B 155 19.53 -36.83 -0.46
N GLN B 156 18.90 -37.57 -1.38
CA GLN B 156 17.90 -37.03 -2.27
C GLN B 156 16.55 -36.86 -1.58
N ASN B 157 16.05 -37.93 -0.98
CA ASN B 157 14.67 -37.99 -0.50
C ASN B 157 14.62 -38.07 1.01
N GLY B 158 13.46 -37.73 1.56
CA GLY B 158 13.28 -37.56 2.98
C GLY B 158 13.29 -36.12 3.45
N VAL B 159 13.35 -35.16 2.53
CA VAL B 159 13.47 -33.74 2.87
C VAL B 159 12.13 -33.06 2.71
N LEU B 160 11.77 -32.23 3.68
CA LEU B 160 10.56 -31.41 3.63
C LEU B 160 10.99 -29.96 3.59
N ASN B 161 10.57 -29.25 2.54
CA ASN B 161 10.91 -27.85 2.38
C ASN B 161 9.66 -26.98 2.50
N SER B 162 9.81 -25.84 3.16
CA SER B 162 8.69 -24.91 3.32
C SER B 162 9.21 -23.49 3.15
N TRP B 163 8.48 -22.71 2.35
CA TRP B 163 8.82 -21.35 1.99
C TRP B 163 7.81 -20.41 2.62
N THR B 164 8.25 -19.20 2.95
CA THR B 164 7.36 -18.17 3.45
C THR B 164 6.87 -17.31 2.30
N ASP B 165 5.79 -16.58 2.54
CA ASP B 165 5.38 -15.54 1.61
C ASP B 165 6.41 -14.42 1.65
N GLN B 166 6.48 -13.66 0.55
CA GLN B 166 7.41 -12.54 0.49
C GLN B 166 7.24 -11.63 1.69
N ASP B 167 8.36 -11.21 2.27
CA ASP B 167 8.30 -10.43 3.49
C ASP B 167 7.74 -9.05 3.19
N SER B 168 6.82 -8.60 4.03
CA SER B 168 6.18 -7.31 3.83
C SER B 168 7.17 -6.16 4.03
N ALA B 169 8.09 -6.32 4.98
CA ALA B 169 8.98 -5.23 5.34
C ALA B 169 10.14 -5.08 4.34
N ASP B 170 10.88 -6.15 4.08
CA ASP B 170 12.12 -6.06 3.30
C ASP B 170 12.11 -6.85 1.99
N SER B 171 10.97 -7.41 1.59
CA SER B 171 10.83 -8.09 0.30
C SER B 171 11.77 -9.28 0.14
N THR B 172 12.16 -9.93 1.25
CA THR B 172 13.06 -11.07 1.22
C THR B 172 12.30 -12.35 1.52
N TYR B 173 12.74 -13.45 0.90
CA TYR B 173 12.15 -14.75 1.18
C TYR B 173 12.93 -15.50 2.27
N SER B 174 12.34 -16.60 2.73
CA SER B 174 12.96 -17.48 3.72
C SER B 174 12.38 -18.88 3.54
N MET B 175 13.19 -19.89 3.88
CA MET B 175 12.73 -21.27 3.81
C MET B 175 13.39 -22.10 4.90
N SER B 176 12.75 -23.23 5.20
CA SER B 176 13.25 -24.19 6.19
C SER B 176 13.22 -25.58 5.57
N SER B 177 14.38 -26.21 5.50
CA SER B 177 14.52 -27.56 4.95
C SER B 177 14.71 -28.52 6.11
N THR B 178 13.81 -29.48 6.27
CA THR B 178 13.84 -30.41 7.39
C THR B 178 14.07 -31.82 6.87
N LEU B 179 15.17 -32.44 7.30
CA LEU B 179 15.49 -33.83 6.96
C LEU B 179 15.12 -34.72 8.12
N THR B 180 14.16 -35.61 7.90
CA THR B 180 13.59 -36.43 8.97
C THR B 180 14.02 -37.88 8.80
N LEU B 181 14.59 -38.45 9.86
CA LEU B 181 15.01 -39.83 9.90
C LEU B 181 14.56 -40.43 11.22
N THR B 182 14.59 -41.76 11.28
CA THR B 182 14.44 -42.44 12.55
C THR B 182 15.70 -42.27 13.38
N LYS B 183 15.58 -42.52 14.68
CA LYS B 183 16.75 -42.42 15.54
C LYS B 183 17.85 -43.38 15.09
N ASP B 184 17.48 -44.64 14.85
CA ASP B 184 18.46 -45.65 14.48
C ASP B 184 19.21 -45.25 13.21
N GLU B 185 18.51 -44.69 12.22
CA GLU B 185 19.17 -44.28 11.00
C GLU B 185 20.03 -43.03 11.21
N TYR B 186 19.56 -42.12 12.06
CA TYR B 186 20.35 -40.94 12.38
C TYR B 186 21.67 -41.32 13.04
N GLU B 187 21.61 -42.20 14.04
CA GLU B 187 22.79 -42.63 14.78
C GLU B 187 23.73 -43.49 13.95
N ARG B 188 23.38 -43.80 12.70
CA ARG B 188 24.27 -44.58 11.84
C ARG B 188 25.37 -43.74 11.21
N HIS B 189 25.21 -42.43 11.13
CA HIS B 189 26.12 -41.56 10.40
C HIS B 189 26.72 -40.53 11.33
N ASN B 190 27.80 -39.87 10.87
CA ASN B 190 28.54 -38.93 11.70
C ASN B 190 28.28 -37.46 11.35
N SER B 191 28.24 -37.12 10.07
CA SER B 191 28.26 -35.72 9.64
C SER B 191 27.04 -35.42 8.79
N TYR B 192 26.26 -34.43 9.22
CA TYR B 192 25.12 -33.93 8.48
C TYR B 192 25.43 -32.52 8.00
N THR B 193 25.16 -32.25 6.74
CA THR B 193 25.57 -31.01 6.10
C THR B 193 24.41 -30.40 5.32
N CYS B 194 24.36 -29.07 5.34
CA CYS B 194 23.35 -28.28 4.65
C CYS B 194 24.03 -27.38 3.64
N GLU B 195 23.80 -27.63 2.36
CA GLU B 195 24.44 -26.89 1.28
C GLU B 195 23.41 -26.02 0.58
N ALA B 196 23.58 -24.71 0.70
CA ALA B 196 22.67 -23.74 0.10
C ALA B 196 23.36 -23.11 -1.09
N THR B 197 22.81 -23.31 -2.28
CA THR B 197 23.37 -22.77 -3.52
C THR B 197 22.43 -21.67 -4.01
N HIS B 198 22.97 -20.46 -4.17
CA HIS B 198 22.17 -19.30 -4.49
C HIS B 198 22.89 -18.50 -5.56
N LYS B 199 22.15 -17.66 -6.28
CA LYS B 199 22.80 -16.84 -7.30
C LYS B 199 23.72 -15.81 -6.70
N THR B 200 23.63 -15.54 -5.38
CA THR B 200 24.44 -14.49 -4.78
C THR B 200 25.92 -14.86 -4.79
N SER B 201 26.24 -16.15 -4.76
CA SER B 201 27.63 -16.59 -4.69
C SER B 201 27.86 -17.77 -5.63
N THR B 202 29.04 -17.80 -6.24
CA THR B 202 29.44 -18.95 -7.04
C THR B 202 29.70 -20.17 -6.17
N SER B 203 30.23 -19.96 -4.95
CA SER B 203 30.51 -21.03 -3.99
C SER B 203 29.37 -21.14 -2.99
N PRO B 204 28.88 -22.34 -2.70
CA PRO B 204 27.70 -22.47 -1.85
C PRO B 204 28.00 -22.11 -0.40
N ILE B 205 26.92 -21.91 0.36
CA ILE B 205 27.01 -21.68 1.79
C ILE B 205 26.85 -23.03 2.47
N VAL B 206 27.87 -23.46 3.20
CA VAL B 206 27.89 -24.79 3.79
C VAL B 206 27.83 -24.64 5.30
N LYS B 207 26.86 -25.30 5.91
CA LYS B 207 26.75 -25.42 7.35
C LYS B 207 26.48 -26.88 7.67
N SER B 208 27.14 -27.36 8.73
CA SER B 208 27.09 -28.77 9.06
C SER B 208 27.41 -28.93 10.54
N PHE B 209 27.26 -30.15 11.02
CA PHE B 209 27.60 -30.51 12.38
C PHE B 209 27.86 -32.00 12.40
N ASN B 210 28.58 -32.45 13.42
CA ASN B 210 28.88 -33.85 13.60
C ASN B 210 28.19 -34.35 14.86
N ARG B 211 27.62 -35.55 14.77
CA ARG B 211 26.91 -36.13 15.90
C ARG B 211 27.86 -36.45 17.04
N ALA B 212 29.15 -36.62 16.74
CA ALA B 212 30.15 -37.00 17.75
C ALA B 212 30.70 -35.77 18.46
N GLU B 213 29.83 -35.16 19.25
CA GLU B 213 30.17 -33.99 20.06
C GLU B 213 29.22 -33.90 21.24
N TRP C 15 30.81 37.03 10.65
CA TRP C 15 30.86 37.16 9.19
C TRP C 15 30.16 35.99 8.54
N GLY C 16 30.88 35.30 7.65
CA GLY C 16 30.34 34.14 6.97
C GLY C 16 30.94 33.99 5.60
N PRO C 17 30.11 33.64 4.61
CA PRO C 17 30.60 33.43 3.25
C PRO C 17 31.00 34.71 2.53
N TYR C 18 30.88 35.87 3.18
CA TYR C 18 31.34 37.11 2.58
C TYR C 18 32.83 37.04 2.27
N MET C 19 33.59 36.35 3.13
CA MET C 19 35.00 36.12 2.85
C MET C 19 35.17 35.33 1.56
N LEU C 20 34.33 34.31 1.38
CA LEU C 20 34.39 33.53 0.15
C LEU C 20 34.11 34.41 -1.05
N VAL C 21 33.19 35.35 -0.92
CA VAL C 21 32.97 36.33 -1.97
C VAL C 21 34.22 37.16 -2.18
N LEU C 22 34.91 37.52 -1.09
CA LEU C 22 36.17 38.23 -1.20
C LEU C 22 37.25 37.34 -1.80
N LEU C 23 37.38 36.12 -1.27
CA LEU C 23 38.42 35.20 -1.76
C LEU C 23 38.21 34.87 -3.23
N LEU C 24 37.01 34.39 -3.59
CA LEU C 24 36.73 34.10 -4.99
C LEU C 24 36.82 35.34 -5.85
N GLY C 25 36.45 36.51 -5.29
CA GLY C 25 36.49 37.74 -6.06
C GLY C 25 37.90 38.13 -6.50
N THR C 26 38.89 37.94 -5.62
CA THR C 26 40.27 38.18 -6.02
C THR C 26 40.72 37.24 -7.13
N GLY C 27 40.37 35.95 -7.01
CA GLY C 27 40.80 34.99 -8.02
C GLY C 27 40.38 35.37 -9.42
N ILE C 28 39.11 35.75 -9.60
CA ILE C 28 38.66 36.25 -10.89
C ILE C 28 39.37 37.56 -11.23
N PHE C 29 39.56 38.43 -10.23
CA PHE C 29 40.18 39.73 -10.49
C PHE C 29 41.61 39.60 -11.00
N LEU C 30 42.46 38.92 -10.23
CA LEU C 30 43.85 38.78 -10.63
C LEU C 30 43.95 38.08 -11.98
N THR C 31 43.09 37.09 -12.22
CA THR C 31 43.03 36.44 -13.52
C THR C 31 42.70 37.45 -14.63
N LEU C 32 41.84 38.43 -14.33
CA LEU C 32 41.56 39.49 -15.30
C LEU C 32 42.79 40.36 -15.50
N ARG C 33 43.39 40.83 -14.40
CA ARG C 33 44.59 41.65 -14.48
C ARG C 33 45.76 40.88 -15.08
N LEU C 34 45.84 39.58 -14.82
CA LEU C 34 46.92 38.77 -15.37
C LEU C 34 46.52 38.07 -16.66
N GLY C 35 45.38 38.44 -17.26
CA GLY C 35 45.00 38.00 -18.58
C GLY C 35 45.05 36.50 -18.83
N PHE C 36 44.36 35.72 -17.99
CA PHE C 36 44.30 34.27 -18.13
C PHE C 36 45.70 33.66 -18.14
N MET C 37 46.54 34.14 -17.22
CA MET C 37 47.94 33.72 -17.19
C MET C 37 48.10 32.23 -16.95
N GLN C 38 47.21 31.64 -16.17
CA GLN C 38 47.42 30.27 -15.69
C GLN C 38 47.55 29.25 -16.81
N ILE C 39 46.83 29.47 -17.93
CA ILE C 39 46.78 28.45 -18.97
C ILE C 39 48.10 28.38 -19.73
N HIS C 40 48.72 29.53 -19.99
CA HIS C 40 49.95 29.53 -20.78
C HIS C 40 51.17 29.17 -19.94
N THR C 41 51.22 29.68 -18.71
CA THR C 41 52.39 29.48 -17.86
C THR C 41 52.48 28.08 -17.27
N LEU C 42 51.38 27.31 -17.29
CA LEU C 42 51.37 26.04 -16.56
C LEU C 42 52.40 25.04 -17.04
N PRO C 43 52.53 24.73 -18.34
CA PRO C 43 53.54 23.74 -18.73
C PRO C 43 54.96 24.17 -18.37
N TYR C 44 55.34 25.41 -18.67
CA TYR C 44 56.66 25.89 -18.28
C TYR C 44 56.86 25.77 -16.78
N ALA C 45 55.87 26.22 -16.00
CA ALA C 45 55.95 26.07 -14.56
C ALA C 45 56.08 24.60 -14.18
N LEU C 46 55.34 23.74 -14.88
CA LEU C 46 55.44 22.31 -14.62
C LEU C 46 56.82 21.79 -14.99
N LYS C 47 57.33 22.17 -16.17
CA LYS C 47 58.69 21.77 -16.54
C LYS C 47 59.72 22.32 -15.56
N LEU C 48 59.58 23.60 -15.18
CA LEU C 48 60.53 24.18 -14.25
C LEU C 48 60.43 23.53 -12.87
N ALA C 49 59.20 23.23 -12.42
CA ALA C 49 59.01 22.65 -11.10
C ALA C 49 59.74 21.32 -10.96
N PHE C 50 59.67 20.48 -11.98
CA PHE C 50 60.26 19.15 -11.93
C PHE C 50 61.58 19.05 -12.69
N SER C 51 62.14 20.19 -13.11
CA SER C 51 63.41 20.21 -13.83
C SER C 51 64.54 19.67 -12.96
N LYS C 52 65.59 19.20 -13.63
CA LYS C 52 66.78 18.71 -12.95
C LYS C 52 67.86 19.79 -12.90
N GLU C 56 68.46 24.69 -9.18
CA GLU C 56 69.18 25.94 -9.01
C GLU C 56 69.59 26.13 -7.56
N THR C 57 70.80 26.68 -7.37
CA THR C 57 71.36 26.94 -6.04
C THR C 57 71.75 28.41 -6.02
N SER C 58 70.85 29.25 -5.52
CA SER C 58 71.08 30.68 -5.43
C SER C 58 70.74 31.17 -4.04
N GLU C 59 69.98 32.26 -3.94
CA GLU C 59 69.57 32.80 -2.64
C GLU C 59 68.32 32.05 -2.17
N GLY C 60 68.54 30.91 -1.52
CA GLY C 60 67.42 30.13 -1.03
C GLY C 60 67.81 29.07 -0.03
N ASP C 61 66.78 28.56 0.68
CA ASP C 61 67.01 27.52 1.68
C ASP C 61 67.07 26.14 1.05
N ILE C 62 66.20 25.87 0.08
CA ILE C 62 66.08 24.55 -0.54
C ILE C 62 65.62 24.73 -1.98
N SER C 63 65.62 23.62 -2.71
CA SER C 63 65.30 23.62 -4.13
C SER C 63 63.89 24.15 -4.39
N HIS C 64 63.64 24.54 -5.64
CA HIS C 64 62.27 24.81 -6.06
C HIS C 64 61.40 23.56 -5.90
N PHE C 65 61.92 22.41 -6.34
CA PHE C 65 61.17 21.17 -6.20
C PHE C 65 60.87 20.87 -4.74
N GLN C 66 61.88 20.99 -3.87
CA GLN C 66 61.64 20.76 -2.45
C GLN C 66 60.69 21.80 -1.87
N ALA C 67 60.66 23.01 -2.46
CA ALA C 67 59.70 24.01 -2.01
C ALA C 67 58.27 23.59 -2.35
N LEU C 68 58.04 23.08 -3.56
CA LEU C 68 56.71 22.60 -3.93
C LEU C 68 56.27 21.44 -3.04
N MET C 69 57.12 20.43 -2.89
CA MET C 69 56.78 19.30 -2.04
C MET C 69 56.51 19.70 -0.60
N THR C 70 57.19 20.71 -0.08
CA THR C 70 56.80 21.23 1.23
C THR C 70 55.37 21.78 1.18
N ALA C 71 55.10 22.61 0.17
CA ALA C 71 53.77 23.20 0.03
C ALA C 71 52.72 22.15 -0.31
N LEU C 72 53.01 21.26 -1.28
CA LEU C 72 52.05 20.22 -1.63
C LEU C 72 51.79 19.26 -0.49
N ALA C 73 52.81 18.95 0.30
CA ALA C 73 52.58 18.14 1.50
C ALA C 73 51.51 18.76 2.38
N ALA C 74 51.62 20.07 2.60
CA ALA C 74 50.60 20.79 3.33
C ALA C 74 49.33 20.94 2.51
N THR C 75 49.47 21.19 1.20
CA THR C 75 48.30 21.45 0.38
C THR C 75 47.45 20.20 0.19
N ILE C 76 48.08 19.04 0.05
CA ILE C 76 47.36 17.78 -0.10
C ILE C 76 47.10 17.23 1.30
N GLY C 77 45.84 16.98 1.62
CA GLY C 77 45.49 16.51 2.93
C GLY C 77 44.17 15.77 2.94
N THR C 78 43.58 15.64 4.15
CA THR C 78 42.32 14.92 4.29
C THR C 78 41.19 15.61 3.56
N GLY C 79 41.33 16.92 3.32
CA GLY C 79 40.37 17.62 2.49
C GLY C 79 40.29 17.07 1.08
N ASN C 80 41.40 16.54 0.57
CA ASN C 80 41.35 15.83 -0.71
C ASN C 80 40.62 14.50 -0.59
N ILE C 81 40.71 13.83 0.56
CA ILE C 81 40.05 12.54 0.72
C ILE C 81 38.63 12.76 1.23
N ALA C 82 38.50 13.36 2.41
CA ALA C 82 37.21 13.46 3.07
C ALA C 82 36.49 14.77 2.80
N GLY C 83 37.22 15.87 2.63
CA GLY C 83 36.57 17.14 2.32
C GLY C 83 35.83 17.11 1.01
N VAL C 84 36.34 16.36 0.03
CA VAL C 84 35.61 16.17 -1.23
C VAL C 84 34.33 15.39 -0.96
N ALA C 85 34.42 14.30 -0.20
CA ALA C 85 33.24 13.50 0.12
C ALA C 85 32.19 14.34 0.83
N THR C 86 32.60 15.05 1.89
CA THR C 86 31.68 15.91 2.61
C THR C 86 30.99 16.90 1.69
N ALA C 87 31.74 17.45 0.73
CA ALA C 87 31.13 18.36 -0.24
C ALA C 87 30.24 17.60 -1.22
N TYR C 88 30.69 16.42 -1.67
CA TYR C 88 29.91 15.62 -2.63
C TYR C 88 28.55 15.25 -2.08
N VAL C 89 28.47 14.84 -0.82
CA VAL C 89 27.20 14.46 -0.22
C VAL C 89 26.30 15.68 -0.04
N LEU C 90 26.77 16.67 0.72
CA LEU C 90 25.89 17.75 1.16
C LEU C 90 25.57 18.69 -0.01
N GLY C 91 26.52 18.92 -0.91
CA GLY C 91 26.31 19.83 -2.01
C GLY C 91 25.99 19.17 -3.32
N GLY C 92 26.08 17.84 -3.38
CA GLY C 92 25.85 17.10 -4.59
C GLY C 92 27.12 16.99 -5.41
N PRO C 93 27.08 16.18 -6.46
CA PRO C 93 28.28 16.02 -7.31
C PRO C 93 28.71 17.31 -7.99
N GLY C 94 27.79 18.28 -8.13
CA GLY C 94 28.14 19.55 -8.72
C GLY C 94 29.16 20.32 -7.92
N ALA C 95 29.35 19.95 -6.65
CA ALA C 95 30.35 20.61 -5.82
C ALA C 95 31.75 20.43 -6.40
N ILE C 96 31.99 19.34 -7.13
CA ILE C 96 33.28 19.14 -7.78
C ILE C 96 33.57 20.29 -8.73
N PHE C 97 32.59 20.65 -9.56
CA PHE C 97 32.79 21.73 -10.52
C PHE C 97 33.12 23.04 -9.83
N TRP C 98 32.40 23.36 -8.75
CA TRP C 98 32.70 24.58 -8.01
C TRP C 98 33.98 24.45 -7.18
N MET C 99 34.35 23.23 -6.79
CA MET C 99 35.70 23.02 -6.28
C MET C 99 36.75 23.35 -7.35
N TRP C 100 36.46 22.99 -8.60
CA TRP C 100 37.34 23.33 -9.71
C TRP C 100 37.47 24.84 -9.86
N VAL C 101 36.33 25.56 -9.76
CA VAL C 101 36.34 27.02 -9.85
C VAL C 101 37.27 27.62 -8.81
N THR C 102 37.35 27.01 -7.62
CA THR C 102 38.25 27.48 -6.58
C THR C 102 39.71 27.41 -7.03
N ALA C 103 40.08 26.34 -7.72
CA ALA C 103 41.46 26.15 -8.15
C ALA C 103 41.82 27.03 -9.35
N PHE C 104 40.97 27.03 -10.38
CA PHE C 104 41.29 27.76 -11.60
C PHE C 104 41.49 29.25 -11.32
N PHE C 105 40.46 29.91 -10.77
CA PHE C 105 40.63 31.28 -10.34
C PHE C 105 41.62 31.40 -9.19
N GLY C 106 41.76 30.36 -8.37
CA GLY C 106 42.70 30.39 -7.26
C GLY C 106 44.15 30.27 -7.68
N MET C 107 44.41 29.69 -8.85
CA MET C 107 45.75 29.68 -9.40
C MET C 107 46.33 31.08 -9.43
N ALA C 108 45.57 32.04 -9.94
CA ALA C 108 46.01 33.42 -9.98
C ALA C 108 46.25 33.95 -8.57
N THR C 109 45.39 33.59 -7.61
CA THR C 109 45.55 34.09 -6.25
C THR C 109 46.83 33.59 -5.63
N LYS C 110 47.07 32.27 -5.65
CA LYS C 110 48.23 31.71 -4.98
C LYS C 110 49.53 32.17 -5.65
N TYR C 111 49.49 32.39 -6.97
CA TYR C 111 50.66 32.94 -7.65
C TYR C 111 50.99 34.33 -7.13
N ALA C 112 49.99 35.20 -7.06
CA ALA C 112 50.20 36.54 -6.51
C ALA C 112 50.72 36.45 -5.08
N GLU C 113 50.25 35.46 -4.32
CA GLU C 113 50.77 35.22 -2.99
C GLU C 113 52.27 34.95 -3.04
N ALA C 114 52.71 34.08 -3.95
CA ALA C 114 54.11 33.70 -4.02
C ALA C 114 54.99 34.82 -4.56
N VAL C 115 54.48 35.60 -5.53
CA VAL C 115 55.22 36.75 -6.03
C VAL C 115 55.54 37.72 -4.89
N LEU C 116 54.49 38.17 -4.20
CA LEU C 116 54.64 39.13 -3.11
C LEU C 116 55.49 38.59 -1.97
N ALA C 117 55.72 37.29 -1.91
CA ALA C 117 56.66 36.74 -0.94
C ALA C 117 58.09 37.19 -1.17
N ILE C 118 58.35 37.94 -2.25
CA ILE C 118 59.68 38.48 -2.49
C ILE C 118 60.07 39.51 -1.45
N LYS C 119 59.12 40.19 -0.82
CA LYS C 119 59.42 41.11 0.27
C LYS C 119 59.66 40.33 1.57
N TYR C 120 60.71 39.51 1.54
CA TYR C 120 61.01 38.58 2.62
C TYR C 120 62.43 38.83 3.10
N ARG C 121 62.61 38.77 4.41
CA ARG C 121 63.90 38.97 5.06
C ARG C 121 64.30 37.71 5.79
N THR C 122 65.56 37.33 5.63
CA THR C 122 66.08 36.15 6.33
C THR C 122 66.10 36.38 7.82
N VAL C 123 66.02 35.29 8.57
CA VAL C 123 65.93 35.36 10.01
C VAL C 123 67.28 34.97 10.61
N ASP C 124 67.41 35.12 11.92
CA ASP C 124 68.61 34.70 12.62
C ASP C 124 68.67 33.17 12.63
N ASP C 125 69.55 32.61 13.46
CA ASP C 125 69.69 31.15 13.56
C ASP C 125 69.93 30.54 12.19
N ASN C 126 71.07 30.91 11.60
CA ASN C 126 71.42 30.57 10.22
C ASN C 126 70.44 31.24 9.27
N GLY C 127 70.64 31.08 7.96
CA GLY C 127 69.81 31.79 7.01
C GLY C 127 68.33 31.64 7.20
N GLU C 128 67.80 30.43 6.98
CA GLU C 128 66.38 30.12 7.10
C GLU C 128 65.50 31.32 6.75
N MET C 129 65.44 31.68 5.47
CA MET C 129 64.61 32.78 5.03
C MET C 129 63.17 32.61 5.50
N ALA C 130 62.53 33.73 5.82
CA ALA C 130 61.18 33.75 6.37
C ALA C 130 60.38 34.76 5.57
N GLY C 131 59.51 34.26 4.72
CA GLY C 131 58.64 35.12 3.93
C GLY C 131 57.20 34.70 4.04
N GLY C 132 56.31 35.68 4.10
CA GLY C 132 54.89 35.43 4.16
C GLY C 132 54.08 36.71 4.17
N PRO C 133 52.76 36.58 4.09
CA PRO C 133 51.91 37.78 3.98
C PRO C 133 52.08 38.76 5.11
N MET C 134 52.39 38.28 6.32
CA MET C 134 52.67 39.21 7.42
C MET C 134 53.83 40.14 7.11
N TYR C 135 54.73 39.76 6.20
CA TYR C 135 55.79 40.65 5.77
C TYR C 135 55.29 41.64 4.72
N PHE C 136 54.39 41.19 3.82
CA PHE C 136 53.89 42.07 2.77
C PHE C 136 53.34 43.36 3.35
N LEU C 137 52.47 43.25 4.35
CA LEU C 137 51.80 44.43 4.87
C LEU C 137 52.78 45.37 5.56
N GLU C 138 53.79 44.81 6.24
CA GLU C 138 54.88 45.64 6.73
C GLU C 138 55.55 46.38 5.58
N LYS C 139 55.67 45.73 4.42
CA LYS C 139 56.23 46.34 3.22
C LYS C 139 55.13 46.82 2.28
N GLY C 140 53.96 47.15 2.82
CA GLY C 140 52.86 47.65 2.01
C GLY C 140 52.93 49.15 1.83
N LEU C 141 51.85 49.84 2.19
CA LEU C 141 51.79 51.30 2.14
C LEU C 141 51.29 51.81 3.49
N PRO C 142 52.15 51.80 4.52
CA PRO C 142 51.83 52.17 5.92
C PRO C 142 50.92 53.38 6.05
N LEU C 146 49.74 51.33 8.54
CA LEU C 146 48.64 50.46 8.90
C LEU C 146 48.98 49.01 8.58
N GLY C 147 49.91 48.81 7.64
CA GLY C 147 50.29 47.46 7.27
C GLY C 147 50.86 46.66 8.42
N LYS C 148 51.59 47.33 9.32
CA LYS C 148 52.09 46.65 10.52
C LYS C 148 50.95 46.03 11.32
N ILE C 149 49.80 46.70 11.37
CA ILE C 149 48.65 46.17 12.10
C ILE C 149 48.07 44.95 11.40
N LEU C 150 47.97 45.00 10.07
CA LEU C 150 47.43 43.85 9.34
C LEU C 150 48.35 42.65 9.48
N GLY C 151 49.67 42.86 9.38
CA GLY C 151 50.60 41.76 9.44
C GLY C 151 50.60 41.05 10.78
N VAL C 152 50.57 41.80 11.87
CA VAL C 152 50.51 41.17 13.20
C VAL C 152 49.18 40.45 13.38
N ALA C 153 48.11 40.97 12.78
CA ALA C 153 46.83 40.27 12.79
C ALA C 153 46.93 38.96 12.03
N PHE C 154 47.51 39.00 10.82
CA PHE C 154 47.66 37.79 10.02
C PHE C 154 48.45 36.72 10.76
N ALA C 155 49.56 37.11 11.39
CA ALA C 155 50.39 36.13 12.09
C ALA C 155 49.66 35.53 13.28
N PHE C 156 48.93 36.35 14.04
CA PHE C 156 48.19 35.84 15.19
C PHE C 156 47.20 34.76 14.80
N PHE C 157 46.47 34.97 13.70
CA PHE C 157 45.52 33.97 13.24
C PHE C 157 46.22 32.72 12.73
N GLY C 158 47.16 32.88 11.81
CA GLY C 158 47.82 31.72 11.22
C GLY C 158 48.54 30.87 12.25
N ALA C 159 49.11 31.52 13.28
CA ALA C 159 49.77 30.76 14.34
C ALA C 159 48.80 29.82 15.03
N PHE C 160 47.57 30.27 15.27
CA PHE C 160 46.53 29.38 15.76
C PHE C 160 45.97 28.51 14.65
N ALA C 161 45.60 29.13 13.53
CA ALA C 161 44.92 28.42 12.45
C ALA C 161 45.72 27.22 11.96
N ALA C 162 47.03 27.22 12.21
CA ALA C 162 47.85 26.08 11.82
C ALA C 162 47.44 24.82 12.55
N PHE C 163 46.98 24.96 13.80
CA PHE C 163 46.52 23.79 14.53
C PHE C 163 45.24 23.22 13.93
N GLY C 164 44.42 24.09 13.33
CA GLY C 164 43.18 23.65 12.68
C GLY C 164 43.44 22.77 11.49
N ILE C 165 43.77 23.38 10.34
CA ILE C 165 43.99 22.60 9.13
C ILE C 165 45.20 21.70 9.29
N GLY C 166 46.26 22.22 9.91
CA GLY C 166 47.52 21.53 9.90
C GLY C 166 47.68 20.41 10.90
N ASN C 167 47.01 20.51 12.06
CA ASN C 167 47.19 19.51 13.10
C ASN C 167 45.91 18.74 13.39
N MET C 168 44.92 19.35 14.04
CA MET C 168 43.84 18.58 14.65
C MET C 168 42.93 17.92 13.61
N VAL C 169 42.54 18.66 12.58
CA VAL C 169 41.62 18.10 11.56
C VAL C 169 42.24 16.87 10.91
N GLN C 170 43.50 16.98 10.49
CA GLN C 170 44.13 15.86 9.79
C GLN C 170 44.42 14.70 10.72
N THR C 171 44.84 14.97 11.95
CA THR C 171 45.19 13.88 12.85
C THR C 171 43.97 13.16 13.37
N ASN C 172 42.83 13.85 13.49
CA ASN C 172 41.61 13.20 13.96
C ASN C 172 41.03 12.27 12.89
N SER C 173 40.91 12.77 11.65
CA SER C 173 40.34 11.97 10.58
C SER C 173 41.13 10.70 10.36
N VAL C 174 42.46 10.80 10.41
CA VAL C 174 43.28 9.60 10.28
C VAL C 174 43.04 8.66 11.45
N ALA C 175 43.06 9.20 12.67
CA ALA C 175 42.93 8.36 13.86
C ALA C 175 41.64 7.54 13.81
N ASP C 176 40.52 8.19 13.54
CA ASP C 176 39.26 7.48 13.48
C ASP C 176 39.23 6.52 12.29
N ALA C 177 39.63 6.99 11.12
CA ALA C 177 39.63 6.15 9.92
C ALA C 177 40.54 4.94 10.09
N VAL C 178 41.66 5.10 10.80
CA VAL C 178 42.54 3.97 11.04
C VAL C 178 41.88 2.96 11.97
N ALA C 179 41.16 3.45 12.99
CA ALA C 179 40.45 2.54 13.89
C ALA C 179 39.34 1.78 13.17
N SER C 180 38.72 2.39 12.16
CA SER C 180 37.65 1.72 11.44
C SER C 180 38.18 0.53 10.66
N ASN C 181 39.21 0.74 9.85
CA ASN C 181 39.72 -0.28 8.94
C ASN C 181 40.73 -1.19 9.60
N PHE C 182 41.56 -0.66 10.48
CA PHE C 182 42.65 -1.41 11.10
C PHE C 182 42.44 -1.70 12.58
N GLY C 183 41.54 -0.99 13.25
CA GLY C 183 41.16 -1.42 14.58
C GLY C 183 42.22 -1.22 15.64
N VAL C 184 43.22 -0.40 15.37
CA VAL C 184 44.29 -0.12 16.32
C VAL C 184 43.91 1.14 17.09
N ASP C 185 44.36 1.19 18.35
CA ASP C 185 43.95 2.22 19.28
C ASP C 185 44.16 3.60 18.66
N PRO C 186 43.28 4.58 18.93
CA PRO C 186 43.57 5.94 18.49
C PRO C 186 44.84 6.54 19.10
N LEU C 187 45.31 6.04 20.24
CA LEU C 187 46.57 6.59 20.75
C LEU C 187 47.79 5.93 20.11
N ILE C 188 47.67 4.68 19.65
CA ILE C 188 48.79 4.07 18.92
C ILE C 188 49.08 4.87 17.67
N THR C 189 48.04 5.19 16.89
CA THR C 189 48.23 6.03 15.71
C THR C 189 48.59 7.45 16.11
N GLY C 190 48.07 7.93 17.24
CA GLY C 190 48.46 9.25 17.71
C GLY C 190 49.91 9.30 18.13
N PHE C 191 50.40 8.25 18.78
CA PHE C 191 51.79 8.19 19.19
C PHE C 191 52.71 8.19 17.98
N VAL C 192 52.49 7.24 17.07
CA VAL C 192 53.37 7.11 15.91
C VAL C 192 53.32 8.38 15.06
N LEU C 193 52.14 9.02 14.98
CA LEU C 193 52.02 10.25 14.22
C LEU C 193 52.84 11.37 14.85
N ALA C 194 52.94 11.39 16.17
CA ALA C 194 53.73 12.42 16.85
C ALA C 194 55.22 12.20 16.65
N ILE C 195 55.69 10.97 16.87
CA ILE C 195 57.11 10.67 16.75
C ILE C 195 57.61 10.98 15.34
N PHE C 196 56.92 10.45 14.32
CA PHE C 196 57.32 10.72 12.94
C PHE C 196 57.19 12.19 12.59
N THR C 197 56.32 12.93 13.29
CA THR C 197 56.29 14.38 13.10
C THR C 197 57.53 15.03 13.70
N ALA C 198 57.87 14.65 14.93
CA ALA C 198 59.02 15.24 15.61
C ALA C 198 60.32 14.88 14.91
N ALA C 199 60.47 13.61 14.52
CA ALA C 199 61.71 13.17 13.86
C ALA C 199 62.01 14.00 12.62
N VAL C 200 60.99 14.27 11.81
CA VAL C 200 61.21 15.05 10.59
C VAL C 200 61.45 16.52 10.93
N ILE C 201 60.52 17.15 11.67
CA ILE C 201 60.60 18.58 11.91
C ILE C 201 61.60 18.94 13.00
N LEU C 202 62.31 17.97 13.56
CA LEU C 202 63.40 18.29 14.48
C LEU C 202 64.38 19.24 13.80
N GLY C 203 64.83 18.88 12.60
CA GLY C 203 65.59 19.82 11.82
C GLY C 203 64.68 20.88 11.25
N GLY C 204 65.30 21.95 10.74
CA GLY C 204 64.55 23.04 10.14
C GLY C 204 63.79 22.67 8.89
N ILE C 205 63.45 23.67 8.08
CA ILE C 205 62.72 23.40 6.85
C ILE C 205 63.58 22.57 5.91
N LYS C 206 64.91 22.74 5.98
CA LYS C 206 65.81 21.92 5.18
C LYS C 206 65.57 20.44 5.46
N SER C 207 65.26 20.10 6.70
CA SER C 207 64.93 18.71 7.04
C SER C 207 63.58 18.30 6.45
N ILE C 208 62.61 19.22 6.46
CA ILE C 208 61.30 18.90 5.91
C ILE C 208 61.41 18.63 4.41
N GLY C 209 62.09 19.53 3.69
CA GLY C 209 62.23 19.38 2.25
C GLY C 209 62.81 18.04 1.83
N LYS C 210 63.68 17.46 2.67
CA LYS C 210 64.16 16.11 2.42
C LYS C 210 63.00 15.10 2.48
N ALA C 211 62.27 15.09 3.60
CA ALA C 211 61.21 14.11 3.81
C ALA C 211 60.05 14.35 2.86
N THR C 212 59.57 15.59 2.77
CA THR C 212 58.46 15.88 1.85
C THR C 212 58.86 15.65 0.40
N GLY C 213 60.15 15.71 0.09
CA GLY C 213 60.58 15.45 -1.28
C GLY C 213 60.39 14.00 -1.67
N ILE C 214 60.67 13.07 -0.76
CA ILE C 214 60.51 11.65 -1.06
C ILE C 214 59.05 11.22 -0.88
N ILE C 215 58.38 11.74 0.15
CA ILE C 215 57.04 11.27 0.50
C ILE C 215 56.03 11.69 -0.56
N VAL C 216 55.92 13.01 -0.81
CA VAL C 216 54.79 13.56 -1.59
C VAL C 216 54.60 12.89 -2.95
N PRO C 217 55.62 12.77 -3.81
CA PRO C 217 55.37 12.13 -5.13
C PRO C 217 54.94 10.67 -5.01
N PHE C 218 55.52 9.91 -4.09
CA PHE C 218 55.04 8.55 -3.83
C PHE C 218 53.57 8.57 -3.43
N MET C 219 53.22 9.52 -2.57
CA MET C 219 51.85 9.65 -2.10
C MET C 219 50.88 9.91 -3.25
N ALA C 220 51.16 10.94 -4.07
CA ALA C 220 50.24 11.31 -5.13
C ALA C 220 50.13 10.24 -6.20
N VAL C 221 51.27 9.67 -6.62
CA VAL C 221 51.24 8.64 -7.67
C VAL C 221 50.51 7.40 -7.17
N PHE C 222 50.73 7.03 -5.90
CA PHE C 222 50.00 5.90 -5.33
C PHE C 222 48.50 6.11 -5.46
N TYR C 223 48.02 7.27 -4.99
CA TYR C 223 46.59 7.57 -5.02
C TYR C 223 46.08 7.73 -6.44
N ILE C 224 46.74 8.55 -7.24
CA ILE C 224 46.24 8.86 -8.58
C ILE C 224 46.15 7.60 -9.42
N LEU C 225 47.12 6.70 -9.27
CA LEU C 225 47.11 5.47 -10.05
C LEU C 225 45.86 4.66 -9.78
N ALA C 226 45.53 4.43 -8.51
CA ALA C 226 44.34 3.66 -8.17
C ALA C 226 43.09 4.26 -8.78
N GLY C 227 42.98 5.59 -8.79
CA GLY C 227 41.83 6.23 -9.41
C GLY C 227 41.76 6.01 -10.91
N LEU C 228 42.87 6.30 -11.61
CA LEU C 228 42.88 6.10 -13.06
C LEU C 228 42.80 4.62 -13.41
N VAL C 229 43.26 3.73 -12.52
CA VAL C 229 42.98 2.31 -12.68
C VAL C 229 41.47 2.07 -12.65
N ILE C 230 40.78 2.71 -11.70
CA ILE C 230 39.32 2.58 -11.63
C ILE C 230 38.67 3.16 -12.87
N LEU C 231 39.15 4.32 -13.32
CA LEU C 231 38.63 4.92 -14.54
C LEU C 231 38.86 4.01 -15.73
N ALA C 232 40.01 3.33 -15.77
CA ALA C 232 40.28 2.38 -16.84
C ALA C 232 39.27 1.24 -16.81
N MET C 233 38.96 0.73 -15.62
CA MET C 233 38.04 -0.41 -15.51
C MET C 233 36.61 -0.04 -15.88
N ASN C 234 36.22 1.22 -15.73
CA ASN C 234 34.85 1.68 -16.00
C ASN C 234 34.88 2.85 -16.99
N ILE C 235 35.37 2.58 -18.20
CA ILE C 235 35.54 3.62 -19.20
C ILE C 235 34.20 4.28 -19.55
N GLY C 236 33.16 3.46 -19.73
CA GLY C 236 31.88 4.00 -20.17
C GLY C 236 31.30 5.02 -19.21
N TYR C 237 31.54 4.85 -17.92
CA TYR C 237 31.00 5.71 -16.88
C TYR C 237 31.71 7.06 -16.78
N ILE C 238 32.80 7.27 -17.53
CA ILE C 238 33.57 8.51 -17.40
C ILE C 238 32.73 9.71 -17.79
N ILE C 239 32.32 9.77 -19.06
CA ILE C 239 31.60 10.93 -19.57
C ILE C 239 30.30 11.19 -18.80
N PRO C 240 29.49 10.18 -18.45
CA PRO C 240 28.32 10.48 -17.60
C PRO C 240 28.69 11.00 -16.23
N ALA C 241 29.77 10.49 -15.63
CA ALA C 241 30.22 11.06 -14.36
C ALA C 241 30.52 12.55 -14.52
N PHE C 242 31.18 12.93 -15.61
CA PHE C 242 31.38 14.35 -15.90
C PHE C 242 30.05 15.04 -16.14
N GLY C 243 29.14 14.36 -16.84
CA GLY C 243 27.84 14.96 -17.12
C GLY C 243 27.05 15.21 -15.85
N THR C 244 27.03 14.24 -14.94
CA THR C 244 26.30 14.39 -13.70
C THR C 244 26.85 15.53 -12.86
N ILE C 245 28.17 15.70 -12.86
CA ILE C 245 28.77 16.83 -12.15
C ILE C 245 28.34 18.15 -12.79
N PHE C 246 28.41 18.21 -14.13
CA PHE C 246 28.03 19.42 -14.85
C PHE C 246 26.53 19.64 -14.84
N SER C 247 25.75 18.55 -14.87
CA SER C 247 24.29 18.68 -14.77
C SER C 247 23.90 19.29 -13.44
N SER C 248 24.48 18.78 -12.35
CA SER C 248 24.42 19.50 -11.08
C SER C 248 25.29 20.74 -11.16
N ALA C 249 25.35 21.51 -10.07
CA ALA C 249 26.09 22.77 -10.02
C ALA C 249 25.44 23.83 -10.90
N PHE C 250 24.71 23.39 -11.93
CA PHE C 250 23.92 24.26 -12.79
C PHE C 250 22.45 23.85 -12.75
N ASN C 251 21.99 23.38 -11.59
CA ASN C 251 20.63 22.90 -11.41
C ASN C 251 19.82 23.98 -10.71
N PHE C 252 19.13 24.80 -11.51
CA PHE C 252 18.25 25.82 -10.99
C PHE C 252 16.84 25.32 -10.81
N SER C 253 16.64 24.00 -10.91
CA SER C 253 15.31 23.42 -10.81
C SER C 253 14.62 23.83 -9.52
N ALA C 254 15.37 23.90 -8.43
CA ALA C 254 14.84 24.30 -7.14
C ALA C 254 15.46 25.63 -6.74
N GLY C 255 14.61 26.59 -6.41
CA GLY C 255 15.05 27.86 -5.85
C GLY C 255 15.78 28.77 -6.82
N PHE C 256 15.54 30.08 -6.69
CA PHE C 256 16.19 31.07 -7.53
C PHE C 256 17.60 31.28 -6.99
N GLY C 257 18.58 30.64 -7.63
CA GLY C 257 19.92 30.62 -7.08
C GLY C 257 20.00 30.03 -5.69
N ALA C 258 19.12 29.09 -5.37
CA ALA C 258 19.18 28.42 -4.09
C ALA C 258 20.25 27.33 -4.06
N LEU C 259 20.89 27.05 -5.21
CA LEU C 259 22.08 26.21 -5.21
C LEU C 259 23.30 26.93 -4.64
N ILE C 260 23.23 28.25 -4.43
CA ILE C 260 24.28 28.93 -3.68
C ILE C 260 24.53 28.19 -2.37
N GLY C 261 23.46 27.90 -1.63
CA GLY C 261 23.61 27.18 -0.39
C GLY C 261 23.93 25.71 -0.55
N THR C 262 23.46 25.09 -1.63
CA THR C 262 23.68 23.65 -1.80
C THR C 262 25.07 23.32 -2.35
N ALA C 263 25.29 23.56 -3.64
CA ALA C 263 26.47 23.03 -4.31
C ALA C 263 27.66 23.99 -4.31
N ILE C 264 27.45 25.27 -4.65
CA ILE C 264 28.60 26.16 -4.80
C ILE C 264 29.26 26.41 -3.45
N MET C 265 28.47 26.63 -2.40
CA MET C 265 29.06 26.92 -1.09
C MET C 265 29.89 25.75 -0.60
N TRP C 266 29.38 24.53 -0.72
CA TRP C 266 30.13 23.38 -0.27
C TRP C 266 31.34 23.13 -1.16
N GLY C 267 31.20 23.36 -2.47
CA GLY C 267 32.36 23.24 -3.34
C GLY C 267 33.42 24.27 -3.03
N VAL C 268 33.01 25.53 -2.86
CA VAL C 268 33.96 26.60 -2.55
C VAL C 268 34.56 26.39 -1.16
N LYS C 269 33.71 26.22 -0.15
CA LYS C 269 34.20 26.06 1.22
C LYS C 269 35.16 24.90 1.34
N ARG C 270 34.81 23.75 0.76
CA ARG C 270 35.71 22.60 0.80
C ARG C 270 36.86 22.75 -0.19
N GLY C 271 36.63 23.46 -1.30
CA GLY C 271 37.72 23.71 -2.24
C GLY C 271 38.78 24.64 -1.68
N VAL C 272 38.34 25.78 -1.11
CA VAL C 272 39.26 26.69 -0.44
C VAL C 272 40.05 25.95 0.64
N PHE C 273 39.38 25.03 1.33
CA PHE C 273 40.06 24.25 2.35
C PHE C 273 41.18 23.41 1.76
N SER C 274 40.95 22.81 0.59
CA SER C 274 41.92 21.87 0.03
C SER C 274 43.16 22.59 -0.50
N ASN C 275 42.97 23.53 -1.43
CA ASN C 275 44.09 24.19 -2.09
C ASN C 275 44.65 25.37 -1.31
N GLU C 276 43.94 25.84 -0.27
CA GLU C 276 44.36 27.02 0.49
C GLU C 276 44.56 28.21 -0.43
N ALA C 277 43.59 28.43 -1.33
CA ALA C 277 43.72 29.44 -2.38
C ALA C 277 43.96 30.85 -1.86
N GLY C 278 42.92 31.48 -1.32
CA GLY C 278 43.02 32.78 -0.69
C GLY C 278 43.65 32.80 0.67
N LEU C 279 43.95 31.64 1.25
CA LEU C 279 44.35 31.59 2.64
C LEU C 279 45.73 32.19 2.88
N GLY C 280 46.51 32.41 1.83
CA GLY C 280 47.75 33.14 1.98
C GLY C 280 48.83 32.38 2.71
N SER C 281 48.64 31.09 2.95
CA SER C 281 49.61 30.27 3.67
C SER C 281 50.66 29.68 2.74
N ALA C 282 50.25 29.14 1.60
CA ALA C 282 51.18 28.45 0.69
C ALA C 282 52.42 29.24 0.29
N PRO C 283 52.39 30.56 0.07
CA PRO C 283 53.62 31.26 -0.27
C PRO C 283 54.69 31.21 0.80
N ILE C 284 54.34 30.89 2.05
CA ILE C 284 55.35 30.80 3.10
C ILE C 284 56.43 29.79 2.73
N ALA C 285 56.03 28.68 2.10
CA ALA C 285 57.02 27.71 1.63
C ALA C 285 57.74 28.21 0.39
N ALA C 286 57.04 28.95 -0.48
CA ALA C 286 57.67 29.47 -1.69
C ALA C 286 58.87 30.34 -1.38
N ALA C 287 58.86 31.00 -0.23
CA ALA C 287 59.97 31.89 0.14
C ALA C 287 61.26 31.11 0.34
N ALA C 288 61.18 29.89 0.86
CA ALA C 288 62.37 29.08 1.12
C ALA C 288 63.04 28.56 -0.14
N ALA C 289 62.51 28.86 -1.31
CA ALA C 289 63.09 28.38 -2.55
C ALA C 289 64.35 29.14 -2.93
N LYS C 290 65.27 28.44 -3.60
CA LYS C 290 66.43 29.06 -4.22
C LYS C 290 65.97 29.65 -5.54
N THR C 291 65.53 30.90 -5.49
CA THR C 291 64.91 31.55 -6.64
C THR C 291 65.71 32.79 -7.05
N ASP C 292 65.96 32.91 -8.35
CA ASP C 292 66.60 34.10 -8.88
C ASP C 292 65.67 35.31 -8.85
N HIS C 293 64.37 35.10 -9.09
CA HIS C 293 63.40 36.17 -9.10
C HIS C 293 62.10 35.66 -8.50
N PRO C 294 61.14 36.52 -8.14
CA PRO C 294 59.86 36.01 -7.63
C PRO C 294 59.11 35.18 -8.66
N GLY C 295 59.06 35.65 -9.91
CA GLY C 295 58.29 34.94 -10.93
C GLY C 295 58.76 33.54 -11.21
N ARG C 296 60.06 33.26 -11.03
CA ARG C 296 60.56 31.92 -11.30
C ARG C 296 59.93 30.90 -10.35
N GLN C 297 59.98 31.17 -9.04
CA GLN C 297 59.41 30.23 -8.09
C GLN C 297 57.90 30.38 -7.99
N ALA C 298 57.37 31.60 -8.16
CA ALA C 298 55.94 31.80 -8.02
C ALA C 298 55.15 30.99 -9.05
N LEU C 299 55.76 30.69 -10.20
CA LEU C 299 55.11 29.78 -11.14
C LEU C 299 55.10 28.36 -10.62
N VAL C 300 56.10 27.98 -9.83
CA VAL C 300 56.11 26.65 -9.25
C VAL C 300 54.99 26.50 -8.22
N SER C 301 54.78 27.52 -7.39
CA SER C 301 53.69 27.46 -6.42
C SER C 301 52.33 27.47 -7.11
N MET C 302 52.22 28.16 -8.24
CA MET C 302 50.97 28.19 -8.99
C MET C 302 50.51 26.80 -9.40
N THR C 303 51.42 25.83 -9.44
CA THR C 303 51.01 24.46 -9.73
C THR C 303 50.44 23.76 -8.52
N GLY C 304 50.47 24.40 -7.35
CA GLY C 304 49.95 23.78 -6.14
C GLY C 304 48.48 23.45 -6.25
N THR C 305 47.67 24.40 -6.70
CA THR C 305 46.25 24.12 -6.92
C THR C 305 46.06 23.02 -7.96
N PHE C 306 46.70 23.16 -9.12
CA PHE C 306 46.44 22.25 -10.23
C PHE C 306 46.66 20.79 -9.82
N LEU C 307 47.74 20.52 -9.09
CA LEU C 307 48.00 19.16 -8.64
C LEU C 307 47.03 18.75 -7.54
N ASP C 308 46.67 19.69 -6.66
CA ASP C 308 45.77 19.36 -5.56
C ASP C 308 44.35 19.13 -6.06
N THR C 309 43.68 20.20 -6.49
CA THR C 309 42.27 20.12 -6.86
C THR C 309 42.06 19.49 -8.22
N ILE C 310 42.63 20.09 -9.28
CA ILE C 310 42.34 19.65 -10.64
C ILE C 310 42.80 18.21 -10.87
N VAL C 311 43.83 17.76 -10.16
CA VAL C 311 44.29 16.38 -10.34
C VAL C 311 43.74 15.49 -9.24
N VAL C 312 44.26 15.62 -8.01
CA VAL C 312 43.92 14.67 -6.94
C VAL C 312 42.43 14.72 -6.63
N CYS C 313 41.92 15.91 -6.31
CA CYS C 313 40.51 16.03 -5.95
C CYS C 313 39.60 15.50 -7.06
N THR C 314 39.88 15.85 -8.31
CA THR C 314 39.09 15.35 -9.42
C THR C 314 39.10 13.84 -9.48
N ILE C 315 40.26 13.21 -9.20
CA ILE C 315 40.32 11.75 -9.11
C ILE C 315 39.42 11.25 -8.00
N THR C 316 39.46 11.89 -6.83
CA THR C 316 38.55 11.54 -5.75
C THR C 316 37.11 11.78 -6.18
N GLY C 317 36.83 12.96 -6.73
CA GLY C 317 35.47 13.29 -7.11
C GLY C 317 34.91 12.39 -8.19
N LEU C 318 35.75 11.99 -9.14
CA LEU C 318 35.27 11.10 -10.21
C LEU C 318 34.90 9.73 -9.67
N VAL C 319 35.72 9.17 -8.77
CA VAL C 319 35.41 7.86 -8.20
C VAL C 319 34.14 7.93 -7.38
N LEU C 320 33.94 9.02 -6.65
CA LEU C 320 32.74 9.15 -5.82
C LEU C 320 31.47 9.10 -6.64
N THR C 321 31.39 9.89 -7.71
CA THR C 321 30.20 9.87 -8.55
C THR C 321 30.00 8.51 -9.20
N ILE C 322 31.07 7.92 -9.72
CA ILE C 322 30.96 6.64 -10.41
C ILE C 322 30.36 5.57 -9.50
N ALA C 323 30.74 5.58 -8.21
CA ALA C 323 30.10 4.68 -7.25
C ALA C 323 28.61 4.97 -7.15
N GLY C 324 28.22 6.24 -7.18
CA GLY C 324 26.80 6.59 -7.18
C GLY C 324 26.09 6.18 -8.46
N LEU C 325 26.79 6.24 -9.59
CA LEU C 325 26.18 5.80 -10.85
C LEU C 325 25.94 4.29 -10.87
N LYS C 326 26.88 3.50 -10.32
CA LYS C 326 26.59 2.08 -10.10
C LYS C 326 25.46 1.87 -9.11
N ALA C 327 25.11 2.88 -8.33
CA ALA C 327 24.04 2.75 -7.33
C ALA C 327 24.36 1.65 -6.32
N PHE C 328 25.64 1.52 -5.99
CA PHE C 328 26.05 0.60 -4.94
C PHE C 328 25.22 0.86 -3.68
N PRO C 329 24.85 -0.18 -2.94
CA PRO C 329 23.97 0.03 -1.80
C PRO C 329 24.73 0.56 -0.60
N GLY C 330 24.03 1.34 0.22
CA GLY C 330 24.50 1.68 1.54
C GLY C 330 25.50 2.81 1.63
N LEU C 331 25.97 3.36 0.51
CA LEU C 331 26.91 4.48 0.60
C LEU C 331 26.22 5.81 0.91
N THR C 332 24.89 5.87 0.88
CA THR C 332 24.20 7.14 1.03
C THR C 332 24.43 7.77 2.41
N ASP C 333 24.60 6.94 3.45
CA ASP C 333 24.77 7.50 4.78
C ASP C 333 26.15 7.21 5.35
N LEU C 334 27.18 7.71 4.67
CA LEU C 334 28.56 7.56 5.08
C LEU C 334 29.15 8.91 5.45
N THR C 335 30.02 8.89 6.48
CA THR C 335 30.41 10.13 7.15
C THR C 335 31.27 11.02 6.24
N GLY C 336 32.39 10.51 5.76
CA GLY C 336 33.30 11.32 4.96
C GLY C 336 34.47 10.54 4.39
N ALA C 337 35.50 10.33 5.20
CA ALA C 337 36.63 9.51 4.77
C ALA C 337 36.19 8.08 4.49
N SER C 338 35.23 7.58 5.27
CA SER C 338 34.73 6.23 5.05
C SER C 338 34.00 6.10 3.73
N LEU C 339 33.37 7.19 3.25
CA LEU C 339 32.64 7.13 1.99
C LEU C 339 33.56 6.86 0.81
N THR C 340 34.62 7.66 0.67
CA THR C 340 35.52 7.49 -0.46
C THR C 340 36.17 6.12 -0.44
N ALA C 341 36.65 5.70 0.72
CA ALA C 341 37.23 4.36 0.86
C ALA C 341 36.20 3.29 0.48
N ALA C 342 34.96 3.46 0.92
CA ALA C 342 33.89 2.55 0.50
C ALA C 342 33.64 2.68 -1.00
N SER C 343 33.67 3.91 -1.53
CA SER C 343 33.50 4.10 -2.96
C SER C 343 34.65 3.47 -3.74
N PHE C 344 35.87 3.52 -3.18
CA PHE C 344 36.99 2.85 -3.83
C PHE C 344 36.85 1.34 -3.75
N ASP C 345 36.57 0.81 -2.55
CA ASP C 345 36.51 -0.63 -2.37
C ASP C 345 35.44 -1.25 -3.24
N ALA C 346 34.41 -0.47 -3.60
CA ALA C 346 33.38 -0.95 -4.50
C ALA C 346 33.93 -1.19 -5.91
N LEU C 347 34.75 -0.27 -6.41
CA LEU C 347 35.19 -0.31 -7.80
C LEU C 347 36.49 -1.07 -8.03
N MET C 348 37.39 -1.13 -7.06
CA MET C 348 38.67 -1.79 -7.23
C MET C 348 38.90 -2.77 -6.10
N PRO C 349 39.78 -3.77 -6.28
CA PRO C 349 39.88 -4.85 -5.28
C PRO C 349 40.22 -4.41 -3.87
N MET C 350 41.26 -3.60 -3.69
CA MET C 350 41.72 -3.21 -2.35
C MET C 350 41.55 -1.72 -2.12
N GLY C 351 40.47 -1.16 -2.67
CA GLY C 351 40.23 0.28 -2.55
C GLY C 351 40.15 0.77 -1.12
N GLY C 352 39.59 -0.06 -0.23
CA GLY C 352 39.52 0.34 1.17
C GLY C 352 40.89 0.52 1.80
N LEU C 353 41.74 -0.50 1.70
CA LEU C 353 43.10 -0.40 2.24
C LEU C 353 43.90 0.68 1.53
N ILE C 354 43.67 0.88 0.23
CA ILE C 354 44.41 1.89 -0.52
C ILE C 354 44.14 3.28 0.04
N VAL C 355 42.86 3.65 0.15
CA VAL C 355 42.51 5.01 0.57
C VAL C 355 42.99 5.28 2.00
N THR C 356 42.80 4.32 2.91
CA THR C 356 43.26 4.53 4.28
C THR C 356 44.77 4.62 4.35
N ILE C 357 45.49 3.90 3.48
CA ILE C 357 46.94 4.06 3.41
C ILE C 357 47.30 5.48 2.99
N GLY C 358 46.66 5.97 1.93
CA GLY C 358 46.92 7.33 1.48
C GLY C 358 46.55 8.36 2.53
N LEU C 359 45.42 8.18 3.20
CA LEU C 359 45.00 9.14 4.22
C LEU C 359 46.06 9.35 5.29
N VAL C 360 46.78 8.29 5.65
CA VAL C 360 47.85 8.43 6.64
C VAL C 360 48.94 9.35 6.10
N PHE C 361 49.39 9.11 4.87
CA PHE C 361 50.41 9.96 4.28
C PHE C 361 49.85 11.34 3.91
N PHE C 362 48.62 11.38 3.44
CA PHE C 362 47.98 12.66 3.12
C PHE C 362 47.98 13.60 4.33
N ALA C 363 47.62 13.07 5.50
CA ALA C 363 47.60 13.89 6.71
C ALA C 363 49.00 14.14 7.26
N TYR C 364 49.80 13.08 7.42
CA TYR C 364 51.17 13.24 7.89
C TYR C 364 51.93 14.27 7.08
N SER C 365 51.77 14.25 5.75
CA SER C 365 52.35 15.28 4.91
C SER C 365 51.88 16.66 5.33
N THR C 366 50.57 16.82 5.53
CA THR C 366 49.99 18.11 5.88
C THR C 366 50.34 18.53 7.31
N VAL C 367 50.63 17.57 8.20
CA VAL C 367 51.05 17.93 9.55
C VAL C 367 52.40 18.63 9.51
N LEU C 368 53.36 18.05 8.77
CA LEU C 368 54.71 18.60 8.73
C LEU C 368 54.73 20.00 8.13
N GLY C 369 54.10 20.16 6.97
CA GLY C 369 54.10 21.44 6.28
C GLY C 369 53.53 22.56 7.12
N TRP C 370 52.28 22.41 7.55
CA TRP C 370 51.62 23.48 8.32
C TRP C 370 52.34 23.76 9.63
N SER C 371 53.15 22.82 10.12
CA SER C 371 54.04 23.13 11.23
C SER C 371 54.98 24.28 10.87
N TYR C 372 55.61 24.20 9.70
CA TYR C 372 56.48 25.27 9.22
C TYR C 372 55.70 26.55 8.96
N TYR C 373 54.54 26.43 8.30
CA TYR C 373 53.65 27.56 8.08
C TYR C 373 53.34 28.30 9.38
N GLY C 374 52.99 27.55 10.42
CA GLY C 374 52.68 28.18 11.69
C GLY C 374 53.92 28.68 12.40
N GLU C 375 55.03 27.94 12.28
CA GLU C 375 56.28 28.38 12.86
C GLU C 375 56.64 29.78 12.36
N LYS C 376 56.65 29.96 11.04
CA LYS C 376 57.01 31.24 10.47
C LYS C 376 55.99 32.31 10.84
N CYS C 377 54.70 31.95 10.89
CA CYS C 377 53.70 32.91 11.36
C CYS C 377 53.91 33.25 12.82
N PHE C 378 54.32 32.27 13.63
CA PHE C 378 54.56 32.54 15.05
C PHE C 378 55.78 33.42 15.26
N GLU C 379 56.89 33.11 14.57
CA GLU C 379 58.13 33.83 14.83
C GLU C 379 58.01 35.31 14.45
N TYR C 380 57.15 35.66 13.50
CA TYR C 380 56.90 37.08 13.25
C TYR C 380 56.46 37.78 14.52
N LEU C 381 55.70 37.09 15.37
CA LEU C 381 55.22 37.68 16.62
C LEU C 381 56.29 37.61 17.71
N ILE C 382 56.89 36.43 17.91
CA ILE C 382 57.75 36.20 19.07
C ILE C 382 59.21 36.10 18.71
N GLY C 383 59.57 35.98 17.44
CA GLY C 383 60.95 35.80 17.07
C GLY C 383 61.40 34.36 17.23
N THR C 384 62.68 34.14 17.02
CA THR C 384 63.23 32.79 17.13
C THR C 384 63.45 32.34 18.57
N LYS C 385 63.06 33.13 19.57
CA LYS C 385 63.26 32.68 20.95
C LYS C 385 62.35 31.48 21.25
N GLY C 386 61.10 31.54 20.81
CA GLY C 386 60.14 30.48 21.02
C GLY C 386 59.91 29.55 19.85
N ILE C 387 60.72 29.64 18.80
CA ILE C 387 60.50 28.82 17.61
C ILE C 387 60.55 27.33 17.96
N ARG C 388 61.42 26.95 18.91
CA ARG C 388 61.45 25.56 19.34
C ARG C 388 60.21 25.18 20.14
N LEU C 389 59.66 26.12 20.92
CA LEU C 389 58.43 25.82 21.66
C LEU C 389 57.29 25.47 20.73
N TYR C 390 57.16 26.20 19.61
CA TYR C 390 56.08 25.94 18.67
C TYR C 390 56.08 24.51 18.18
N ARG C 391 57.27 23.97 17.86
CA ARG C 391 57.35 22.61 17.34
C ARG C 391 56.91 21.61 18.39
N ILE C 392 57.30 21.83 19.65
CA ILE C 392 56.93 20.91 20.72
C ILE C 392 55.43 20.91 20.93
N ALA C 393 54.81 22.10 20.84
CA ALA C 393 53.36 22.19 20.92
C ALA C 393 52.70 21.45 19.76
N PHE C 394 53.20 21.70 18.54
CA PHE C 394 52.63 21.05 17.36
C PHE C 394 52.66 19.53 17.46
N VAL C 395 53.74 18.97 18.02
CA VAL C 395 53.80 17.52 18.16
C VAL C 395 52.79 17.04 19.19
N LEU C 396 52.70 17.73 20.32
CA LEU C 396 51.74 17.33 21.35
C LEU C 396 50.30 17.46 20.86
N VAL C 397 49.98 18.59 20.22
CA VAL C 397 48.63 18.78 19.72
C VAL C 397 48.27 17.72 18.69
N ALA C 398 49.27 17.25 17.93
CA ALA C 398 49.02 16.13 17.02
C ALA C 398 48.64 14.88 17.80
N PHE C 399 49.32 14.63 18.91
CA PHE C 399 48.98 13.48 19.76
C PHE C 399 47.58 13.64 20.35
N TRP C 400 47.30 14.80 20.96
CA TRP C 400 45.98 15.03 21.55
C TRP C 400 44.88 14.98 20.50
N GLY C 401 45.14 15.55 19.32
CA GLY C 401 44.12 15.58 18.27
C GLY C 401 43.65 14.21 17.86
N ALA C 402 44.54 13.21 17.89
CA ALA C 402 44.15 11.87 17.51
C ALA C 402 43.26 11.21 18.56
N THR C 403 43.47 11.53 19.84
CA THR C 403 42.70 10.94 20.93
C THR C 403 41.41 11.71 21.24
N ALA C 404 41.46 13.04 21.16
CA ALA C 404 40.35 13.86 21.60
C ALA C 404 39.15 13.72 20.66
N SER C 405 38.02 14.23 21.12
CA SER C 405 36.77 14.18 20.36
C SER C 405 36.53 15.54 19.71
N LEU C 406 36.74 15.62 18.40
CA LEU C 406 36.58 16.86 17.63
C LEU C 406 35.63 16.61 16.47
N PRO C 407 34.33 16.45 16.76
CA PRO C 407 33.37 16.14 15.69
C PRO C 407 33.21 17.26 14.68
N LEU C 408 33.08 18.49 15.18
CA LEU C 408 32.83 19.67 14.36
C LEU C 408 34.09 20.53 14.22
N VAL C 409 35.27 19.91 14.21
CA VAL C 409 36.52 20.67 14.19
C VAL C 409 36.65 21.46 12.89
N TRP C 410 36.14 20.91 11.78
CA TRP C 410 36.24 21.60 10.49
C TRP C 410 35.59 22.97 10.55
N ASN C 411 34.47 23.09 11.27
CA ASN C 411 33.76 24.36 11.32
C ASN C 411 34.60 25.43 12.01
N ILE C 412 35.22 25.08 13.14
CA ILE C 412 36.11 26.04 13.80
C ILE C 412 37.40 26.19 13.01
N ALA C 413 37.81 25.14 12.29
CA ALA C 413 38.97 25.25 11.40
C ALA C 413 38.71 26.28 10.32
N ASP C 414 37.59 26.13 9.62
CA ASP C 414 37.27 27.03 8.52
C ASP C 414 37.16 28.48 8.97
N THR C 415 36.74 28.72 10.22
CA THR C 415 36.67 30.10 10.71
C THR C 415 38.06 30.69 10.85
N LEU C 416 39.00 29.92 11.40
CA LEU C 416 40.38 30.36 11.50
C LEU C 416 40.95 30.66 10.12
N ASN C 417 40.65 29.79 9.15
CA ASN C 417 41.02 30.01 7.77
C ASN C 417 40.52 31.36 7.28
N GLY C 418 39.27 31.69 7.62
CA GLY C 418 38.76 33.00 7.26
C GLY C 418 39.53 34.11 7.92
N ALA C 419 39.93 33.91 9.17
CA ALA C 419 40.77 34.88 9.86
C ALA C 419 42.10 35.07 9.13
N MET C 420 42.73 33.97 8.71
CA MET C 420 43.95 34.06 7.91
C MET C 420 43.68 34.75 6.58
N ALA C 421 42.55 34.45 5.94
CA ALA C 421 42.32 34.89 4.57
C ALA C 421 42.13 36.40 4.48
N ILE C 422 41.40 36.98 5.44
CA ILE C 422 41.01 38.40 5.33
C ILE C 422 42.22 39.30 5.12
N PRO C 423 43.28 39.27 5.95
CA PRO C 423 44.39 40.20 5.73
C PRO C 423 45.11 39.95 4.41
N ASN C 424 45.48 38.70 4.13
CA ASN C 424 46.23 38.38 2.92
C ASN C 424 45.47 38.83 1.68
N LEU C 425 44.15 38.60 1.65
CA LEU C 425 43.35 39.02 0.51
C LEU C 425 43.42 40.53 0.30
N ILE C 426 43.32 41.30 1.39
CA ILE C 426 43.46 42.75 1.29
C ILE C 426 44.81 43.12 0.69
N GLY C 427 45.87 42.45 1.14
CA GLY C 427 47.19 42.72 0.58
C GLY C 427 47.27 42.41 -0.90
N LEU C 428 46.75 41.25 -1.30
CA LEU C 428 46.79 40.89 -2.72
C LEU C 428 46.06 41.91 -3.58
N LEU C 429 44.95 42.46 -3.07
CA LEU C 429 44.26 43.52 -3.78
C LEU C 429 45.11 44.78 -3.86
N LEU C 430 45.62 45.25 -2.71
CA LEU C 430 46.35 46.50 -2.66
C LEU C 430 47.66 46.42 -3.43
N LEU C 431 48.38 45.32 -3.27
CA LEU C 431 49.70 45.15 -3.89
C LEU C 431 49.60 44.50 -5.27
N SER C 432 48.45 44.58 -5.91
CA SER C 432 48.30 44.05 -7.26
C SER C 432 49.22 44.73 -8.25
N GLY C 433 49.50 46.02 -8.05
CA GLY C 433 50.42 46.72 -8.93
C GLY C 433 51.83 46.15 -8.89
N VAL C 434 52.25 45.69 -7.71
CA VAL C 434 53.58 45.11 -7.57
C VAL C 434 53.70 43.83 -8.39
N VAL C 435 52.73 42.93 -8.22
CA VAL C 435 52.80 41.64 -8.89
C VAL C 435 52.68 41.80 -10.39
N VAL C 436 51.72 42.63 -10.85
CA VAL C 436 51.55 42.78 -12.30
C VAL C 436 52.80 43.35 -12.94
N SER C 437 53.51 44.23 -12.23
CA SER C 437 54.79 44.73 -12.73
C SER C 437 55.85 43.63 -12.71
N GLU C 438 56.02 42.96 -11.57
CA GLU C 438 57.04 41.94 -11.47
C GLU C 438 56.76 40.78 -12.41
N THR C 439 55.49 40.52 -12.73
CA THR C 439 55.17 39.52 -13.75
C THR C 439 55.59 40.02 -15.12
N LYS C 440 55.22 41.25 -15.46
CA LYS C 440 55.60 41.84 -16.73
C LYS C 440 57.11 41.95 -16.86
N ALA C 441 57.84 41.83 -15.75
CA ALA C 441 59.29 41.77 -15.79
C ALA C 441 59.78 40.35 -16.08
N PHE C 442 59.28 39.36 -15.32
CA PHE C 442 59.78 38.00 -15.46
C PHE C 442 59.48 37.42 -16.83
N ASN C 443 58.26 37.62 -17.35
CA ASN C 443 57.95 37.11 -18.68
C ASN C 443 58.82 37.77 -19.74
N GLU C 444 59.30 38.98 -19.48
CA GLU C 444 60.33 39.56 -20.34
C GLU C 444 61.64 38.79 -20.24
N ILE C 445 61.98 38.34 -19.03
CA ILE C 445 63.18 37.52 -18.86
C ILE C 445 63.01 36.19 -19.58
N ARG C 446 61.77 35.70 -19.70
CA ARG C 446 61.56 34.39 -20.29
C ARG C 446 61.56 34.42 -21.82
N LYS C 447 61.56 35.61 -22.43
CA LYS C 447 61.67 35.65 -23.88
C LYS C 447 63.12 35.65 -24.32
N ASN C 448 64.02 36.11 -23.46
CA ASN C 448 65.43 36.14 -23.75
C ASN C 448 66.07 34.74 -23.74
N GLU C 449 65.35 33.73 -23.24
CA GLU C 449 65.77 32.34 -23.34
C GLU C 449 65.50 31.73 -24.69
N ALA C 450 64.85 32.45 -25.60
CA ALA C 450 64.93 32.09 -27.00
C ALA C 450 66.29 32.50 -27.52
N LYS C 451 67.33 31.76 -27.12
CA LYS C 451 68.71 32.04 -27.52
C LYS C 451 69.60 30.87 -27.13
N GLU D 1 18.65 -7.78 4.41
CA GLU D 1 19.89 -7.05 4.17
C GLU D 1 20.62 -6.76 5.47
N VAL D 2 20.62 -5.50 5.88
CA VAL D 2 21.28 -5.09 7.11
C VAL D 2 20.31 -5.26 8.25
N LYS D 3 20.87 -5.56 9.42
CA LYS D 3 20.10 -5.80 10.63
C LYS D 3 20.58 -4.88 11.73
N LEU D 4 19.63 -4.26 12.43
CA LEU D 4 19.91 -3.52 13.66
C LEU D 4 18.86 -3.97 14.67
N GLU D 5 19.29 -4.70 15.68
CA GLU D 5 18.40 -5.15 16.74
C GLU D 5 18.87 -4.56 18.05
N GLU D 6 18.06 -3.70 18.65
CA GLU D 6 18.36 -3.16 19.96
C GLU D 6 18.04 -4.20 21.03
N SER D 7 18.62 -4.01 22.21
CA SER D 7 18.40 -4.90 23.33
C SER D 7 18.75 -4.16 24.62
N GLY D 8 18.33 -4.73 25.75
CA GLY D 8 18.71 -4.24 27.05
C GLY D 8 17.71 -3.33 27.73
N GLY D 9 16.62 -2.95 27.05
CA GLY D 9 15.61 -2.12 27.67
C GLY D 9 15.03 -2.76 28.91
N GLY D 10 14.30 -1.96 29.69
CA GLY D 10 13.68 -2.49 30.89
C GLY D 10 13.05 -1.39 31.72
N LEU D 11 12.75 -1.76 32.97
CA LEU D 11 12.19 -0.85 33.97
C LEU D 11 13.28 -0.56 35.00
N VAL D 12 13.54 0.72 35.23
CA VAL D 12 14.59 1.14 36.16
C VAL D 12 14.08 2.34 36.95
N GLN D 13 14.40 2.36 38.23
CA GLN D 13 13.95 3.41 39.11
C GLN D 13 14.68 4.71 38.79
N PRO D 14 14.09 5.86 39.13
CA PRO D 14 14.78 7.13 38.89
C PRO D 14 16.09 7.19 39.66
N GLY D 15 17.11 7.78 39.03
CA GLY D 15 18.46 7.77 39.55
C GLY D 15 19.24 6.52 39.21
N GLY D 16 18.60 5.47 38.75
CA GLY D 16 19.28 4.25 38.39
C GLY D 16 20.04 4.38 37.08
N SER D 17 20.56 3.25 36.63
CA SER D 17 21.37 3.20 35.43
C SER D 17 21.12 1.89 34.69
N MET D 18 21.39 1.91 33.39
CA MET D 18 21.43 0.70 32.58
C MET D 18 22.01 1.08 31.24
N LYS D 19 22.55 0.09 30.54
CA LYS D 19 23.13 0.34 29.22
C LYS D 19 22.41 -0.53 28.20
N LEU D 20 22.06 0.09 27.09
CA LEU D 20 21.39 -0.58 25.99
C LEU D 20 22.43 -1.09 25.01
N SER D 21 22.00 -2.00 24.13
CA SER D 21 22.88 -2.58 23.15
C SER D 21 22.14 -2.63 21.81
N CYS D 22 22.92 -2.61 20.73
CA CYS D 22 22.36 -2.66 19.38
C CYS D 22 23.30 -3.51 18.52
N ALA D 23 23.09 -4.81 18.57
CA ALA D 23 23.83 -5.73 17.72
C ALA D 23 23.49 -5.47 16.26
N ALA D 24 24.50 -5.21 15.44
CA ALA D 24 24.32 -4.91 14.03
C ALA D 24 24.98 -5.99 13.18
N SER D 25 24.41 -6.20 12.00
CA SER D 25 24.84 -7.25 11.07
C SER D 25 24.33 -6.89 9.69
N GLY D 26 24.83 -7.60 8.68
CA GLY D 26 24.42 -7.36 7.31
C GLY D 26 25.20 -6.26 6.63
N PHE D 27 26.14 -5.63 7.32
CA PHE D 27 26.98 -4.56 6.80
C PHE D 27 28.19 -4.43 7.72
N THR D 28 28.97 -3.37 7.52
CA THR D 28 30.22 -3.15 8.25
C THR D 28 29.98 -2.06 9.28
N SER D 29 29.77 -2.46 10.53
CA SER D 29 29.50 -1.50 11.59
C SER D 29 30.59 -0.46 11.72
N SER D 30 31.82 -0.82 11.33
CA SER D 30 32.97 0.07 11.51
C SER D 30 32.92 1.26 10.56
N ASP D 31 32.42 1.07 9.34
CA ASP D 31 32.45 2.17 8.40
C ASP D 31 31.41 3.24 8.72
N PHE D 32 30.30 2.86 9.33
CA PHE D 32 29.17 3.75 9.48
C PHE D 32 29.14 4.37 10.88
N ALA D 33 28.87 5.67 10.93
CA ALA D 33 28.68 6.37 12.19
C ALA D 33 27.27 6.14 12.70
N MET D 34 27.13 6.02 14.01
CA MET D 34 25.87 5.63 14.61
C MET D 34 25.29 6.71 15.50
N ASP D 35 23.97 6.74 15.56
CA ASP D 35 23.22 7.70 16.36
C ASP D 35 22.23 6.94 17.23
N TRP D 36 21.78 7.59 18.29
CA TRP D 36 20.68 7.12 19.12
C TRP D 36 19.54 8.12 19.07
N VAL D 37 18.37 7.67 18.65
CA VAL D 37 17.18 8.52 18.59
C VAL D 37 16.11 7.89 19.45
N ARG D 38 15.45 8.70 20.29
CA ARG D 38 14.45 8.18 21.20
C ARG D 38 13.11 8.87 20.93
N GLN D 39 12.05 8.11 21.14
CA GLN D 39 10.68 8.59 20.98
C GLN D 39 9.95 8.40 22.29
N SER D 40 9.42 9.49 22.84
CA SER D 40 8.68 9.45 24.09
C SER D 40 7.31 8.81 23.85
N PRO D 41 6.58 8.44 24.91
CA PRO D 41 5.25 7.82 24.71
C PRO D 41 4.27 8.69 23.93
N GLU D 42 4.63 9.94 23.62
CA GLU D 42 3.76 10.85 22.90
C GLU D 42 4.29 11.16 21.49
N ALA D 43 5.20 10.32 20.98
CA ALA D 43 5.81 10.45 19.65
C ALA D 43 6.71 11.69 19.58
N GLY D 44 7.57 11.85 20.58
CA GLY D 44 8.40 13.05 20.63
C GLY D 44 9.47 13.08 19.56
N LEU D 45 10.22 11.98 19.42
CA LEU D 45 11.36 11.86 18.50
C LEU D 45 12.46 12.85 18.84
N GLU D 46 13.40 12.43 19.69
CA GLU D 46 14.50 13.27 20.16
C GLU D 46 15.83 12.56 19.95
N TRP D 47 16.80 13.30 19.40
CA TRP D 47 18.14 12.78 19.17
C TRP D 47 18.92 12.76 20.48
N VAL D 48 19.77 11.73 20.65
CA VAL D 48 20.43 11.45 21.92
C VAL D 48 21.96 11.50 21.80
N ALA D 49 22.54 10.77 20.84
CA ALA D 49 24.00 10.68 20.80
C ALA D 49 24.52 10.34 19.41
N GLU D 50 25.81 10.66 19.19
CA GLU D 50 26.51 10.39 17.94
C GLU D 50 27.83 9.70 18.24
N ILE D 51 28.30 8.89 17.29
CA ILE D 51 29.59 8.21 17.41
C ILE D 51 29.98 7.72 16.03
N ALA D 52 31.29 7.65 15.78
CA ALA D 52 31.84 7.19 14.51
C ALA D 52 32.80 6.02 14.70
N ALA D 53 33.75 6.16 15.62
CA ALA D 53 34.62 5.08 16.10
C ALA D 53 35.62 5.70 17.06
N SER D 54 35.52 7.01 17.26
CA SER D 54 36.50 7.75 18.04
C SER D 54 35.85 8.84 18.86
N GLU D 55 35.19 9.78 18.20
CA GLU D 55 34.65 10.97 18.84
C GLU D 55 33.12 10.95 18.82
N ARG D 56 32.55 11.66 19.81
CA ARG D 56 31.13 11.57 20.11
C ARG D 56 30.58 12.96 20.39
N HIS D 57 29.29 13.13 20.10
CA HIS D 57 28.60 14.38 20.41
C HIS D 57 27.29 14.05 21.09
N TYR D 58 26.88 14.89 22.04
CA TYR D 58 25.73 14.61 22.89
C TYR D 58 24.78 15.81 22.91
N ALA D 59 23.49 15.53 23.02
CA ALA D 59 22.55 16.61 23.22
C ALA D 59 22.65 17.14 24.64
N GLU D 60 22.41 18.44 24.80
CA GLU D 60 22.54 19.06 26.11
C GLU D 60 21.56 18.47 27.11
N SER D 61 20.42 17.96 26.62
CA SER D 61 19.43 17.38 27.52
C SER D 61 19.99 16.23 28.33
N VAL D 62 20.97 15.49 27.78
CA VAL D 62 21.52 14.30 28.41
C VAL D 62 23.02 14.40 28.67
N LYS D 63 23.65 15.53 28.36
CA LYS D 63 25.10 15.65 28.52
C LYS D 63 25.53 15.36 29.95
N GLY D 64 26.47 14.44 30.10
CA GLY D 64 27.00 14.07 31.39
C GLY D 64 26.28 12.90 32.06
N ARG D 65 25.07 12.59 31.64
CA ARG D 65 24.33 11.45 32.16
C ARG D 65 24.24 10.29 31.18
N PHE D 66 24.63 10.49 29.92
CA PHE D 66 24.68 9.40 28.96
C PHE D 66 26.11 9.23 28.49
N THR D 67 26.44 8.00 28.11
CA THR D 67 27.75 7.69 27.54
C THR D 67 27.54 6.75 26.38
N ILE D 68 27.81 7.21 25.17
CA ILE D 68 27.67 6.36 24.00
C ILE D 68 29.00 5.66 23.76
N SER D 69 28.92 4.38 23.41
CA SER D 69 30.09 3.54 23.23
C SER D 69 29.84 2.65 22.02
N ARG D 70 30.90 1.99 21.54
CA ARG D 70 30.76 1.08 20.41
C ARG D 70 31.90 0.07 20.46
N ASP D 71 31.68 -1.07 19.81
CA ASP D 71 32.65 -2.17 19.78
C ASP D 71 32.58 -2.82 18.39
N ASP D 72 33.34 -2.26 17.43
CA ASP D 72 33.26 -2.74 16.05
C ASP D 72 33.67 -4.21 15.92
N SER D 73 34.38 -4.77 16.90
CA SER D 73 34.71 -6.19 16.84
C SER D 73 33.47 -7.05 17.03
N LYS D 74 32.64 -6.70 18.02
CA LYS D 74 31.40 -7.42 18.27
C LYS D 74 30.23 -6.85 17.49
N SER D 75 30.49 -5.91 16.58
CA SER D 75 29.48 -5.29 15.72
C SER D 75 28.26 -4.85 16.50
N SER D 76 28.48 -4.23 17.64
CA SER D 76 27.39 -3.71 18.44
C SER D 76 27.73 -2.33 18.98
N VAL D 77 26.69 -1.49 19.06
CA VAL D 77 26.79 -0.17 19.65
C VAL D 77 26.07 -0.22 20.99
N TYR D 78 26.51 0.63 21.91
CA TYR D 78 25.95 0.70 23.24
C TYR D 78 25.45 2.11 23.50
N LEU D 79 24.62 2.26 24.53
CA LEU D 79 24.30 3.56 25.08
C LEU D 79 24.12 3.36 26.58
N GLN D 80 25.01 3.93 27.37
CA GLN D 80 24.94 3.76 28.81
C GLN D 80 24.28 4.99 29.41
N MET D 81 23.20 4.73 30.15
CA MET D 81 22.38 5.74 30.76
C MET D 81 22.56 5.61 32.27
N ASN D 82 22.82 6.72 32.95
CA ASN D 82 22.91 6.71 34.40
C ASN D 82 22.33 8.00 34.95
N SER D 83 21.98 7.96 36.23
CA SER D 83 21.25 9.04 36.89
C SER D 83 20.01 9.43 36.07
N LEU D 84 19.18 8.42 35.80
CA LEU D 84 18.03 8.57 34.92
C LEU D 84 16.90 9.37 35.56
N ARG D 85 16.12 10.03 34.71
CA ARG D 85 14.99 10.84 35.13
C ARG D 85 13.70 10.27 34.57
N ALA D 86 12.57 10.79 35.07
CA ALA D 86 11.27 10.38 34.56
C ALA D 86 11.13 10.74 33.08
N GLU D 87 11.67 11.88 32.68
CA GLU D 87 11.53 12.30 31.29
C GLU D 87 12.29 11.41 30.32
N ASP D 88 13.26 10.62 30.80
CA ASP D 88 14.00 9.73 29.90
C ASP D 88 13.20 8.52 29.41
N SER D 89 11.93 8.37 29.76
CA SER D 89 11.15 7.26 29.21
C SER D 89 10.92 7.44 27.73
N GLY D 90 11.18 6.40 26.96
CA GLY D 90 10.96 6.44 25.53
C GLY D 90 11.43 5.16 24.89
N LEU D 91 11.17 5.06 23.59
CA LEU D 91 11.70 3.97 22.78
C LEU D 91 13.04 4.44 22.25
N TYR D 92 14.11 3.71 22.57
CA TYR D 92 15.44 4.08 22.13
C TYR D 92 15.79 3.31 20.86
N TYR D 93 16.05 4.07 19.80
CA TYR D 93 16.30 3.55 18.47
C TYR D 93 17.78 3.62 18.12
N CYS D 94 18.25 2.61 17.42
CA CYS D 94 19.59 2.52 16.89
C CYS D 94 19.55 2.92 15.41
N THR D 95 20.54 3.69 14.95
CA THR D 95 20.48 4.14 13.57
C THR D 95 21.85 4.59 13.06
N ARG D 96 21.90 4.77 11.74
CA ARG D 96 23.05 5.24 10.99
C ARG D 96 22.82 6.68 10.53
N THR D 97 23.85 7.50 10.63
CA THR D 97 23.73 8.94 10.44
C THR D 97 24.68 9.47 9.38
N ALA D 98 24.33 10.64 8.84
CA ALA D 98 25.19 11.35 7.90
C ALA D 98 24.52 12.62 7.40
N GLY D 99 23.36 12.48 6.76
CA GLY D 99 22.52 13.62 6.47
C GLY D 99 21.06 13.31 6.70
N ALA D 100 20.68 12.06 6.44
CA ALA D 100 19.34 11.56 6.68
C ALA D 100 19.45 10.25 7.42
N CYS D 101 18.44 9.95 8.25
CA CYS D 101 18.43 8.72 9.05
C CYS D 101 17.75 7.64 8.23
N GLY D 102 18.55 6.90 7.46
CA GLY D 102 18.00 5.97 6.50
C GLY D 102 17.68 4.60 7.07
N GLN D 103 18.65 3.93 7.69
CA GLN D 103 18.43 2.58 8.20
C GLN D 103 18.27 2.66 9.71
N TRP D 104 17.06 2.37 10.19
CA TRP D 104 16.68 2.46 11.59
C TRP D 104 16.67 1.07 12.22
N GLY D 105 16.48 1.06 13.53
CA GLY D 105 16.47 -0.17 14.30
C GLY D 105 15.07 -0.65 14.64
N THR D 106 15.03 -1.70 15.46
CA THR D 106 13.78 -2.27 15.95
C THR D 106 13.18 -1.44 17.07
N GLY D 107 14.01 -1.01 18.01
CA GLY D 107 13.61 -0.21 19.15
C GLY D 107 13.59 -1.02 20.43
N THR D 108 14.05 -0.41 21.53
CA THR D 108 13.90 -1.02 22.85
C THR D 108 13.39 0.01 23.82
N THR D 109 12.64 -0.45 24.81
CA THR D 109 11.77 0.39 25.61
C THR D 109 12.35 0.61 27.00
N VAL D 110 12.37 1.87 27.43
CA VAL D 110 12.81 2.23 28.77
C VAL D 110 11.64 2.87 29.52
N THR D 111 11.38 2.38 30.72
CA THR D 111 10.38 2.96 31.62
C THR D 111 11.09 3.34 32.91
N VAL D 112 11.11 4.64 33.22
CA VAL D 112 11.74 5.15 34.43
C VAL D 112 10.63 5.61 35.36
N SER D 113 10.39 4.81 36.40
CA SER D 113 9.35 5.17 37.37
C SER D 113 9.59 4.39 38.65
N SER D 114 9.23 5.00 39.77
CA SER D 114 9.34 4.34 41.06
C SER D 114 8.25 3.31 41.28
N ALA D 115 7.34 3.15 40.31
CA ALA D 115 6.25 2.21 40.46
C ALA D 115 6.77 0.78 40.54
N LYS D 116 5.96 -0.08 41.14
CA LYS D 116 6.35 -1.46 41.41
C LYS D 116 5.71 -2.37 40.37
N THR D 117 6.49 -3.31 39.83
CA THR D 117 5.95 -4.25 38.86
C THR D 117 4.80 -5.05 39.48
N THR D 118 3.66 -5.07 38.80
CA THR D 118 2.45 -5.68 39.34
C THR D 118 1.75 -6.48 38.26
N PRO D 119 1.34 -7.72 38.56
CA PRO D 119 0.69 -8.54 37.55
C PRO D 119 -0.74 -8.07 37.32
N PRO D 120 -1.31 -8.34 36.15
CA PRO D 120 -2.67 -7.91 35.89
C PRO D 120 -3.69 -8.79 36.59
N SER D 121 -4.90 -8.26 36.69
CA SER D 121 -6.08 -9.04 37.06
C SER D 121 -6.97 -9.11 35.82
N VAL D 122 -7.39 -10.31 35.45
CA VAL D 122 -8.13 -10.54 34.23
C VAL D 122 -9.56 -10.90 34.61
N TYR D 123 -10.51 -10.07 34.16
CA TYR D 123 -11.91 -10.30 34.45
C TYR D 123 -12.68 -10.44 33.13
N PRO D 124 -13.59 -11.39 33.06
CA PRO D 124 -14.35 -11.60 31.82
C PRO D 124 -15.54 -10.65 31.72
N LEU D 125 -15.82 -10.24 30.49
CA LEU D 125 -16.94 -9.36 30.20
C LEU D 125 -17.95 -10.14 29.38
N ALA D 126 -19.09 -10.45 29.99
CA ALA D 126 -20.18 -11.19 29.39
C ALA D 126 -21.48 -10.42 29.58
N PRO D 127 -22.41 -10.52 28.62
CA PRO D 127 -23.61 -9.68 28.68
C PRO D 127 -24.49 -10.03 29.86
N GLY D 128 -25.34 -9.06 30.23
CA GLY D 128 -26.29 -9.29 31.29
C GLY D 128 -27.34 -10.32 30.90
N SER D 129 -28.00 -10.87 31.91
CA SER D 129 -28.97 -11.94 31.67
C SER D 129 -30.10 -11.46 30.77
N ALA D 130 -30.59 -10.25 30.99
CA ALA D 130 -31.66 -9.67 30.18
C ALA D 130 -31.07 -8.94 28.96
N ALA D 131 -30.32 -9.70 28.18
CA ALA D 131 -29.70 -9.18 26.97
C ALA D 131 -30.72 -9.15 25.83
N ALA D 132 -30.46 -8.27 24.85
CA ALA D 132 -31.39 -8.06 23.75
C ALA D 132 -31.38 -9.21 22.73
N ALA D 133 -30.47 -10.17 22.85
CA ALA D 133 -30.37 -11.30 21.95
C ALA D 133 -30.34 -10.86 20.48
N ALA D 134 -29.36 -10.02 20.17
CA ALA D 134 -29.17 -9.59 18.80
C ALA D 134 -28.53 -10.70 17.97
N SER D 135 -28.44 -10.48 16.66
CA SER D 135 -27.92 -11.51 15.78
C SER D 135 -26.47 -11.83 16.10
N MET D 136 -25.73 -10.85 16.62
CA MET D 136 -24.34 -11.00 16.99
C MET D 136 -24.15 -10.66 18.45
N VAL D 137 -23.28 -11.41 19.13
CA VAL D 137 -22.95 -11.13 20.52
C VAL D 137 -21.54 -10.56 20.57
N THR D 138 -21.30 -9.72 21.56
CA THR D 138 -19.99 -9.12 21.80
C THR D 138 -19.57 -9.46 23.21
N LEU D 139 -18.38 -10.05 23.33
CA LEU D 139 -17.81 -10.44 24.60
C LEU D 139 -16.52 -9.65 24.82
N GLY D 140 -16.02 -9.68 26.04
CA GLY D 140 -14.91 -8.80 26.38
C GLY D 140 -14.02 -9.38 27.45
N CYS D 141 -12.85 -8.77 27.57
CA CYS D 141 -11.87 -9.10 28.58
C CYS D 141 -11.36 -7.81 29.18
N LEU D 142 -11.24 -7.77 30.50
CA LEU D 142 -10.76 -6.57 31.18
C LEU D 142 -9.46 -6.90 31.89
N VAL D 143 -8.39 -6.22 31.49
CA VAL D 143 -7.05 -6.41 32.03
C VAL D 143 -6.73 -5.14 32.81
N LYS D 144 -6.83 -5.20 34.13
CA LYS D 144 -6.68 -4.01 34.95
C LYS D 144 -5.74 -4.28 36.11
N GLY D 145 -5.06 -3.22 36.56
CA GLY D 145 -4.17 -3.30 37.69
C GLY D 145 -2.83 -3.95 37.37
N TYR D 146 -2.19 -3.55 36.28
CA TYR D 146 -0.91 -4.11 35.90
C TYR D 146 0.11 -3.02 35.68
N PHE D 147 1.38 -3.35 35.93
CA PHE D 147 2.50 -2.47 35.67
C PHE D 147 3.75 -3.32 35.49
N PRO D 148 4.67 -2.92 34.60
CA PRO D 148 4.47 -1.85 33.63
C PRO D 148 4.01 -2.41 32.30
N GLU D 149 3.87 -1.54 31.32
CA GLU D 149 3.52 -1.96 29.98
C GLU D 149 4.62 -2.89 29.46
N PRO D 150 4.29 -3.88 28.61
CA PRO D 150 3.04 -4.21 27.94
C PRO D 150 2.41 -5.55 28.30
N VAL D 151 1.21 -5.76 27.77
CA VAL D 151 0.52 -7.03 27.84
C VAL D 151 0.17 -7.44 26.42
N THR D 152 0.05 -8.75 26.19
CA THR D 152 -0.34 -9.29 24.90
C THR D 152 -1.62 -10.09 25.09
N VAL D 153 -2.65 -9.73 24.33
CA VAL D 153 -3.98 -10.32 24.45
C VAL D 153 -4.34 -10.98 23.12
N THR D 154 -4.72 -12.25 23.18
CA THR D 154 -5.20 -13.00 22.04
C THR D 154 -6.49 -13.71 22.43
N TRP D 155 -7.31 -14.01 21.43
CA TRP D 155 -8.57 -14.72 21.64
C TRP D 155 -8.47 -16.10 21.02
N ASN D 156 -8.80 -17.12 21.82
CA ASN D 156 -8.72 -18.51 21.41
C ASN D 156 -7.33 -18.84 20.87
N SER D 157 -6.31 -18.42 21.62
CA SER D 157 -4.90 -18.67 21.30
C SER D 157 -4.54 -18.15 19.90
N GLY D 158 -5.17 -17.06 19.49
CA GLY D 158 -4.94 -16.50 18.18
C GLY D 158 -5.83 -17.06 17.08
N SER D 159 -6.60 -18.11 17.38
CA SER D 159 -7.52 -18.66 16.39
C SER D 159 -8.63 -17.67 16.03
N LEU D 160 -9.07 -16.86 17.00
CA LEU D 160 -10.12 -15.89 16.79
C LEU D 160 -9.46 -14.52 16.58
N SER D 161 -9.33 -14.11 15.32
CA SER D 161 -8.61 -12.89 14.97
C SER D 161 -9.48 -11.80 14.34
N SER D 162 -10.66 -12.13 13.85
CA SER D 162 -11.49 -11.17 13.14
C SER D 162 -12.56 -10.66 14.09
N GLY D 163 -12.78 -9.35 14.09
CA GLY D 163 -13.78 -8.78 14.96
C GLY D 163 -13.33 -8.61 16.39
N VAL D 164 -12.02 -8.53 16.63
CA VAL D 164 -11.49 -8.27 17.95
C VAL D 164 -10.94 -6.84 17.99
N HIS D 165 -11.03 -6.23 19.17
CA HIS D 165 -10.47 -4.92 19.44
C HIS D 165 -9.71 -4.97 20.75
N THR D 166 -8.44 -4.58 20.72
CA THR D 166 -7.64 -4.47 21.93
C THR D 166 -7.36 -2.98 22.16
N PHE D 167 -7.85 -2.49 23.21
CA PHE D 167 -7.78 -1.05 23.39
C PHE D 167 -6.47 -0.63 24.06
N PRO D 168 -5.99 0.56 23.72
CA PRO D 168 -4.75 1.04 24.32
C PRO D 168 -4.90 1.15 25.82
N ALA D 169 -3.82 0.84 26.52
CA ALA D 169 -3.83 0.89 27.98
C ALA D 169 -4.04 2.32 28.44
N VAL D 170 -4.67 2.46 29.60
CA VAL D 170 -4.85 3.75 30.25
C VAL D 170 -4.15 3.68 31.60
N LEU D 171 -3.35 4.70 31.90
CA LEU D 171 -2.53 4.73 33.11
C LEU D 171 -3.25 5.57 34.15
N GLN D 172 -3.50 5.00 35.32
CA GLN D 172 -4.14 5.74 36.40
C GLN D 172 -3.38 5.41 37.69
N SER D 173 -2.53 6.35 38.12
CA SER D 173 -1.81 6.25 39.39
C SER D 173 -1.11 4.90 39.55
N ASP D 174 0.08 4.77 38.95
CA ASP D 174 1.01 3.66 39.16
C ASP D 174 0.53 2.35 38.56
N LEU D 175 -0.62 2.32 37.89
CA LEU D 175 -1.16 1.09 37.35
C LEU D 175 -1.86 1.34 36.02
N TYR D 176 -1.83 0.32 35.16
CA TYR D 176 -2.44 0.39 33.84
C TYR D 176 -3.71 -0.45 33.82
N THR D 177 -4.63 -0.07 32.93
CA THR D 177 -5.87 -0.80 32.70
C THR D 177 -6.12 -0.86 31.20
N LEU D 178 -6.51 -2.05 30.74
CA LEU D 178 -6.66 -2.33 29.32
C LEU D 178 -7.84 -3.28 29.16
N SER D 179 -8.57 -3.12 28.06
CA SER D 179 -9.73 -3.96 27.80
C SER D 179 -9.71 -4.38 26.33
N SER D 180 -10.29 -5.54 26.07
CA SER D 180 -10.34 -6.09 24.72
C SER D 180 -11.70 -6.70 24.47
N SER D 181 -12.20 -6.53 23.24
CA SER D 181 -13.55 -6.93 22.88
C SER D 181 -13.50 -7.89 21.69
N VAL D 182 -14.35 -8.91 21.72
CA VAL D 182 -14.52 -9.84 20.62
C VAL D 182 -16.00 -9.94 20.28
N THR D 183 -16.32 -10.06 18.99
CA THR D 183 -17.70 -10.12 18.51
C THR D 183 -17.86 -11.37 17.66
N VAL D 184 -18.85 -12.19 18.00
CA VAL D 184 -19.13 -13.43 17.28
C VAL D 184 -20.63 -13.55 17.09
N PRO D 185 -21.07 -14.39 16.14
CA PRO D 185 -22.51 -14.60 15.96
C PRO D 185 -23.14 -15.18 17.23
N SER D 186 -24.36 -14.73 17.54
CA SER D 186 -24.99 -15.15 18.79
C SER D 186 -25.21 -16.66 18.84
N SER D 187 -25.36 -17.29 17.67
CA SER D 187 -25.42 -18.75 17.60
C SER D 187 -24.14 -19.39 18.12
N THR D 188 -23.00 -18.71 17.92
CA THR D 188 -21.71 -19.30 18.26
C THR D 188 -21.55 -19.47 19.76
N TRP D 189 -22.00 -18.49 20.54
CA TRP D 189 -21.76 -18.43 21.97
C TRP D 189 -23.05 -18.63 22.73
N PRO D 190 -23.08 -19.49 23.77
CA PRO D 190 -21.95 -20.22 24.35
C PRO D 190 -21.67 -21.57 23.68
N ALA D 191 -22.29 -21.84 22.53
CA ALA D 191 -22.15 -23.15 21.89
C ALA D 191 -20.68 -23.47 21.65
N SER D 192 -19.93 -22.53 21.08
CA SER D 192 -18.50 -22.65 20.88
C SER D 192 -17.79 -21.78 21.90
N THR D 193 -16.76 -22.34 22.54
CA THR D 193 -16.10 -21.67 23.64
C THR D 193 -15.34 -20.44 23.17
N VAL D 194 -15.36 -19.40 24.00
CA VAL D 194 -14.65 -18.15 23.72
C VAL D 194 -13.75 -17.88 24.92
N THR D 195 -12.43 -17.81 24.66
CA THR D 195 -11.47 -17.73 25.75
C THR D 195 -10.52 -16.54 25.53
N CYS D 196 -10.08 -15.97 26.65
CA CYS D 196 -9.24 -14.78 26.69
C CYS D 196 -7.84 -15.17 27.11
N ASN D 197 -6.85 -14.81 26.30
CA ASN D 197 -5.46 -15.20 26.53
C ASN D 197 -4.64 -13.93 26.76
N VAL D 198 -4.28 -13.69 28.02
CA VAL D 198 -3.58 -12.47 28.41
C VAL D 198 -2.21 -12.87 28.95
N ALA D 199 -1.18 -12.15 28.54
CA ALA D 199 0.20 -12.43 28.93
C ALA D 199 0.85 -11.14 29.36
N HIS D 200 1.51 -11.17 30.51
CA HIS D 200 2.27 -10.04 31.02
C HIS D 200 3.70 -10.50 31.26
N PRO D 201 4.65 -10.13 30.41
CA PRO D 201 6.00 -10.69 30.53
C PRO D 201 6.71 -10.26 31.81
N ALA D 202 6.60 -8.99 32.18
CA ALA D 202 7.35 -8.47 33.31
C ALA D 202 7.03 -9.22 34.60
N SER D 203 5.77 -9.56 34.81
CA SER D 203 5.36 -10.30 35.99
C SER D 203 5.37 -11.81 35.76
N SER D 204 5.69 -12.26 34.55
CA SER D 204 5.72 -13.67 34.20
C SER D 204 4.39 -14.35 34.55
N THR D 205 3.30 -13.75 34.10
CA THR D 205 1.97 -14.29 34.30
C THR D 205 1.33 -14.57 32.95
N LYS D 206 0.75 -15.76 32.82
CA LYS D 206 -0.06 -16.15 31.68
C LYS D 206 -1.40 -16.59 32.23
N VAL D 207 -2.48 -15.98 31.73
CA VAL D 207 -3.81 -16.25 32.25
C VAL D 207 -4.76 -16.48 31.09
N ASP D 208 -5.66 -17.45 31.27
CA ASP D 208 -6.72 -17.74 30.32
C ASP D 208 -8.05 -17.64 31.06
N LYS D 209 -8.97 -16.82 30.55
CA LYS D 209 -10.30 -16.71 31.11
C LYS D 209 -11.32 -17.11 30.06
N ALA D 210 -12.22 -18.01 30.44
CA ALA D 210 -13.29 -18.45 29.56
C ALA D 210 -14.49 -17.56 29.84
N ILE D 211 -15.08 -17.02 28.77
CA ILE D 211 -16.23 -16.14 28.93
C ILE D 211 -17.47 -17.02 29.10
N VAL D 212 -18.04 -17.00 30.30
CA VAL D 212 -19.22 -17.81 30.62
C VAL D 212 -20.36 -16.85 30.94
N PRO D 213 -21.57 -17.11 30.47
CA PRO D 213 -22.69 -16.21 30.75
C PRO D 213 -23.11 -16.31 32.20
N GLY D 214 -23.98 -15.39 32.59
CA GLY D 214 -24.47 -15.32 33.96
C GLY D 214 -25.87 -15.89 34.13
N GLY E 16 -29.44 -17.89 -32.96
CA GLY E 16 -29.13 -17.15 -31.75
C GLY E 16 -29.74 -15.77 -31.73
N PRO E 17 -28.96 -14.77 -31.29
CA PRO E 17 -29.46 -13.40 -31.21
C PRO E 17 -29.61 -12.71 -32.56
N TYR E 18 -29.30 -13.38 -33.66
CA TYR E 18 -29.54 -12.82 -34.98
C TYR E 18 -31.01 -12.47 -35.17
N MET E 19 -31.91 -13.21 -34.49
CA MET E 19 -33.34 -12.93 -34.61
C MET E 19 -33.65 -11.49 -34.23
N LEU E 20 -32.95 -10.94 -33.23
CA LEU E 20 -33.18 -9.55 -32.85
C LEU E 20 -32.82 -8.58 -33.99
N VAL E 21 -31.73 -8.84 -34.73
CA VAL E 21 -31.45 -7.98 -35.89
C VAL E 21 -32.56 -8.14 -36.92
N LEU E 22 -33.10 -9.37 -37.04
CA LEU E 22 -34.24 -9.59 -37.93
C LEU E 22 -35.48 -8.86 -37.42
N LEU E 23 -35.78 -8.99 -36.13
CA LEU E 23 -36.97 -8.35 -35.57
C LEU E 23 -36.90 -6.84 -35.74
N LEU E 24 -35.80 -6.23 -35.32
CA LEU E 24 -35.65 -4.78 -35.50
C LEU E 24 -35.66 -4.42 -36.98
N GLY E 25 -35.10 -5.28 -37.84
CA GLY E 25 -35.06 -4.99 -39.26
C GLY E 25 -36.44 -4.85 -39.87
N THR E 26 -37.40 -5.68 -39.44
CA THR E 26 -38.77 -5.50 -39.89
C THR E 26 -39.31 -4.16 -39.45
N GLY E 27 -39.03 -3.75 -38.20
CA GLY E 27 -39.45 -2.44 -37.74
C GLY E 27 -38.95 -1.33 -38.64
N ILE E 28 -37.69 -1.41 -39.05
CA ILE E 28 -37.17 -0.44 -40.02
C ILE E 28 -37.91 -0.58 -41.35
N PHE E 29 -38.12 -1.82 -41.79
CA PHE E 29 -38.70 -2.06 -43.12
C PHE E 29 -40.14 -1.54 -43.20
N LEU E 30 -40.99 -2.03 -42.31
CA LEU E 30 -42.40 -1.64 -42.35
C LEU E 30 -42.57 -0.13 -42.19
N THR E 31 -41.77 0.49 -41.31
CA THR E 31 -41.83 1.94 -41.17
C THR E 31 -41.52 2.64 -42.49
N LEU E 32 -40.55 2.12 -43.25
CA LEU E 32 -40.26 2.69 -44.56
C LEU E 32 -41.39 2.40 -45.54
N ARG E 33 -41.83 1.14 -45.62
CA ARG E 33 -42.92 0.79 -46.52
C ARG E 33 -44.23 1.43 -46.09
N LEU E 34 -44.45 1.59 -44.79
CA LEU E 34 -45.65 2.26 -44.30
C LEU E 34 -45.41 3.74 -44.04
N GLY E 35 -44.28 4.27 -44.50
CA GLY E 35 -43.99 5.70 -44.50
C GLY E 35 -44.19 6.41 -43.19
N PHE E 36 -43.58 5.89 -42.13
CA PHE E 36 -43.65 6.52 -40.80
C PHE E 36 -45.10 6.74 -40.38
N MET E 37 -45.92 5.71 -40.56
CA MET E 37 -47.35 5.86 -40.30
C MET E 37 -47.61 6.15 -38.82
N GLN E 38 -46.82 5.55 -37.94
CA GLN E 38 -47.15 5.55 -36.51
C GLN E 38 -47.25 6.95 -35.92
N ILE E 39 -46.46 7.90 -36.41
CA ILE E 39 -46.43 9.21 -35.78
C ILE E 39 -47.72 9.97 -36.07
N HIS E 40 -48.25 9.87 -37.29
CA HIS E 40 -49.45 10.63 -37.62
C HIS E 40 -50.73 9.96 -37.11
N THR E 41 -50.81 8.63 -37.23
CA THR E 41 -52.04 7.93 -36.86
C THR E 41 -52.22 7.84 -35.35
N LEU E 42 -51.16 8.10 -34.57
CA LEU E 42 -51.22 7.83 -33.13
C LEU E 42 -52.32 8.60 -32.42
N PRO E 43 -52.49 9.93 -32.62
CA PRO E 43 -53.58 10.61 -31.89
C PRO E 43 -54.95 10.05 -32.20
N TYR E 44 -55.27 9.86 -33.48
CA TYR E 44 -56.57 9.29 -33.84
C TYR E 44 -56.73 7.90 -33.23
N ALA E 45 -55.69 7.07 -33.33
CA ALA E 45 -55.72 5.74 -32.71
C ALA E 45 -55.93 5.84 -31.20
N LEU E 46 -55.29 6.81 -30.55
CA LEU E 46 -55.45 6.97 -29.12
C LEU E 46 -56.88 7.39 -28.77
N LYS E 47 -57.42 8.36 -29.51
CA LYS E 47 -58.80 8.78 -29.28
C LYS E 47 -59.77 7.63 -29.52
N LEU E 48 -59.55 6.85 -30.57
CA LEU E 48 -60.42 5.71 -30.86
C LEU E 48 -60.30 4.63 -29.80
N ALA E 49 -59.08 4.38 -29.31
CA ALA E 49 -58.87 3.31 -28.34
C ALA E 49 -59.71 3.51 -27.09
N PHE E 50 -59.80 4.75 -26.60
CA PHE E 50 -60.56 5.08 -25.41
C PHE E 50 -61.88 5.75 -25.73
N SER E 51 -62.28 5.79 -27.00
CA SER E 51 -63.54 6.40 -27.38
C SER E 51 -64.70 5.67 -26.72
N LYS E 52 -65.82 6.35 -26.62
CA LYS E 52 -67.01 5.75 -26.03
C LYS E 52 -67.88 5.15 -27.15
N HIS E 53 -68.88 4.38 -26.74
CA HIS E 53 -69.79 3.70 -27.65
C HIS E 53 -69.04 2.79 -28.62
N GLU E 56 -68.79 -0.09 -29.81
CA GLU E 56 -69.24 -0.41 -31.15
C GLU E 56 -69.36 -1.93 -31.26
N THR E 57 -70.39 -2.41 -31.95
CA THR E 57 -70.68 -3.85 -32.03
C THR E 57 -70.82 -4.32 -33.47
N SER E 58 -69.72 -4.76 -34.08
CA SER E 58 -69.74 -5.34 -35.43
C SER E 58 -68.81 -6.56 -35.48
N GLU E 59 -69.40 -7.75 -35.31
CA GLU E 59 -68.68 -9.03 -35.37
C GLU E 59 -67.42 -9.04 -34.51
N GLY E 60 -67.58 -9.28 -33.22
CA GLY E 60 -66.44 -9.32 -32.31
C GLY E 60 -66.86 -9.91 -30.98
N ASP E 61 -65.85 -10.28 -30.19
CA ASP E 61 -66.11 -10.85 -28.88
C ASP E 61 -66.31 -9.75 -27.83
N ILE E 62 -65.51 -8.70 -27.88
CA ILE E 62 -65.54 -7.64 -26.89
C ILE E 62 -65.10 -6.34 -27.57
N SER E 63 -65.20 -5.24 -26.81
CA SER E 63 -64.94 -3.90 -27.33
C SER E 63 -63.51 -3.75 -27.85
N HIS E 64 -63.29 -2.70 -28.65
CA HIS E 64 -61.93 -2.29 -28.97
C HIS E 64 -61.17 -1.95 -27.70
N PHE E 65 -61.79 -1.17 -26.81
CA PHE E 65 -61.15 -0.83 -25.54
C PHE E 65 -60.82 -2.09 -24.75
N GLN E 66 -61.80 -3.00 -24.64
CA GLN E 66 -61.57 -4.24 -23.90
C GLN E 66 -60.52 -5.12 -24.57
N ALA E 67 -60.37 -5.01 -25.88
CA ALA E 67 -59.28 -5.72 -26.55
C ALA E 67 -57.92 -5.14 -26.17
N LEU E 68 -57.81 -3.81 -26.17
CA LEU E 68 -56.56 -3.17 -25.79
C LEU E 68 -56.18 -3.50 -24.35
N MET E 69 -57.12 -3.32 -23.43
CA MET E 69 -56.83 -3.66 -22.04
C MET E 69 -56.50 -5.13 -21.85
N THR E 70 -57.09 -6.02 -22.64
CA THR E 70 -56.64 -7.41 -22.62
C THR E 70 -55.19 -7.52 -23.08
N ALA E 71 -54.87 -6.89 -24.21
CA ALA E 71 -53.51 -6.94 -24.73
C ALA E 71 -52.53 -6.22 -23.80
N LEU E 72 -52.92 -5.04 -23.32
CA LEU E 72 -52.06 -4.32 -22.39
C LEU E 72 -51.87 -5.10 -21.10
N ALA E 73 -52.89 -5.81 -20.64
CA ALA E 73 -52.71 -6.69 -19.48
C ALA E 73 -51.56 -7.66 -19.74
N ALA E 74 -51.53 -8.27 -20.93
CA ALA E 74 -50.42 -9.15 -21.28
C ALA E 74 -49.14 -8.37 -21.54
N THR E 75 -49.25 -7.20 -22.16
CA THR E 75 -48.06 -6.43 -22.51
C THR E 75 -47.38 -5.85 -21.27
N ILE E 76 -48.16 -5.39 -20.30
CA ILE E 76 -47.60 -4.80 -19.09
C ILE E 76 -47.33 -5.94 -18.10
N GLY E 77 -46.09 -6.07 -17.65
CA GLY E 77 -45.73 -7.13 -16.76
C GLY E 77 -44.49 -6.80 -15.95
N THR E 78 -43.87 -7.84 -15.39
CA THR E 78 -42.69 -7.62 -14.57
C THR E 78 -41.51 -7.08 -15.36
N GLY E 79 -41.49 -7.33 -16.67
CA GLY E 79 -40.47 -6.73 -17.51
C GLY E 79 -40.51 -5.21 -17.49
N ASN E 80 -41.69 -4.65 -17.28
CA ASN E 80 -41.79 -3.20 -17.06
C ASN E 80 -41.20 -2.78 -15.73
N ILE E 81 -41.30 -3.64 -14.72
CA ILE E 81 -40.77 -3.31 -13.40
C ILE E 81 -39.32 -3.75 -13.28
N ALA E 82 -39.07 -5.05 -13.41
CA ALA E 82 -37.74 -5.60 -13.18
C ALA E 82 -36.92 -5.77 -14.44
N GLY E 83 -37.56 -6.05 -15.57
CA GLY E 83 -36.82 -6.23 -16.81
C GLY E 83 -36.07 -4.98 -17.24
N VAL E 84 -36.62 -3.81 -16.96
CA VAL E 84 -35.88 -2.57 -17.22
C VAL E 84 -34.66 -2.48 -16.31
N ALA E 85 -34.85 -2.79 -15.02
CA ALA E 85 -33.74 -2.74 -14.08
C ALA E 85 -32.60 -3.64 -14.54
N THR E 86 -32.94 -4.87 -14.93
CA THR E 86 -31.93 -5.78 -15.47
C THR E 86 -31.18 -5.14 -16.64
N ALA E 87 -31.89 -4.41 -17.50
CA ALA E 87 -31.23 -3.72 -18.59
C ALA E 87 -30.43 -2.52 -18.09
N TYR E 88 -31.00 -1.77 -17.13
CA TYR E 88 -30.33 -0.58 -16.63
C TYR E 88 -28.99 -0.94 -15.99
N VAL E 89 -28.94 -2.04 -15.25
CA VAL E 89 -27.69 -2.47 -14.61
C VAL E 89 -26.70 -2.94 -15.67
N LEU E 90 -27.05 -4.00 -16.39
CA LEU E 90 -26.10 -4.67 -17.27
C LEU E 90 -25.82 -3.86 -18.52
N GLY E 91 -26.81 -3.14 -19.04
CA GLY E 91 -26.63 -2.39 -20.26
C GLY E 91 -26.37 -0.91 -20.04
N GLY E 92 -26.50 -0.46 -18.79
CA GLY E 92 -26.30 0.93 -18.50
C GLY E 92 -27.61 1.67 -18.73
N PRO E 93 -27.67 2.95 -18.31
CA PRO E 93 -28.91 3.71 -18.54
C PRO E 93 -29.23 3.91 -20.00
N GLY E 94 -28.23 3.81 -20.88
CA GLY E 94 -28.46 3.97 -22.31
C GLY E 94 -29.36 2.93 -22.92
N ALA E 95 -29.56 1.80 -22.24
CA ALA E 95 -30.46 0.78 -22.76
C ALA E 95 -31.89 1.29 -22.88
N ILE E 96 -32.28 2.27 -22.04
CA ILE E 96 -33.61 2.84 -22.13
C ILE E 96 -33.86 3.42 -23.51
N PHE E 97 -32.89 4.17 -24.03
CA PHE E 97 -33.04 4.76 -25.36
C PHE E 97 -33.25 3.67 -26.40
N TRP E 98 -32.47 2.60 -26.34
CA TRP E 98 -32.64 1.51 -27.27
C TRP E 98 -33.90 0.69 -26.97
N MET E 99 -34.39 0.68 -25.73
CA MET E 99 -35.73 0.19 -25.49
C MET E 99 -36.76 1.04 -26.22
N TRP E 100 -36.55 2.36 -26.24
CA TRP E 100 -37.46 3.25 -26.97
C TRP E 100 -37.45 2.92 -28.45
N VAL E 101 -36.25 2.76 -29.02
CA VAL E 101 -36.12 2.41 -30.44
C VAL E 101 -36.83 1.09 -30.72
N THR E 102 -36.83 0.18 -29.76
CA THR E 102 -37.55 -1.08 -29.93
C THR E 102 -39.04 -0.84 -30.12
N ALA E 103 -39.61 0.09 -29.37
CA ALA E 103 -41.05 0.35 -29.46
C ALA E 103 -41.41 1.19 -30.68
N PHE E 104 -40.68 2.30 -30.90
CA PHE E 104 -41.05 3.24 -31.96
C PHE E 104 -41.08 2.56 -33.31
N PHE E 105 -39.96 1.99 -33.74
CA PHE E 105 -39.95 1.15 -34.94
C PHE E 105 -40.82 -0.07 -34.77
N GLY E 106 -41.01 -0.55 -33.53
CA GLY E 106 -41.85 -1.70 -33.27
C GLY E 106 -43.33 -1.43 -33.42
N MET E 107 -43.75 -0.17 -33.31
CA MET E 107 -45.13 0.21 -33.58
C MET E 107 -45.58 -0.31 -34.94
N ALA E 108 -44.75 -0.09 -35.97
CA ALA E 108 -45.07 -0.59 -37.30
C ALA E 108 -45.24 -2.10 -37.29
N THR E 109 -44.40 -2.80 -36.52
CA THR E 109 -44.52 -4.25 -36.44
C THR E 109 -45.86 -4.65 -35.83
N LYS E 110 -46.22 -4.02 -34.71
CA LYS E 110 -47.46 -4.40 -34.02
C LYS E 110 -48.67 -4.11 -34.88
N TYR E 111 -48.61 -3.03 -35.67
CA TYR E 111 -49.71 -2.70 -36.57
C TYR E 111 -49.89 -3.80 -37.62
N ALA E 112 -48.79 -4.18 -38.28
CA ALA E 112 -48.87 -5.26 -39.26
C ALA E 112 -49.36 -6.56 -38.65
N GLU E 113 -48.99 -6.83 -37.40
CA GLU E 113 -49.52 -8.00 -36.70
C GLU E 113 -51.04 -7.93 -36.62
N ALA E 114 -51.57 -6.79 -36.18
CA ALA E 114 -53.02 -6.66 -35.98
C ALA E 114 -53.77 -6.59 -37.30
N VAL E 115 -53.20 -5.91 -38.31
CA VAL E 115 -53.84 -5.87 -39.63
C VAL E 115 -54.03 -7.28 -40.16
N LEU E 116 -52.93 -8.03 -40.28
CA LEU E 116 -53.01 -9.38 -40.81
C LEU E 116 -53.90 -10.29 -39.97
N ALA E 117 -54.22 -9.88 -38.74
CA ALA E 117 -55.17 -10.64 -37.94
C ALA E 117 -56.57 -10.62 -38.52
N ILE E 118 -56.82 -9.83 -39.57
CA ILE E 118 -58.13 -9.86 -40.24
C ILE E 118 -58.37 -11.18 -40.95
N LYS E 119 -57.30 -11.86 -41.38
CA LYS E 119 -57.43 -13.18 -42.00
C LYS E 119 -57.63 -14.24 -40.92
N TYR E 120 -58.73 -14.09 -40.17
CA TYR E 120 -59.00 -14.91 -39.00
C TYR E 120 -60.38 -15.55 -39.14
N ARG E 121 -60.49 -16.80 -38.70
CA ARG E 121 -61.75 -17.54 -38.71
C ARG E 121 -62.12 -17.90 -37.29
N THR E 122 -63.37 -17.66 -36.92
CA THR E 122 -63.85 -18.01 -35.60
C THR E 122 -63.95 -19.53 -35.44
N VAL E 123 -63.90 -19.96 -34.19
CA VAL E 123 -63.87 -21.36 -33.85
C VAL E 123 -65.26 -21.78 -33.38
N ASP E 124 -65.44 -23.07 -33.15
CA ASP E 124 -66.70 -23.58 -32.61
C ASP E 124 -66.86 -23.09 -31.16
N ASP E 125 -67.80 -23.70 -30.43
CA ASP E 125 -68.00 -23.39 -29.02
C ASP E 125 -68.18 -21.88 -28.82
N ASN E 126 -69.31 -21.38 -29.34
CA ASN E 126 -69.59 -19.94 -29.39
C ASN E 126 -68.62 -19.22 -30.32
N GLY E 127 -68.85 -17.93 -30.56
CA GLY E 127 -68.02 -17.16 -31.46
C GLY E 127 -66.56 -17.30 -31.07
N GLU E 128 -66.23 -16.84 -29.87
CA GLU E 128 -64.89 -16.87 -29.29
C GLU E 128 -63.82 -16.28 -30.20
N MET E 129 -63.87 -16.65 -31.48
CA MET E 129 -63.02 -16.17 -32.56
C MET E 129 -61.54 -16.46 -32.30
N ALA E 130 -60.82 -16.83 -33.35
CA ALA E 130 -59.42 -17.22 -33.24
C ALA E 130 -58.64 -16.55 -34.36
N GLY E 131 -57.88 -15.53 -34.01
CA GLY E 131 -57.02 -14.87 -34.97
C GLY E 131 -55.62 -14.75 -34.42
N GLY E 132 -54.64 -15.00 -35.29
CA GLY E 132 -53.26 -14.88 -34.92
C GLY E 132 -52.33 -15.29 -36.04
N PRO E 133 -51.03 -15.10 -35.83
CA PRO E 133 -50.05 -15.38 -36.88
C PRO E 133 -50.07 -16.81 -37.39
N MET E 134 -50.44 -17.78 -36.55
CA MET E 134 -50.58 -19.14 -37.03
C MET E 134 -51.67 -19.24 -38.10
N TYR E 135 -52.64 -18.33 -38.08
CA TYR E 135 -53.66 -18.27 -39.12
C TYR E 135 -53.16 -17.54 -40.37
N PHE E 136 -52.38 -16.46 -40.20
CA PHE E 136 -51.85 -15.73 -41.36
C PHE E 136 -51.13 -16.71 -42.28
N LEU E 137 -50.29 -17.55 -41.68
CA LEU E 137 -49.43 -18.44 -42.44
C LEU E 137 -50.27 -19.45 -43.21
N GLU E 138 -51.44 -19.76 -42.70
CA GLU E 138 -52.37 -20.64 -43.39
C GLU E 138 -52.85 -19.91 -44.65
N LYS E 139 -52.99 -18.58 -44.55
CA LYS E 139 -53.41 -17.75 -45.66
C LYS E 139 -52.25 -17.06 -46.35
N GLY E 140 -51.05 -17.66 -46.31
CA GLY E 140 -49.90 -17.09 -46.98
C GLY E 140 -49.84 -17.53 -48.43
N LEU E 141 -48.70 -18.11 -48.83
CA LEU E 141 -48.53 -18.64 -50.18
C LEU E 141 -48.01 -20.08 -50.09
N PRO E 142 -48.88 -21.03 -49.72
CA PRO E 142 -48.56 -22.45 -49.48
C PRO E 142 -47.56 -23.03 -50.49
N LEU E 146 -46.06 -23.74 -47.79
CA LEU E 146 -45.16 -23.75 -46.64
C LEU E 146 -45.80 -23.06 -45.45
N GLY E 147 -46.76 -22.18 -45.72
CA GLY E 147 -47.40 -21.44 -44.64
C GLY E 147 -48.13 -22.34 -43.66
N LYS E 148 -48.72 -23.43 -44.15
CA LYS E 148 -49.34 -24.40 -43.25
C LYS E 148 -48.30 -24.94 -42.25
N ILE E 149 -47.06 -25.16 -42.71
CA ILE E 149 -46.00 -25.63 -41.83
C ILE E 149 -45.60 -24.54 -40.84
N LEU E 150 -45.48 -23.30 -41.30
CA LEU E 150 -45.10 -22.22 -40.41
C LEU E 150 -46.15 -21.99 -39.32
N GLY E 151 -47.43 -22.02 -39.69
CA GLY E 151 -48.47 -21.74 -38.72
C GLY E 151 -48.54 -22.76 -37.61
N VAL E 152 -48.45 -24.05 -37.96
CA VAL E 152 -48.48 -25.09 -36.92
C VAL E 152 -47.22 -25.01 -36.08
N ALA E 153 -46.11 -24.57 -36.67
CA ALA E 153 -44.90 -24.33 -35.89
C ALA E 153 -45.11 -23.19 -34.90
N PHE E 154 -45.72 -22.10 -35.37
CA PHE E 154 -46.00 -20.94 -34.53
C PHE E 154 -46.86 -21.32 -33.33
N ALA E 155 -47.89 -22.12 -33.58
CA ALA E 155 -48.78 -22.56 -32.50
C ALA E 155 -48.04 -23.47 -31.53
N PHE E 156 -47.20 -24.36 -32.05
CA PHE E 156 -46.41 -25.24 -31.19
C PHE E 156 -45.51 -24.45 -30.25
N PHE E 157 -44.84 -23.41 -30.77
CA PHE E 157 -43.99 -22.58 -29.93
C PHE E 157 -44.81 -21.73 -28.95
N GLY E 158 -45.78 -20.98 -29.46
CA GLY E 158 -46.54 -20.09 -28.60
C GLY E 158 -47.29 -20.80 -27.50
N ALA E 159 -47.81 -22.01 -27.78
CA ALA E 159 -48.50 -22.78 -26.76
C ALA E 159 -47.59 -23.05 -25.57
N PHE E 160 -46.31 -23.33 -25.83
CA PHE E 160 -45.34 -23.44 -24.75
C PHE E 160 -44.93 -22.07 -24.24
N ALA E 161 -44.55 -21.17 -25.15
CA ALA E 161 -43.96 -19.89 -24.77
C ALA E 161 -44.85 -19.07 -23.82
N ALA E 162 -46.16 -19.34 -23.82
CA ALA E 162 -47.05 -18.61 -22.92
C ALA E 162 -46.73 -18.90 -21.47
N PHE E 163 -46.29 -20.11 -21.15
CA PHE E 163 -45.95 -20.44 -19.77
C PHE E 163 -44.71 -19.68 -19.29
N GLY E 164 -43.76 -19.43 -20.18
CA GLY E 164 -42.55 -18.70 -19.82
C GLY E 164 -42.78 -17.24 -19.49
N ILE E 165 -42.85 -16.39 -20.51
CA ILE E 165 -43.02 -14.95 -20.29
C ILE E 165 -44.38 -14.66 -19.66
N GLY E 166 -45.40 -15.39 -20.09
CA GLY E 166 -46.75 -15.06 -19.69
C GLY E 166 -47.14 -15.56 -18.31
N ASN E 167 -46.55 -16.67 -17.87
CA ASN E 167 -46.91 -17.25 -16.57
C ASN E 167 -45.72 -17.28 -15.62
N MET E 168 -44.71 -18.11 -15.87
CA MET E 168 -43.70 -18.43 -14.85
C MET E 168 -42.85 -17.22 -14.49
N VAL E 169 -42.38 -16.46 -15.48
CA VAL E 169 -41.56 -15.28 -15.19
C VAL E 169 -42.31 -14.33 -14.27
N GLN E 170 -43.57 -14.05 -14.60
CA GLN E 170 -44.35 -13.09 -13.84
C GLN E 170 -44.74 -13.63 -12.48
N THR E 171 -45.10 -14.91 -12.39
CA THR E 171 -45.55 -15.47 -11.11
C THR E 171 -44.39 -15.67 -10.13
N ASN E 172 -43.20 -15.97 -10.63
CA ASN E 172 -42.06 -16.15 -9.74
C ASN E 172 -41.56 -14.81 -9.21
N SER E 173 -41.48 -13.81 -10.09
CA SER E 173 -40.93 -12.50 -9.71
C SER E 173 -41.72 -11.89 -8.55
N VAL E 174 -43.05 -11.93 -8.63
CA VAL E 174 -43.86 -11.39 -7.54
C VAL E 174 -43.69 -12.20 -6.28
N ALA E 175 -43.73 -13.53 -6.40
CA ALA E 175 -43.64 -14.41 -5.24
C ALA E 175 -42.38 -14.12 -4.43
N ASP E 176 -41.23 -14.08 -5.11
CA ASP E 176 -39.98 -13.78 -4.42
C ASP E 176 -39.97 -12.34 -3.92
N ALA E 177 -40.38 -11.39 -4.77
CA ALA E 177 -40.36 -9.99 -4.37
C ALA E 177 -41.25 -9.73 -3.17
N VAL E 178 -42.37 -10.45 -3.07
CA VAL E 178 -43.22 -10.30 -1.89
C VAL E 178 -42.53 -10.90 -0.66
N ALA E 179 -41.80 -12.01 -0.85
CA ALA E 179 -41.11 -12.65 0.26
C ALA E 179 -40.00 -11.77 0.84
N SER E 180 -39.32 -10.97 0.01
CA SER E 180 -38.29 -10.10 0.55
C SER E 180 -38.89 -9.01 1.42
N ASN E 181 -39.93 -8.33 0.92
CA ASN E 181 -40.45 -7.14 1.60
C ASN E 181 -41.40 -7.52 2.73
N PHE E 182 -42.29 -8.49 2.52
CA PHE E 182 -43.28 -8.81 3.54
C PHE E 182 -43.06 -10.16 4.20
N GLY E 183 -42.47 -11.10 3.49
CA GLY E 183 -41.90 -12.31 4.07
C GLY E 183 -42.81 -13.27 4.79
N VAL E 184 -44.12 -13.01 4.81
CA VAL E 184 -45.05 -13.95 5.40
C VAL E 184 -45.69 -14.67 4.22
N ASP E 185 -44.87 -14.97 3.22
CA ASP E 185 -45.37 -15.32 1.88
C ASP E 185 -44.52 -16.39 1.24
N PRO E 186 -44.58 -17.63 1.73
CA PRO E 186 -43.99 -18.74 0.96
C PRO E 186 -44.78 -19.00 -0.31
N LEU E 187 -45.61 -20.04 -0.26
CA LEU E 187 -46.54 -20.41 -1.32
C LEU E 187 -47.86 -19.64 -1.24
N ILE E 188 -48.14 -19.00 -0.11
CA ILE E 188 -49.38 -18.25 0.08
C ILE E 188 -49.60 -17.28 -1.07
N THR E 189 -48.55 -16.55 -1.45
CA THR E 189 -48.66 -15.66 -2.59
C THR E 189 -48.93 -16.44 -3.88
N GLY E 190 -48.40 -17.65 -4.00
CA GLY E 190 -48.73 -18.48 -5.15
C GLY E 190 -50.18 -18.95 -5.16
N PHE E 191 -50.71 -19.29 -3.99
CA PHE E 191 -52.10 -19.73 -3.90
C PHE E 191 -53.05 -18.63 -4.35
N VAL E 192 -52.94 -17.45 -3.74
CA VAL E 192 -53.86 -16.36 -4.05
C VAL E 192 -53.77 -15.96 -5.52
N LEU E 193 -52.58 -16.04 -6.12
CA LEU E 193 -52.44 -15.74 -7.54
C LEU E 193 -53.17 -16.76 -8.41
N ALA E 194 -53.16 -18.02 -7.99
CA ALA E 194 -53.82 -19.07 -8.77
C ALA E 194 -55.34 -18.93 -8.69
N ILE E 195 -55.87 -18.73 -7.48
CA ILE E 195 -57.32 -18.62 -7.32
C ILE E 195 -57.86 -17.45 -8.13
N PHE E 196 -57.27 -16.27 -7.96
CA PHE E 196 -57.71 -15.10 -8.71
C PHE E 196 -57.49 -15.26 -10.21
N THR E 197 -56.54 -16.10 -10.61
CA THR E 197 -56.34 -16.38 -12.03
C THR E 197 -57.46 -17.23 -12.60
N ALA E 198 -57.84 -18.30 -11.89
CA ALA E 198 -58.88 -19.19 -12.38
C ALA E 198 -60.22 -18.47 -12.46
N ALA E 199 -60.56 -17.68 -11.45
CA ALA E 199 -61.84 -16.99 -11.42
C ALA E 199 -62.05 -16.14 -12.67
N VAL E 200 -61.03 -15.41 -13.10
CA VAL E 200 -61.17 -14.54 -14.27
C VAL E 200 -61.21 -15.36 -15.56
N ILE E 201 -60.19 -16.21 -15.78
CA ILE E 201 -60.13 -16.91 -17.07
C ILE E 201 -61.09 -18.08 -17.15
N LEU E 202 -61.83 -18.36 -16.07
CA LEU E 202 -62.90 -19.35 -16.15
C LEU E 202 -63.94 -18.92 -17.18
N GLY E 203 -64.43 -17.69 -17.06
CA GLY E 203 -65.39 -17.14 -18.00
C GLY E 203 -64.84 -16.73 -19.36
N GLY E 204 -63.83 -17.45 -19.85
CA GLY E 204 -63.26 -17.18 -21.15
C GLY E 204 -62.78 -15.76 -21.36
N ILE E 205 -62.58 -15.38 -22.62
CA ILE E 205 -62.10 -14.03 -22.90
C ILE E 205 -63.14 -12.97 -22.56
N LYS E 206 -64.43 -13.28 -22.69
CA LYS E 206 -65.46 -12.31 -22.33
C LYS E 206 -65.34 -11.87 -20.89
N SER E 207 -64.98 -12.80 -19.99
CA SER E 207 -64.74 -12.41 -18.60
C SER E 207 -63.45 -11.61 -18.48
N ILE E 208 -62.45 -11.94 -19.30
CA ILE E 208 -61.17 -11.24 -19.23
C ILE E 208 -61.37 -9.77 -19.52
N GLY E 209 -62.04 -9.45 -20.63
CA GLY E 209 -62.25 -8.05 -21.00
C GLY E 209 -62.95 -7.25 -19.91
N LYS E 210 -63.80 -7.89 -19.13
CA LYS E 210 -64.37 -7.26 -17.95
C LYS E 210 -63.27 -6.95 -16.93
N ALA E 211 -62.51 -7.99 -16.54
CA ALA E 211 -61.50 -7.82 -15.49
C ALA E 211 -60.33 -6.97 -15.98
N THR E 212 -59.79 -7.29 -17.17
CA THR E 212 -58.66 -6.50 -17.68
C THR E 212 -59.07 -5.06 -17.96
N GLY E 213 -60.36 -4.81 -18.19
CA GLY E 213 -60.81 -3.46 -18.45
C GLY E 213 -60.73 -2.57 -17.21
N ILE E 214 -61.07 -3.11 -16.05
CA ILE E 214 -61.02 -2.33 -14.82
C ILE E 214 -59.61 -2.32 -14.24
N ILE E 215 -58.91 -3.45 -14.28
CA ILE E 215 -57.63 -3.58 -13.60
C ILE E 215 -56.57 -2.70 -14.25
N VAL E 216 -56.35 -2.88 -15.56
CA VAL E 216 -55.21 -2.25 -16.23
C VAL E 216 -55.12 -0.73 -16.01
N PRO E 217 -56.20 0.05 -16.27
CA PRO E 217 -56.06 1.50 -16.05
C PRO E 217 -55.81 1.89 -14.60
N PHE E 218 -56.48 1.23 -13.65
CA PHE E 218 -56.18 1.45 -12.25
C PHE E 218 -54.73 1.15 -11.95
N MET E 219 -54.23 0.04 -12.52
CA MET E 219 -52.84 -0.35 -12.36
C MET E 219 -51.89 0.69 -12.92
N ALA E 220 -52.10 1.08 -14.18
CA ALA E 220 -51.19 2.01 -14.84
C ALA E 220 -51.21 3.39 -14.18
N VAL E 221 -52.40 3.90 -13.86
CA VAL E 221 -52.49 5.22 -13.24
C VAL E 221 -51.82 5.22 -11.87
N PHE E 222 -52.02 4.14 -11.10
CA PHE E 222 -51.35 4.03 -9.81
C PHE E 222 -49.84 4.16 -9.96
N TYR E 223 -49.30 3.46 -10.88
CA TYR E 223 -47.91 3.58 -11.00
C TYR E 223 -47.59 4.94 -11.46
N ILE E 224 -47.93 5.15 -12.69
CA ILE E 224 -47.41 6.30 -13.41
C ILE E 224 -47.41 7.55 -12.54
N LEU E 225 -48.45 7.74 -11.73
CA LEU E 225 -48.51 8.93 -10.89
C LEU E 225 -47.32 8.99 -9.93
N ALA E 226 -47.01 7.87 -9.28
CA ALA E 226 -45.89 7.83 -8.34
C ALA E 226 -44.60 8.26 -9.04
N GLY E 227 -44.41 7.85 -10.29
CA GLY E 227 -43.25 8.30 -11.05
C GLY E 227 -43.28 9.80 -11.27
N LEU E 228 -44.43 10.31 -11.72
CA LEU E 228 -44.57 11.75 -11.91
C LEU E 228 -44.50 12.49 -10.58
N VAL E 229 -44.90 11.84 -9.48
CA VAL E 229 -44.65 12.40 -8.16
C VAL E 229 -43.14 12.52 -7.93
N ILE E 230 -42.39 11.47 -8.27
CA ILE E 230 -40.94 11.49 -8.09
C ILE E 230 -40.32 12.55 -8.98
N LEU E 231 -40.76 12.63 -10.24
CA LEU E 231 -40.25 13.67 -11.14
C LEU E 231 -40.58 15.05 -10.62
N ALA E 232 -41.76 15.22 -10.03
CA ALA E 232 -42.15 16.51 -9.48
C ALA E 232 -41.23 16.94 -8.34
N MET E 233 -40.94 16.02 -7.41
CA MET E 233 -40.10 16.35 -6.27
C MET E 233 -38.65 16.62 -6.67
N ASN E 234 -38.20 16.07 -7.79
CA ASN E 234 -36.82 16.21 -8.24
C ASN E 234 -36.79 16.73 -9.69
N ILE E 235 -37.33 17.94 -9.88
CA ILE E 235 -37.46 18.49 -11.22
C ILE E 235 -36.09 18.67 -11.87
N GLY E 236 -35.13 19.20 -11.11
CA GLY E 236 -33.84 19.53 -11.69
C GLY E 236 -33.11 18.33 -12.24
N TYR E 237 -33.27 17.16 -11.61
CA TYR E 237 -32.60 15.95 -12.03
C TYR E 237 -33.19 15.34 -13.28
N ILE E 238 -34.32 15.85 -13.78
CA ILE E 238 -35.01 15.24 -14.91
C ILE E 238 -34.15 15.30 -16.16
N ILE E 239 -33.85 16.53 -16.62
CA ILE E 239 -33.11 16.68 -17.87
C ILE E 239 -31.73 16.02 -17.82
N PRO E 240 -30.95 16.11 -16.73
CA PRO E 240 -29.69 15.33 -16.70
C PRO E 240 -29.92 13.83 -16.75
N ALA E 241 -30.99 13.34 -16.11
CA ALA E 241 -31.34 11.93 -16.23
C ALA E 241 -31.55 11.55 -17.69
N PHE E 242 -32.21 12.42 -18.45
CA PHE E 242 -32.28 12.23 -19.89
C PHE E 242 -30.88 12.34 -20.52
N GLY E 243 -30.06 13.25 -20.00
CA GLY E 243 -28.73 13.44 -20.56
C GLY E 243 -27.86 12.21 -20.46
N THR E 244 -27.83 11.59 -19.28
CA THR E 244 -27.01 10.38 -19.10
C THR E 244 -27.49 9.25 -20.00
N ILE E 245 -28.81 9.16 -20.21
CA ILE E 245 -29.35 8.14 -21.12
C ILE E 245 -28.87 8.39 -22.55
N PHE E 246 -28.97 9.64 -23.02
CA PHE E 246 -28.54 9.96 -24.37
C PHE E 246 -27.02 10.01 -24.50
N SER E 247 -26.32 10.49 -23.47
CA SER E 247 -24.86 10.46 -23.50
C SER E 247 -24.35 9.03 -23.58
N SER E 248 -24.88 8.15 -22.74
CA SER E 248 -24.74 6.72 -22.95
C SER E 248 -25.56 6.30 -24.16
N ALA E 249 -25.55 4.99 -24.46
CA ALA E 249 -26.22 4.42 -25.62
C ALA E 249 -25.53 4.84 -26.91
N PHE E 250 -24.88 6.00 -26.89
CA PHE E 250 -24.03 6.48 -27.98
C PHE E 250 -22.63 6.79 -27.44
N ASN E 251 -22.19 6.00 -26.46
CA ASN E 251 -20.90 6.19 -25.81
C ASN E 251 -19.96 5.16 -26.42
N PHE E 252 -19.24 5.57 -27.46
CA PHE E 252 -18.29 4.72 -28.15
C PHE E 252 -16.89 4.78 -27.55
N SER E 253 -16.74 5.37 -26.36
CA SER E 253 -15.43 5.52 -25.75
C SER E 253 -14.70 4.19 -25.66
N ALA E 254 -15.42 3.12 -25.38
CA ALA E 254 -14.85 1.78 -25.27
C ALA E 254 -15.37 0.93 -26.43
N GLY E 255 -14.45 0.28 -27.13
CA GLY E 255 -14.80 -0.69 -28.14
C GLY E 255 -15.40 -0.13 -29.42
N PHE E 256 -15.07 -0.77 -30.54
CA PHE E 256 -15.58 -0.38 -31.85
C PHE E 256 -17.00 -0.92 -31.99
N GLY E 257 -17.97 -0.06 -31.67
CA GLY E 257 -19.36 -0.48 -31.61
C GLY E 257 -19.56 -1.65 -30.68
N ALA E 258 -18.70 -1.75 -29.67
CA ALA E 258 -18.81 -2.81 -28.67
C ALA E 258 -19.86 -2.53 -27.63
N LEU E 259 -20.50 -1.35 -27.66
CA LEU E 259 -21.69 -1.15 -26.84
C LEU E 259 -22.89 -1.92 -27.38
N ILE E 260 -22.77 -2.49 -28.59
CA ILE E 260 -23.79 -3.40 -29.09
C ILE E 260 -24.12 -4.46 -28.05
N GLY E 261 -23.09 -5.11 -27.51
CA GLY E 261 -23.31 -6.11 -26.50
C GLY E 261 -23.69 -5.54 -25.15
N THR E 262 -23.23 -4.33 -24.84
CA THR E 262 -23.49 -3.75 -23.53
C THR E 262 -24.91 -3.16 -23.47
N ALA E 263 -25.10 -2.02 -24.12
CA ALA E 263 -26.34 -1.26 -23.96
C ALA E 263 -27.38 -1.63 -25.01
N ILE E 264 -26.97 -1.78 -26.27
CA ILE E 264 -27.93 -2.02 -27.35
C ILE E 264 -28.59 -3.38 -27.19
N MET E 265 -27.79 -4.43 -26.98
CA MET E 265 -28.37 -5.77 -26.89
C MET E 265 -29.30 -5.90 -25.70
N TRP E 266 -28.90 -5.36 -24.55
CA TRP E 266 -29.78 -5.45 -23.38
C TRP E 266 -31.01 -4.56 -23.56
N GLY E 267 -30.84 -3.41 -24.20
CA GLY E 267 -32.00 -2.56 -24.46
C GLY E 267 -33.00 -3.23 -25.39
N VAL E 268 -32.50 -3.82 -26.48
CA VAL E 268 -33.39 -4.50 -27.42
C VAL E 268 -33.98 -5.75 -26.78
N LYS E 269 -33.12 -6.60 -26.21
CA LYS E 269 -33.56 -7.87 -25.63
C LYS E 269 -34.63 -7.65 -24.55
N ARG E 270 -34.37 -6.74 -23.61
CA ARG E 270 -35.36 -6.44 -22.58
C ARG E 270 -36.48 -5.55 -23.10
N GLY E 271 -36.20 -4.74 -24.12
CA GLY E 271 -37.25 -3.91 -24.70
C GLY E 271 -38.33 -4.73 -25.39
N VAL E 272 -37.93 -5.66 -26.26
CA VAL E 272 -38.88 -6.57 -26.88
C VAL E 272 -39.69 -7.31 -25.82
N PHE E 273 -39.03 -7.67 -24.71
CA PHE E 273 -39.74 -8.41 -23.66
C PHE E 273 -40.89 -7.59 -23.08
N SER E 274 -40.67 -6.30 -22.82
CA SER E 274 -41.68 -5.51 -22.12
C SER E 274 -42.86 -5.21 -23.03
N ASN E 275 -42.61 -4.53 -24.16
CA ASN E 275 -43.69 -4.12 -25.03
C ASN E 275 -44.13 -5.20 -26.00
N GLU E 276 -43.35 -6.27 -26.11
CA GLU E 276 -43.68 -7.38 -27.00
C GLU E 276 -43.90 -6.88 -28.43
N ALA E 277 -42.81 -6.55 -29.10
CA ALA E 277 -42.88 -6.06 -30.47
C ALA E 277 -43.07 -7.20 -31.46
N GLY E 278 -41.98 -7.60 -32.12
CA GLY E 278 -42.03 -8.68 -33.09
C GLY E 278 -42.03 -10.05 -32.44
N LEU E 279 -43.17 -10.43 -31.87
CA LEU E 279 -43.30 -11.72 -31.20
C LEU E 279 -44.44 -12.54 -31.80
N GLY E 280 -45.41 -11.84 -32.40
CA GLY E 280 -46.55 -12.51 -33.02
C GLY E 280 -47.57 -12.96 -32.00
N SER E 281 -47.39 -12.54 -30.75
CA SER E 281 -48.30 -12.90 -29.68
C SER E 281 -48.94 -11.68 -29.05
N ALA E 282 -49.38 -10.74 -29.89
CA ALA E 282 -50.00 -9.52 -29.42
C ALA E 282 -51.40 -9.35 -30.01
N PRO E 283 -51.58 -9.84 -31.25
CA PRO E 283 -52.85 -9.75 -31.96
C PRO E 283 -53.87 -10.77 -31.43
N ILE E 284 -53.38 -11.83 -30.81
CA ILE E 284 -54.26 -12.86 -30.27
C ILE E 284 -55.49 -12.26 -29.60
N ALA E 285 -55.34 -11.04 -29.09
CA ALA E 285 -56.43 -10.36 -28.42
C ALA E 285 -57.13 -9.38 -29.36
N ALA E 286 -56.38 -8.75 -30.27
CA ALA E 286 -56.98 -7.80 -31.20
C ALA E 286 -58.05 -8.46 -32.06
N ALA E 287 -57.91 -9.76 -32.32
CA ALA E 287 -58.88 -10.46 -33.14
C ALA E 287 -60.26 -10.48 -32.50
N ALA E 288 -60.31 -10.57 -31.17
CA ALA E 288 -61.59 -10.60 -30.47
C ALA E 288 -62.30 -9.26 -30.48
N ALA E 289 -61.72 -8.23 -31.08
CA ALA E 289 -62.36 -6.92 -31.09
C ALA E 289 -63.52 -6.88 -32.07
N LYS E 290 -64.52 -6.08 -31.73
CA LYS E 290 -65.65 -5.77 -32.61
C LYS E 290 -65.19 -4.69 -33.57
N THR E 291 -64.62 -5.11 -34.70
CA THR E 291 -63.95 -4.20 -35.62
C THR E 291 -64.61 -4.24 -37.00
N ASP E 292 -64.81 -3.05 -37.58
CA ASP E 292 -65.36 -2.94 -38.93
C ASP E 292 -64.35 -3.41 -39.98
N HIS E 293 -63.08 -3.10 -39.77
CA HIS E 293 -62.02 -3.36 -40.73
C HIS E 293 -60.78 -3.70 -39.92
N PRO E 294 -59.74 -4.25 -40.55
CA PRO E 294 -58.49 -4.46 -39.80
C PRO E 294 -57.91 -3.15 -39.27
N GLY E 295 -57.93 -2.10 -40.09
CA GLY E 295 -57.36 -0.84 -39.67
C GLY E 295 -58.03 -0.23 -38.45
N ARG E 296 -59.32 -0.53 -38.23
CA ARG E 296 -60.01 0.01 -37.07
C ARG E 296 -59.35 -0.48 -35.78
N GLN E 297 -59.20 -1.80 -35.64
CA GLN E 297 -58.61 -2.37 -34.44
C GLN E 297 -57.09 -2.29 -34.47
N ALA E 298 -56.48 -2.42 -35.65
CA ALA E 298 -55.03 -2.41 -35.72
C ALA E 298 -54.45 -1.09 -35.24
N LEU E 299 -55.21 0.00 -35.34
CA LEU E 299 -54.73 1.26 -34.80
C LEU E 299 -54.77 1.29 -33.27
N VAL E 300 -55.74 0.59 -32.68
CA VAL E 300 -55.86 0.53 -31.23
C VAL E 300 -54.73 -0.35 -30.68
N SER E 301 -54.41 -1.42 -31.41
CA SER E 301 -53.35 -2.34 -31.02
C SER E 301 -51.98 -1.71 -31.13
N MET E 302 -51.79 -0.82 -32.10
CA MET E 302 -50.51 -0.12 -32.24
C MET E 302 -50.18 0.69 -31.00
N THR E 303 -51.17 1.04 -30.18
CA THR E 303 -50.92 1.76 -28.95
C THR E 303 -50.39 0.84 -27.85
N GLY E 304 -50.33 -0.46 -28.10
CA GLY E 304 -49.81 -1.38 -27.11
C GLY E 304 -48.37 -1.09 -26.73
N THR E 305 -47.52 -0.88 -27.74
CA THR E 305 -46.14 -0.48 -27.46
C THR E 305 -46.10 0.87 -26.73
N PHE E 306 -46.79 1.87 -27.28
CA PHE E 306 -46.63 3.24 -26.79
C PHE E 306 -46.91 3.35 -25.30
N LEU E 307 -47.94 2.66 -24.82
CA LEU E 307 -48.26 2.74 -23.40
C LEU E 307 -47.23 1.97 -22.58
N ASP E 308 -46.73 0.85 -23.10
CA ASP E 308 -45.75 0.05 -22.36
C ASP E 308 -44.40 0.75 -22.28
N THR E 309 -43.72 0.88 -23.41
CA THR E 309 -42.33 1.35 -23.41
C THR E 309 -42.20 2.84 -23.16
N ILE E 310 -42.71 3.66 -24.09
CA ILE E 310 -42.51 5.10 -24.01
C ILE E 310 -43.17 5.68 -22.76
N VAL E 311 -44.23 5.05 -22.26
CA VAL E 311 -44.89 5.57 -21.06
C VAL E 311 -44.44 4.81 -19.81
N VAL E 312 -44.91 3.58 -19.63
CA VAL E 312 -44.67 2.86 -18.38
C VAL E 312 -43.18 2.62 -18.17
N CYS E 313 -42.53 1.97 -19.15
CA CYS E 313 -41.11 1.66 -19.02
C CYS E 313 -40.28 2.92 -18.78
N THR E 314 -40.55 3.98 -19.55
CA THR E 314 -39.81 5.23 -19.37
C THR E 314 -39.95 5.76 -17.95
N ILE E 315 -41.13 5.60 -17.35
CA ILE E 315 -41.32 6.01 -15.97
C ILE E 315 -40.37 5.24 -15.04
N THR E 316 -40.28 3.94 -15.27
CA THR E 316 -39.40 3.09 -14.48
C THR E 316 -37.93 3.44 -14.70
N GLY E 317 -37.56 3.66 -15.95
CA GLY E 317 -36.18 4.00 -16.28
C GLY E 317 -35.77 5.35 -15.75
N LEU E 318 -36.69 6.31 -15.70
CA LEU E 318 -36.36 7.63 -15.18
C LEU E 318 -36.02 7.57 -13.69
N VAL E 319 -36.79 6.81 -12.91
CA VAL E 319 -36.51 6.69 -11.49
C VAL E 319 -35.17 6.01 -11.26
N LEU E 320 -34.88 4.97 -12.05
CA LEU E 320 -33.63 4.22 -11.88
C LEU E 320 -32.42 5.11 -12.09
N THR E 321 -32.40 5.86 -13.19
CA THR E 321 -31.28 6.77 -13.43
C THR E 321 -31.20 7.84 -12.35
N ILE E 322 -32.36 8.39 -11.95
CA ILE E 322 -32.37 9.41 -10.90
C ILE E 322 -31.77 8.87 -9.61
N ALA E 323 -32.07 7.62 -9.28
CA ALA E 323 -31.42 6.98 -8.13
C ALA E 323 -29.92 6.90 -8.35
N GLY E 324 -29.49 6.57 -9.57
CA GLY E 324 -28.07 6.55 -9.87
C GLY E 324 -27.46 7.94 -9.89
N LEU E 325 -28.22 8.95 -10.33
CA LEU E 325 -27.71 10.32 -10.30
C LEU E 325 -27.57 10.81 -8.86
N LYS E 326 -28.53 10.47 -8.00
CA LYS E 326 -28.29 10.59 -6.58
C LYS E 326 -27.19 9.63 -6.16
N ALA E 327 -26.88 9.63 -4.87
CA ALA E 327 -25.88 8.70 -4.36
C ALA E 327 -26.61 7.44 -3.90
N PHE E 328 -27.18 7.52 -2.71
CA PHE E 328 -27.98 6.53 -2.00
C PHE E 328 -27.14 5.30 -1.72
N PRO E 329 -27.18 4.77 -0.51
CA PRO E 329 -26.29 3.66 -0.17
C PRO E 329 -26.86 2.31 -0.56
N GLY E 330 -25.94 1.42 -0.93
CA GLY E 330 -26.20 0.00 -0.99
C GLY E 330 -27.03 -0.48 -2.16
N LEU E 331 -27.63 0.40 -2.95
CA LEU E 331 -28.41 -0.07 -4.08
C LEU E 331 -27.54 -0.48 -5.27
N THR E 332 -26.22 -0.28 -5.17
CA THR E 332 -25.34 -0.50 -6.30
C THR E 332 -25.40 -1.94 -6.80
N ASP E 333 -25.62 -2.89 -5.91
CA ASP E 333 -25.68 -4.30 -6.29
C ASP E 333 -27.04 -4.89 -5.99
N LEU E 334 -28.09 -4.36 -6.59
CA LEU E 334 -29.44 -4.90 -6.39
C LEU E 334 -29.90 -5.58 -7.66
N THR E 335 -30.61 -6.69 -7.49
CA THR E 335 -30.81 -7.65 -8.58
C THR E 335 -31.68 -7.08 -9.69
N GLY E 336 -32.90 -6.66 -9.37
CA GLY E 336 -33.80 -6.19 -10.41
C GLY E 336 -35.05 -5.53 -9.86
N ALA E 337 -36.04 -6.34 -9.49
CA ALA E 337 -37.25 -5.80 -8.89
C ALA E 337 -36.93 -5.11 -7.56
N SER E 338 -35.96 -5.65 -6.81
CA SER E 338 -35.59 -5.02 -5.55
C SER E 338 -34.91 -3.68 -5.77
N LEU E 339 -34.20 -3.53 -6.88
CA LEU E 339 -33.54 -2.26 -7.18
C LEU E 339 -34.56 -1.16 -7.38
N THR E 340 -35.55 -1.40 -8.25
CA THR E 340 -36.55 -0.38 -8.55
C THR E 340 -37.35 0.00 -7.31
N ALA E 341 -37.78 -0.99 -6.53
CA ALA E 341 -38.48 -0.71 -5.29
C ALA E 341 -37.61 0.11 -4.34
N ALA E 342 -36.33 -0.27 -4.22
CA ALA E 342 -35.40 0.54 -3.43
C ALA E 342 -35.20 1.91 -4.05
N SER E 343 -35.15 1.98 -5.38
CA SER E 343 -35.03 3.28 -6.04
C SER E 343 -36.25 4.14 -5.79
N PHE E 344 -37.44 3.52 -5.74
CA PHE E 344 -38.65 4.27 -5.38
C PHE E 344 -38.64 4.64 -3.91
N ASP E 345 -38.36 3.67 -3.03
CA ASP E 345 -38.40 3.93 -1.59
C ASP E 345 -37.40 5.00 -1.21
N ALA E 346 -36.33 5.12 -1.98
CA ALA E 346 -35.34 6.17 -1.75
C ALA E 346 -35.93 7.55 -2.02
N LEU E 347 -36.66 7.70 -3.11
CA LEU E 347 -37.17 8.99 -3.55
C LEU E 347 -38.55 9.32 -2.99
N MET E 348 -39.34 8.34 -2.62
CA MET E 348 -40.71 8.54 -2.16
C MET E 348 -40.92 7.91 -0.80
N PRO E 349 -41.91 8.39 -0.03
CA PRO E 349 -42.09 7.86 1.34
C PRO E 349 -42.39 6.36 1.36
N MET E 350 -43.38 5.92 0.59
CA MET E 350 -43.79 4.52 0.56
C MET E 350 -43.60 3.93 -0.84
N GLY E 351 -42.61 4.43 -1.57
CA GLY E 351 -42.36 3.93 -2.92
C GLY E 351 -42.06 2.45 -2.95
N GLY E 352 -41.40 1.94 -1.92
CA GLY E 352 -41.13 0.52 -1.86
C GLY E 352 -42.40 -0.29 -1.85
N LEU E 353 -43.34 0.06 -0.96
CA LEU E 353 -44.62 -0.62 -0.92
C LEU E 353 -45.39 -0.42 -2.22
N ILE E 354 -45.25 0.74 -2.86
CA ILE E 354 -45.96 0.99 -4.11
C ILE E 354 -45.52 0.01 -5.19
N VAL E 355 -44.21 -0.07 -5.42
CA VAL E 355 -43.70 -0.88 -6.54
C VAL E 355 -44.07 -2.34 -6.36
N THR E 356 -43.89 -2.88 -5.15
CA THR E 356 -44.24 -4.28 -4.93
C THR E 356 -45.74 -4.51 -5.06
N ILE E 357 -46.55 -3.52 -4.67
CA ILE E 357 -47.99 -3.60 -4.93
C ILE E 357 -48.26 -3.63 -6.43
N GLY E 358 -47.65 -2.71 -7.17
CA GLY E 358 -47.84 -2.69 -8.61
C GLY E 358 -47.39 -3.98 -9.26
N LEU E 359 -46.26 -4.52 -8.80
CA LEU E 359 -45.75 -5.76 -9.34
C LEU E 359 -46.78 -6.87 -9.29
N VAL E 360 -47.60 -6.90 -8.24
CA VAL E 360 -48.63 -7.92 -8.12
C VAL E 360 -49.66 -7.78 -9.23
N PHE E 361 -50.19 -6.56 -9.44
CA PHE E 361 -51.17 -6.36 -10.49
C PHE E 361 -50.53 -6.41 -11.88
N PHE E 362 -49.32 -5.87 -12.01
CA PHE E 362 -48.60 -5.91 -13.27
C PHE E 362 -48.42 -7.35 -13.76
N ALA E 363 -48.02 -8.25 -12.86
CA ALA E 363 -47.81 -9.64 -13.24
C ALA E 363 -49.12 -10.38 -13.42
N TYR E 364 -50.03 -10.26 -12.44
CA TYR E 364 -51.34 -10.88 -12.52
C TYR E 364 -52.06 -10.52 -13.83
N SER E 365 -52.00 -9.26 -14.22
CA SER E 365 -52.57 -8.86 -15.50
C SER E 365 -51.98 -9.67 -16.63
N THR E 366 -50.66 -9.83 -16.63
CA THR E 366 -49.97 -10.56 -17.69
C THR E 366 -50.29 -12.04 -17.66
N VAL E 367 -50.67 -12.57 -16.49
CA VAL E 367 -51.05 -13.98 -16.42
C VAL E 367 -52.34 -14.20 -17.21
N LEU E 368 -53.35 -13.34 -16.98
CA LEU E 368 -54.63 -13.49 -17.65
C LEU E 368 -54.50 -13.33 -19.15
N GLY E 369 -53.83 -12.26 -19.58
CA GLY E 369 -53.69 -11.99 -21.00
C GLY E 369 -53.06 -13.12 -21.77
N TRP E 370 -51.82 -13.50 -21.40
CA TRP E 370 -51.12 -14.55 -22.14
C TRP E 370 -51.82 -15.89 -22.04
N SER E 371 -52.69 -16.07 -21.05
CA SER E 371 -53.54 -17.26 -21.02
C SER E 371 -54.38 -17.36 -22.29
N TYR E 372 -55.04 -16.27 -22.67
CA TYR E 372 -55.80 -16.24 -23.91
C TYR E 372 -54.88 -16.37 -25.12
N TYR E 373 -53.72 -15.71 -25.04
CA TYR E 373 -52.73 -15.76 -26.10
C TYR E 373 -52.35 -17.23 -26.35
N GLY E 374 -52.14 -17.97 -25.27
CA GLY E 374 -51.79 -19.38 -25.39
C GLY E 374 -52.97 -20.25 -25.75
N GLU E 375 -54.15 -19.93 -25.20
CA GLU E 375 -55.35 -20.72 -25.46
C GLU E 375 -55.65 -20.84 -26.95
N LYS E 376 -55.82 -19.70 -27.63
CA LYS E 376 -56.21 -19.72 -29.04
C LYS E 376 -55.12 -20.35 -29.91
N CYS E 377 -53.85 -20.06 -29.61
CA CYS E 377 -52.76 -20.71 -30.32
C CYS E 377 -52.68 -22.20 -30.01
N PHE E 378 -53.02 -22.58 -28.77
CA PHE E 378 -53.09 -24.01 -28.45
C PHE E 378 -54.22 -24.67 -29.22
N GLU E 379 -55.40 -24.06 -29.22
CA GLU E 379 -56.55 -24.69 -29.85
C GLU E 379 -56.34 -24.88 -31.35
N TYR E 380 -55.39 -24.21 -31.91
CA TYR E 380 -55.14 -24.41 -33.29
C TYR E 380 -54.72 -25.82 -33.45
N LEU E 381 -53.94 -26.32 -32.54
CA LEU E 381 -53.42 -27.68 -32.65
C LEU E 381 -54.48 -28.72 -32.33
N ILE E 382 -55.17 -28.55 -31.19
CA ILE E 382 -56.04 -29.58 -30.64
C ILE E 382 -57.52 -29.27 -30.77
N GLY E 383 -57.89 -28.06 -31.17
CA GLY E 383 -59.29 -27.69 -31.22
C GLY E 383 -59.80 -27.29 -29.83
N THR E 384 -61.11 -27.06 -29.77
CA THR E 384 -61.71 -26.64 -28.50
C THR E 384 -61.89 -27.81 -27.54
N LYS E 385 -61.42 -29.01 -27.90
CA LYS E 385 -61.56 -30.15 -27.01
C LYS E 385 -60.69 -30.01 -25.78
N GLY E 386 -59.46 -29.52 -25.96
CA GLY E 386 -58.52 -29.38 -24.87
C GLY E 386 -58.40 -28.00 -24.26
N ILE E 387 -59.30 -27.07 -24.61
CA ILE E 387 -59.24 -25.71 -24.05
C ILE E 387 -59.36 -25.76 -22.54
N ARG E 388 -60.12 -26.74 -22.01
CA ARG E 388 -60.21 -26.89 -20.57
C ARG E 388 -58.87 -27.30 -19.98
N LEU E 389 -58.13 -28.14 -20.69
CA LEU E 389 -56.81 -28.55 -20.21
C LEU E 389 -55.85 -27.38 -20.12
N TYR E 390 -55.84 -26.51 -21.14
CA TYR E 390 -54.89 -25.40 -21.14
C TYR E 390 -55.13 -24.47 -19.95
N ARG E 391 -56.39 -24.18 -19.63
CA ARG E 391 -56.68 -23.26 -18.53
C ARG E 391 -56.27 -23.86 -17.18
N ILE E 392 -56.61 -25.14 -16.94
CA ILE E 392 -56.23 -25.74 -15.67
C ILE E 392 -54.73 -25.86 -15.57
N ALA E 393 -54.06 -26.16 -16.69
CA ALA E 393 -52.60 -26.17 -16.70
C ALA E 393 -52.04 -24.80 -16.37
N PHE E 394 -52.58 -23.74 -17.01
CA PHE E 394 -52.12 -22.39 -16.72
C PHE E 394 -52.30 -22.02 -15.26
N VAL E 395 -53.41 -22.45 -14.65
CA VAL E 395 -53.65 -22.17 -13.23
C VAL E 395 -52.66 -22.92 -12.35
N LEU E 396 -52.46 -24.22 -12.62
CA LEU E 396 -51.53 -25.00 -11.80
C LEU E 396 -50.09 -24.51 -11.97
N VAL E 397 -49.66 -24.27 -13.21
CA VAL E 397 -48.30 -23.80 -13.43
C VAL E 397 -48.08 -22.43 -12.79
N ALA E 398 -49.14 -21.61 -12.71
CA ALA E 398 -49.02 -20.35 -11.99
C ALA E 398 -48.73 -20.59 -10.52
N PHE E 399 -49.41 -21.58 -9.92
CA PHE E 399 -49.12 -21.96 -8.54
C PHE E 399 -47.71 -22.50 -8.40
N TRP E 400 -47.34 -23.45 -9.26
CA TRP E 400 -46.01 -24.05 -9.20
C TRP E 400 -44.92 -23.00 -9.44
N GLY E 401 -45.15 -22.07 -10.36
CA GLY E 401 -44.15 -21.06 -10.67
C GLY E 401 -43.78 -20.19 -9.48
N ALA E 402 -44.74 -19.92 -8.60
CA ALA E 402 -44.43 -19.11 -7.43
C ALA E 402 -43.59 -19.88 -6.42
N THR E 403 -43.79 -21.20 -6.33
CA THR E 403 -43.07 -22.05 -5.39
C THR E 403 -41.75 -22.59 -5.95
N ALA E 404 -41.72 -22.93 -7.24
CA ALA E 404 -40.54 -23.60 -7.80
C ALA E 404 -39.36 -22.64 -7.87
N SER E 405 -38.19 -23.22 -8.12
CA SER E 405 -36.96 -22.46 -8.23
C SER E 405 -36.61 -22.30 -9.69
N LEU E 406 -36.80 -21.08 -10.21
CA LEU E 406 -36.56 -20.75 -11.61
C LEU E 406 -35.62 -19.55 -11.64
N PRO E 407 -34.34 -19.75 -11.29
CA PRO E 407 -33.44 -18.58 -11.20
C PRO E 407 -33.22 -17.91 -12.54
N LEU E 408 -32.96 -18.69 -13.58
CA LEU E 408 -32.68 -18.21 -14.92
C LEU E 408 -33.87 -18.38 -15.86
N VAL E 409 -35.10 -18.27 -15.33
CA VAL E 409 -36.28 -18.48 -16.16
C VAL E 409 -36.32 -17.46 -17.29
N TRP E 410 -35.84 -16.24 -17.04
CA TRP E 410 -35.82 -15.23 -18.09
C TRP E 410 -35.03 -15.72 -19.30
N ASN E 411 -33.95 -16.46 -19.06
CA ASN E 411 -33.11 -16.94 -20.16
C ASN E 411 -33.86 -17.93 -21.03
N ILE E 412 -34.54 -18.90 -20.41
CA ILE E 412 -35.31 -19.87 -21.19
C ILE E 412 -36.57 -19.20 -21.76
N ALA E 413 -37.08 -18.18 -21.07
CA ALA E 413 -38.21 -17.42 -21.62
C ALA E 413 -37.83 -16.76 -22.93
N ASP E 414 -36.74 -16.01 -22.93
CA ASP E 414 -36.33 -15.29 -24.14
C ASP E 414 -36.07 -16.23 -25.31
N THR E 415 -35.61 -17.45 -25.03
CA THR E 415 -35.41 -18.40 -26.13
C THR E 415 -36.73 -18.85 -26.74
N LEU E 416 -37.73 -19.17 -25.90
CA LEU E 416 -39.04 -19.52 -26.43
C LEU E 416 -39.64 -18.38 -27.24
N ASN E 417 -39.55 -17.15 -26.71
CA ASN E 417 -40.05 -15.98 -27.42
C ASN E 417 -39.38 -15.84 -28.79
N GLY E 418 -38.06 -16.03 -28.85
CA GLY E 418 -37.38 -15.99 -30.14
C GLY E 418 -37.83 -17.10 -31.06
N ALA E 419 -38.06 -18.29 -30.52
CA ALA E 419 -38.60 -19.38 -31.33
C ALA E 419 -39.95 -18.99 -31.92
N MET E 420 -40.82 -18.40 -31.11
CA MET E 420 -42.09 -17.87 -31.62
C MET E 420 -41.83 -16.81 -32.68
N ALA E 421 -40.77 -16.02 -32.50
CA ALA E 421 -40.54 -14.84 -33.33
C ALA E 421 -40.22 -15.18 -34.78
N ILE E 422 -39.42 -16.22 -35.01
CA ILE E 422 -38.91 -16.51 -36.36
C ILE E 422 -40.02 -16.60 -37.41
N PRO E 423 -41.06 -17.43 -37.23
CA PRO E 423 -42.05 -17.57 -38.31
C PRO E 423 -42.85 -16.31 -38.61
N ASN E 424 -43.43 -15.67 -37.59
CA ASN E 424 -44.29 -14.51 -37.81
C ASN E 424 -43.55 -13.39 -38.54
N LEU E 425 -42.28 -13.15 -38.17
CA LEU E 425 -41.52 -12.10 -38.86
C LEU E 425 -41.43 -12.37 -40.34
N ILE E 426 -41.20 -13.63 -40.73
CA ILE E 426 -41.18 -13.99 -42.14
C ILE E 426 -42.49 -13.61 -42.81
N GLY E 427 -43.61 -13.87 -42.14
CA GLY E 427 -44.90 -13.51 -42.71
C GLY E 427 -45.06 -12.01 -42.90
N LEU E 428 -44.72 -11.23 -41.88
CA LEU E 428 -44.85 -9.77 -41.97
C LEU E 428 -43.99 -9.21 -43.10
N LEU E 429 -42.81 -9.79 -43.32
CA LEU E 429 -41.99 -9.38 -44.46
C LEU E 429 -42.70 -9.71 -45.76
N LEU E 430 -43.12 -10.97 -45.92
CA LEU E 430 -43.73 -11.41 -47.17
C LEU E 430 -45.08 -10.75 -47.40
N LEU E 431 -45.89 -10.62 -46.35
CA LEU E 431 -47.23 -10.07 -46.48
C LEU E 431 -47.27 -8.56 -46.28
N SER E 432 -46.13 -7.88 -46.46
CA SER E 432 -46.15 -6.42 -46.43
C SER E 432 -46.99 -5.86 -47.56
N GLY E 433 -47.01 -6.55 -48.71
CA GLY E 433 -47.85 -6.12 -49.81
C GLY E 433 -49.32 -6.17 -49.49
N VAL E 434 -49.75 -7.16 -48.70
CA VAL E 434 -51.15 -7.28 -48.32
C VAL E 434 -51.58 -6.10 -47.44
N VAL E 435 -50.80 -5.84 -46.39
CA VAL E 435 -51.18 -4.79 -45.44
C VAL E 435 -51.12 -3.41 -46.10
N VAL E 436 -50.07 -3.13 -46.87
CA VAL E 436 -49.96 -1.80 -47.49
C VAL E 436 -51.14 -1.55 -48.42
N SER E 437 -51.63 -2.59 -49.09
CA SER E 437 -52.88 -2.47 -49.83
C SER E 437 -54.05 -2.29 -48.86
N GLU E 438 -54.10 -3.14 -47.83
CA GLU E 438 -55.18 -3.06 -46.85
C GLU E 438 -55.14 -1.73 -46.10
N THR E 439 -53.96 -1.12 -45.95
CA THR E 439 -53.89 0.21 -45.35
C THR E 439 -54.47 1.26 -46.28
N LYS E 440 -54.06 1.23 -47.55
CA LYS E 440 -54.60 2.16 -48.53
C LYS E 440 -56.11 2.03 -48.67
N ALA E 441 -56.70 0.95 -48.15
CA ALA E 441 -58.15 0.85 -48.10
C ALA E 441 -58.72 1.62 -46.90
N PHE E 442 -58.18 1.35 -45.71
CA PHE E 442 -58.74 1.97 -44.52
C PHE E 442 -58.53 3.48 -44.49
N ASN E 443 -57.31 3.94 -44.83
CA ASN E 443 -57.07 5.38 -44.83
C ASN E 443 -57.92 6.10 -45.88
N GLU E 444 -58.35 5.39 -46.93
CA GLU E 444 -59.31 5.97 -47.86
C GLU E 444 -60.67 6.16 -47.17
N ILE E 445 -61.08 5.20 -46.35
CA ILE E 445 -62.29 5.33 -45.55
C ILE E 445 -62.15 6.42 -44.50
N ARG E 446 -60.93 6.77 -44.11
CA ARG E 446 -60.70 7.74 -43.04
C ARG E 446 -60.89 9.18 -43.49
N LYS E 447 -61.09 9.42 -44.79
CA LYS E 447 -61.41 10.75 -45.26
C LYS E 447 -62.90 11.05 -45.20
N ASN E 448 -63.75 10.02 -45.21
CA ASN E 448 -65.19 10.20 -45.15
C ASN E 448 -65.64 10.64 -43.76
N ASP F 1 19.43 25.28 19.90
CA ASP F 1 18.36 24.43 19.38
C ASP F 1 17.64 25.06 18.18
N ILE F 2 17.42 24.25 17.14
CA ILE F 2 16.62 24.65 15.98
C ILE F 2 15.21 24.09 16.18
N ALA F 3 14.22 24.97 16.11
CA ALA F 3 12.83 24.59 16.34
C ALA F 3 12.14 24.42 14.99
N MET F 4 11.59 23.23 14.75
CA MET F 4 10.86 22.93 13.52
C MET F 4 9.39 22.75 13.89
N THR F 5 8.54 23.61 13.34
CA THR F 5 7.12 23.57 13.63
C THR F 5 6.35 23.10 12.40
N GLN F 6 5.54 22.06 12.57
CA GLN F 6 4.76 21.49 11.49
C GLN F 6 3.29 21.86 11.61
N SER F 7 2.66 22.08 10.47
CA SER F 7 1.24 22.32 10.33
C SER F 7 0.76 21.61 9.06
N PRO F 8 -0.48 21.11 9.05
CA PRO F 8 -1.40 21.11 10.19
C PRO F 8 -1.03 20.02 11.19
N ALA F 9 -1.35 20.23 12.48
CA ALA F 9 -1.00 19.25 13.48
C ALA F 9 -1.65 17.91 13.19
N SER F 10 -2.82 17.92 12.57
CA SER F 10 -3.54 16.70 12.22
C SER F 10 -4.46 17.01 11.05
N LEU F 11 -4.64 16.04 10.17
CA LEU F 11 -5.57 16.20 9.06
C LEU F 11 -6.20 14.85 8.73
N SER F 12 -7.38 14.92 8.12
CA SER F 12 -8.09 13.74 7.65
C SER F 12 -8.37 13.92 6.17
N ALA F 13 -7.96 12.96 5.36
CA ALA F 13 -8.02 13.07 3.90
C ALA F 13 -9.01 12.05 3.37
N SER F 14 -9.96 12.53 2.55
CA SER F 14 -10.81 11.61 1.81
C SER F 14 -9.97 10.89 0.78
N VAL F 15 -10.16 9.57 0.68
CA VAL F 15 -9.27 8.74 -0.13
C VAL F 15 -9.29 9.22 -1.58
N GLY F 16 -8.13 9.14 -2.24
CA GLY F 16 -8.00 9.53 -3.62
C GLY F 16 -7.81 11.02 -3.85
N GLU F 17 -7.72 11.82 -2.80
CA GLU F 17 -7.53 13.26 -2.94
C GLU F 17 -6.05 13.58 -2.89
N THR F 18 -5.73 14.87 -2.82
CA THR F 18 -4.35 15.32 -2.68
C THR F 18 -4.23 16.17 -1.42
N VAL F 19 -3.05 16.12 -0.80
CA VAL F 19 -2.82 16.79 0.46
C VAL F 19 -1.43 17.41 0.45
N THR F 20 -1.24 18.41 1.31
CA THR F 20 0.05 19.09 1.42
C THR F 20 0.39 19.33 2.88
N ILE F 21 1.59 18.91 3.29
CA ILE F 21 2.06 18.99 4.67
C ILE F 21 3.22 19.97 4.71
N THR F 22 3.29 20.76 5.79
CA THR F 22 4.25 21.85 5.87
C THR F 22 5.16 21.68 7.08
N CYS F 23 6.45 21.87 6.87
CA CYS F 23 7.44 21.91 7.94
C CYS F 23 8.18 23.23 7.81
N ARG F 24 8.03 24.11 8.81
CA ARG F 24 8.60 25.44 8.79
C ARG F 24 9.61 25.53 9.92
N THR F 25 10.77 26.14 9.65
CA THR F 25 11.91 25.99 10.54
C THR F 25 12.39 27.32 11.11
N SER F 26 13.12 27.21 12.23
CA SER F 26 13.52 28.38 13.00
C SER F 26 14.47 29.27 12.20
N GLU F 27 15.38 28.67 11.46
CA GLU F 27 16.40 29.41 10.74
C GLU F 27 16.71 28.68 9.44
N ASN F 28 17.33 29.41 8.52
CA ASN F 28 17.61 28.85 7.19
C ASN F 28 18.49 27.62 7.32
N ILE F 29 18.16 26.57 6.57
CA ILE F 29 18.86 25.30 6.69
C ILE F 29 19.16 24.71 5.32
N ALA F 30 19.16 25.55 4.29
CA ALA F 30 19.52 25.15 2.91
C ALA F 30 18.62 23.98 2.51
N SER F 31 19.14 22.97 1.82
CA SER F 31 18.34 21.85 1.35
C SER F 31 18.38 20.68 2.32
N ALA F 32 18.83 20.91 3.56
CA ALA F 32 19.01 19.84 4.53
C ALA F 32 17.74 19.67 5.36
N LEU F 33 16.73 19.10 4.72
CA LEU F 33 15.49 18.74 5.39
C LEU F 33 15.03 17.38 4.86
N ALA F 34 14.65 16.47 5.77
CA ALA F 34 14.25 15.12 5.42
C ALA F 34 12.90 14.77 6.04
N TRP F 35 12.19 13.88 5.36
CA TRP F 35 10.83 13.52 5.71
C TRP F 35 10.72 12.03 6.04
N TYR F 36 9.97 11.72 7.10
CA TYR F 36 9.70 10.34 7.48
C TYR F 36 8.21 10.11 7.68
N GLN F 37 7.83 8.84 7.62
CA GLN F 37 6.48 8.36 7.88
C GLN F 37 6.56 7.22 8.88
N GLN F 38 5.75 7.29 9.93
CA GLN F 38 5.79 6.30 10.99
C GLN F 38 4.41 5.72 11.22
N LYS F 39 4.37 4.41 11.43
CA LYS F 39 3.15 3.66 11.68
C LYS F 39 3.27 2.97 13.03
N GLN F 40 2.14 2.41 13.48
CA GLN F 40 2.13 1.76 14.78
C GLN F 40 3.08 0.56 14.78
N GLY F 41 3.91 0.48 15.82
CA GLY F 41 4.85 -0.61 15.96
C GLY F 41 6.00 -0.60 14.96
N LYS F 42 6.39 0.58 14.48
CA LYS F 42 7.41 0.69 13.46
C LYS F 42 8.27 1.94 13.70
N SER F 43 9.47 1.90 13.15
CA SER F 43 10.33 3.06 13.11
C SER F 43 9.90 3.98 11.98
N PRO F 44 10.35 5.23 11.99
CA PRO F 44 10.05 6.10 10.85
C PRO F 44 10.63 5.53 9.56
N GLN F 45 9.93 5.79 8.46
CA GLN F 45 10.33 5.34 7.14
C GLN F 45 10.74 6.56 6.33
N LEU F 46 11.96 6.55 5.79
CA LEU F 46 12.40 7.70 5.03
C LEU F 46 11.61 7.79 3.73
N LEU F 47 11.01 8.97 3.49
CA LEU F 47 10.19 9.22 2.33
C LEU F 47 10.87 10.12 1.31
N VAL F 48 11.40 11.26 1.76
CA VAL F 48 12.07 12.23 0.91
C VAL F 48 13.31 12.71 1.64
N MET F 49 14.46 12.64 0.97
CA MET F 49 15.73 13.03 1.54
C MET F 49 16.19 14.34 0.94
N ASN F 50 16.93 15.12 1.74
CA ASN F 50 17.52 16.38 1.31
C ASN F 50 16.49 17.27 0.62
N ALA F 51 15.38 17.50 1.33
CA ALA F 51 14.30 18.42 0.95
C ALA F 51 13.47 17.91 -0.23
N LYS F 52 14.11 17.59 -1.36
CA LYS F 52 13.37 17.19 -2.55
C LYS F 52 13.77 15.84 -3.14
N THR F 53 14.96 15.35 -2.86
CA THR F 53 15.43 14.13 -3.48
C THR F 53 14.60 12.94 -3.01
N LEU F 54 14.49 11.94 -3.88
CA LEU F 54 13.53 10.86 -3.74
C LEU F 54 14.23 9.60 -3.24
N ALA F 55 13.66 9.00 -2.20
CA ALA F 55 14.18 7.74 -1.67
C ALA F 55 13.63 6.58 -2.48
N ALA F 56 14.47 5.57 -2.67
CA ALA F 56 14.14 4.47 -3.58
C ALA F 56 13.17 3.50 -2.92
N GLY F 57 12.20 3.04 -3.71
CA GLY F 57 11.18 2.15 -3.21
C GLY F 57 9.95 2.85 -2.62
N VAL F 58 9.98 4.17 -2.51
CA VAL F 58 8.85 4.94 -2.01
C VAL F 58 8.03 5.38 -3.22
N PRO F 59 6.70 5.30 -3.15
CA PRO F 59 5.89 5.58 -4.34
C PRO F 59 6.06 7.01 -4.83
N SER F 60 5.81 7.19 -6.14
CA SER F 60 6.07 8.46 -6.81
C SER F 60 5.12 9.56 -6.36
N ARG F 61 4.01 9.20 -5.72
CA ARG F 61 3.04 10.20 -5.29
C ARG F 61 3.64 11.13 -4.23
N PHE F 62 4.59 10.62 -3.44
CA PHE F 62 5.25 11.46 -2.46
C PHE F 62 6.28 12.36 -3.14
N SER F 63 6.18 13.66 -2.88
CA SER F 63 7.10 14.64 -3.44
C SER F 63 7.23 15.77 -2.43
N GLY F 64 8.44 16.27 -2.29
CA GLY F 64 8.70 17.38 -1.39
C GLY F 64 9.48 18.47 -2.09
N SER F 65 9.30 19.70 -1.61
CA SER F 65 9.93 20.85 -2.24
C SER F 65 10.20 21.90 -1.17
N GLY F 66 10.92 22.94 -1.59
CA GLY F 66 11.28 24.05 -0.74
C GLY F 66 12.75 24.05 -0.38
N SER F 67 13.21 25.18 0.13
CA SER F 67 14.55 25.33 0.65
C SER F 67 14.54 26.50 1.62
N GLY F 68 15.45 26.45 2.59
CA GLY F 68 15.56 27.50 3.58
C GLY F 68 14.60 27.42 4.76
N THR F 69 13.54 28.24 4.76
CA THR F 69 12.67 28.36 5.94
C THR F 69 11.21 27.97 5.65
N ALA F 70 10.94 27.26 4.56
CA ALA F 70 9.58 26.82 4.29
C ALA F 70 9.64 25.56 3.44
N PHE F 71 9.13 24.46 3.98
CA PHE F 71 9.15 23.18 3.28
C PHE F 71 7.73 22.61 3.22
N SER F 72 7.45 21.93 2.12
CA SER F 72 6.13 21.32 1.92
C SER F 72 6.32 19.91 1.40
N LEU F 73 5.57 18.98 2.00
CA LEU F 73 5.51 17.59 1.56
C LEU F 73 4.15 17.37 0.93
N LYS F 74 4.14 16.92 -0.33
CA LYS F 74 2.92 16.82 -1.11
C LYS F 74 2.64 15.35 -1.41
N ILE F 75 1.42 14.91 -1.14
CA ILE F 75 0.94 13.57 -1.44
C ILE F 75 -0.19 13.68 -2.45
N ASN F 76 -0.05 13.01 -3.58
CA ASN F 76 -1.06 13.02 -4.64
C ASN F 76 -1.80 11.69 -4.66
N SER F 77 -3.13 11.77 -4.72
CA SER F 77 -3.99 10.59 -4.71
C SER F 77 -3.65 9.69 -3.52
N LEU F 78 -4.10 10.10 -2.34
CA LEU F 78 -3.89 9.32 -1.15
C LEU F 78 -4.57 7.96 -1.26
N GLN F 79 -4.11 7.05 -0.42
CA GLN F 79 -4.60 5.69 -0.33
C GLN F 79 -4.65 5.38 1.16
N PRO F 80 -5.43 4.40 1.57
CA PRO F 80 -5.49 4.08 3.01
C PRO F 80 -4.14 3.73 3.59
N GLU F 81 -3.18 3.31 2.75
CA GLU F 81 -1.84 2.94 3.19
C GLU F 81 -1.03 4.13 3.70
N ASP F 82 -1.49 5.35 3.47
CA ASP F 82 -0.77 6.55 3.90
C ASP F 82 -1.13 6.99 5.31
N PHE F 83 -1.91 6.19 6.04
CA PHE F 83 -2.28 6.52 7.40
C PHE F 83 -1.05 6.44 8.31
N GLY F 84 -0.77 7.52 9.01
CA GLY F 84 0.30 7.53 9.99
C GLY F 84 0.69 8.95 10.34
N SER F 85 1.79 9.05 11.09
CA SER F 85 2.38 10.32 11.45
C SER F 85 3.56 10.62 10.53
N TYR F 86 3.65 11.86 10.09
CA TYR F 86 4.72 12.32 9.22
C TYR F 86 5.59 13.32 9.97
N SER F 87 6.87 13.02 10.07
CA SER F 87 7.81 13.84 10.81
C SER F 87 8.87 14.37 9.85
N CYS F 88 9.35 15.58 10.14
CA CYS F 88 10.41 16.20 9.37
C CYS F 88 11.63 16.36 10.25
N GLN F 89 12.80 16.26 9.63
CA GLN F 89 14.07 16.30 10.35
C GLN F 89 15.09 17.05 9.51
N HIS F 90 15.98 17.80 10.18
CA HIS F 90 16.99 18.61 9.49
C HIS F 90 18.39 18.10 9.82
N ALA F 91 19.31 18.30 8.88
CA ALA F 91 20.72 17.89 9.02
C ALA F 91 21.68 19.07 9.18
N ALA F 92 21.33 20.08 9.96
CA ALA F 92 22.24 21.18 10.27
C ALA F 92 23.01 20.84 11.56
N GLY F 93 24.26 20.41 11.40
CA GLY F 93 25.09 20.09 12.55
C GLY F 93 25.20 18.59 12.77
N TRP F 94 25.19 18.17 14.05
CA TRP F 94 25.09 16.76 14.42
C TRP F 94 23.97 16.51 15.42
N LEU F 95 23.44 17.56 16.03
CA LEU F 95 22.28 17.46 16.91
C LEU F 95 21.06 17.64 16.00
N LEU F 96 20.64 16.54 15.39
CA LEU F 96 19.50 16.57 14.47
C LEU F 96 18.17 16.67 15.20
N THR F 97 17.42 17.74 14.94
CA THR F 97 16.13 17.91 15.57
C THR F 97 15.02 17.45 14.64
N PHE F 98 13.83 17.29 15.22
CA PHE F 98 12.66 16.75 14.55
C PHE F 98 11.48 17.69 14.72
N GLY F 99 10.41 17.40 13.97
CA GLY F 99 9.16 18.15 14.09
C GLY F 99 8.23 17.56 15.14
N GLY F 100 7.20 18.35 15.49
CA GLY F 100 6.20 17.88 16.42
C GLY F 100 5.39 16.71 15.88
N GLY F 101 5.26 16.62 14.57
CA GLY F 101 4.56 15.56 13.90
C GLY F 101 3.23 16.01 13.31
N THR F 102 2.79 15.30 12.27
CA THR F 102 1.51 15.51 11.62
C THR F 102 0.83 14.17 11.43
N LYS F 103 -0.37 14.03 12.01
CA LYS F 103 -1.11 12.78 11.96
C LYS F 103 -2.07 12.81 10.77
N LEU F 104 -1.94 11.85 9.87
CA LEU F 104 -2.78 11.76 8.69
C LEU F 104 -3.75 10.60 8.88
N GLU F 105 -5.04 10.90 8.87
CA GLU F 105 -6.08 9.90 9.03
C GLU F 105 -7.02 10.01 7.83
N ILE F 106 -7.94 9.07 7.72
CA ILE F 106 -8.73 8.91 6.51
C ILE F 106 -10.19 9.21 6.79
N LYS F 107 -10.88 9.72 5.77
CA LYS F 107 -12.32 9.96 5.81
C LYS F 107 -13.03 8.79 5.17
N ARG F 108 -14.18 8.41 5.75
CA ARG F 108 -15.02 7.35 5.22
C ARG F 108 -16.48 7.79 5.36
N ALA F 109 -17.37 6.99 4.78
CA ALA F 109 -18.80 7.24 4.96
C ALA F 109 -19.20 7.02 6.41
N ASP F 110 -20.05 7.90 6.91
CA ASP F 110 -20.45 7.83 8.31
C ASP F 110 -21.06 6.48 8.64
N ALA F 111 -20.74 5.95 9.82
CA ALA F 111 -21.29 4.71 10.32
C ALA F 111 -21.47 4.82 11.82
N ALA F 112 -22.58 4.26 12.33
CA ALA F 112 -23.00 4.45 13.70
C ALA F 112 -22.42 3.35 14.60
N PRO F 113 -22.18 3.63 15.88
CA PRO F 113 -21.49 2.67 16.72
C PRO F 113 -22.38 1.48 17.11
N THR F 114 -21.71 0.39 17.49
CA THR F 114 -22.37 -0.83 17.93
C THR F 114 -22.05 -0.95 19.42
N VAL F 115 -22.96 -0.41 20.24
CA VAL F 115 -22.73 -0.23 21.66
C VAL F 115 -23.15 -1.48 22.43
N SER F 116 -22.30 -1.91 23.35
CA SER F 116 -22.54 -3.06 24.21
C SER F 116 -21.96 -2.76 25.58
N ILE F 117 -22.69 -3.14 26.63
CA ILE F 117 -22.35 -2.79 28.00
C ILE F 117 -22.32 -4.06 28.84
N PHE F 118 -21.40 -4.12 29.81
CA PHE F 118 -21.15 -5.33 30.57
C PHE F 118 -21.15 -5.00 32.05
N PRO F 119 -21.82 -5.81 32.89
CA PRO F 119 -21.75 -5.58 34.33
C PRO F 119 -20.44 -6.09 34.89
N PRO F 120 -20.11 -5.75 36.14
CA PRO F 120 -18.86 -6.25 36.72
C PRO F 120 -18.83 -7.76 36.77
N SER F 121 -17.62 -8.30 36.67
CA SER F 121 -17.44 -9.74 36.74
C SER F 121 -17.68 -10.23 38.16
N SER F 122 -17.99 -11.51 38.28
CA SER F 122 -18.12 -12.11 39.61
C SER F 122 -16.77 -12.14 40.33
N GLU F 123 -15.68 -12.33 39.58
CA GLU F 123 -14.36 -12.40 40.20
C GLU F 123 -13.94 -11.05 40.75
N GLN F 124 -14.17 -9.97 39.99
CA GLN F 124 -13.76 -8.63 40.41
C GLN F 124 -14.41 -8.23 41.72
N LEU F 125 -15.69 -8.56 41.90
CA LEU F 125 -16.39 -8.19 43.13
C LEU F 125 -15.75 -8.84 44.35
N THR F 126 -15.42 -10.14 44.26
CA THR F 126 -14.74 -10.78 45.38
C THR F 126 -13.36 -10.21 45.63
N SER F 127 -12.79 -9.48 44.67
CA SER F 127 -11.50 -8.82 44.84
C SER F 127 -11.63 -7.40 45.37
N GLY F 128 -12.85 -6.93 45.64
CA GLY F 128 -13.06 -5.64 46.26
C GLY F 128 -13.24 -4.47 45.32
N GLY F 129 -13.55 -4.72 44.05
CA GLY F 129 -13.74 -3.66 43.08
C GLY F 129 -14.80 -4.05 42.07
N ALA F 130 -15.23 -3.05 41.29
CA ALA F 130 -16.24 -3.28 40.25
C ALA F 130 -16.06 -2.27 39.13
N SER F 131 -15.81 -2.77 37.92
CA SER F 131 -15.70 -1.92 36.74
C SER F 131 -16.84 -2.27 35.79
N VAL F 132 -17.53 -1.23 35.33
CA VAL F 132 -18.60 -1.37 34.35
C VAL F 132 -18.05 -0.91 33.02
N VAL F 133 -18.22 -1.74 31.99
CA VAL F 133 -17.54 -1.55 30.71
C VAL F 133 -18.57 -1.30 29.63
N CYS F 134 -18.29 -0.31 28.78
CA CYS F 134 -19.09 0.01 27.61
C CYS F 134 -18.19 0.04 26.38
N PHE F 135 -18.57 -0.71 25.35
CA PHE F 135 -17.81 -0.84 24.11
C PHE F 135 -18.57 -0.13 23.01
N LEU F 136 -17.91 0.81 22.33
CA LEU F 136 -18.48 1.52 21.19
C LEU F 136 -17.63 1.21 19.97
N ASN F 137 -18.09 0.31 19.11
CA ASN F 137 -17.23 -0.29 18.11
C ASN F 137 -17.67 0.09 16.69
N ASN F 138 -16.66 0.26 15.84
CA ASN F 138 -16.84 0.41 14.40
C ASN F 138 -17.79 1.57 14.08
N PHE F 139 -17.34 2.77 14.43
CA PHE F 139 -18.11 3.99 14.18
C PHE F 139 -17.22 5.06 13.56
N TYR F 140 -17.83 5.94 12.78
CA TYR F 140 -17.13 7.05 12.16
C TYR F 140 -18.06 8.25 12.15
N PRO F 141 -17.57 9.47 12.44
CA PRO F 141 -16.21 9.94 12.78
C PRO F 141 -15.82 9.73 14.24
N LYS F 142 -14.58 10.11 14.61
CA LYS F 142 -14.13 9.90 15.98
C LYS F 142 -14.91 10.74 16.97
N ASP F 143 -15.43 11.89 16.53
CA ASP F 143 -16.13 12.79 17.43
C ASP F 143 -17.37 12.09 17.98
N ILE F 144 -17.30 11.71 19.26
CA ILE F 144 -18.38 10.99 19.91
C ILE F 144 -18.39 11.40 21.38
N ASN F 145 -19.56 11.33 21.99
CA ASN F 145 -19.75 11.69 23.39
C ASN F 145 -20.39 10.53 24.13
N VAL F 146 -19.81 10.14 25.27
CA VAL F 146 -20.30 9.04 26.08
C VAL F 146 -20.71 9.59 27.44
N LYS F 147 -21.96 9.38 27.82
CA LYS F 147 -22.50 9.83 29.09
C LYS F 147 -22.87 8.62 29.93
N TRP F 148 -22.49 8.65 31.21
CA TRP F 148 -22.81 7.58 32.14
C TRP F 148 -23.92 8.07 33.06
N LYS F 149 -25.01 7.34 33.10
CA LYS F 149 -26.12 7.64 33.97
C LYS F 149 -26.23 6.48 34.97
N ILE F 150 -26.21 6.81 36.25
CA ILE F 150 -26.38 5.84 37.32
C ILE F 150 -27.69 6.18 38.01
N ASP F 151 -28.67 5.28 37.86
CA ASP F 151 -30.00 5.47 38.46
C ASP F 151 -30.60 6.79 38.02
N GLY F 152 -30.46 7.09 36.73
CA GLY F 152 -31.01 8.29 36.14
C GLY F 152 -30.18 9.54 36.34
N SER F 153 -29.14 9.50 37.17
CA SER F 153 -28.30 10.66 37.44
C SER F 153 -26.95 10.48 36.76
N GLU F 154 -26.50 11.51 36.06
CA GLU F 154 -25.24 11.46 35.33
C GLU F 154 -24.08 11.30 36.30
N ARG F 155 -23.02 10.61 35.85
CA ARG F 155 -21.80 10.50 36.64
C ARG F 155 -20.66 11.10 35.82
N GLN F 156 -20.09 12.20 36.32
CA GLN F 156 -19.08 12.93 35.57
C GLN F 156 -17.72 12.25 35.65
N ASN F 157 -17.25 11.93 36.85
CA ASN F 157 -15.88 11.50 37.05
C ASN F 157 -15.83 10.05 37.51
N GLY F 158 -14.65 9.45 37.32
CA GLY F 158 -14.48 8.03 37.51
C GLY F 158 -14.45 7.21 36.23
N VAL F 159 -14.46 7.85 35.06
CA VAL F 159 -14.55 7.18 33.78
C VAL F 159 -13.18 7.17 33.11
N LEU F 160 -12.80 6.03 32.54
CA LEU F 160 -11.57 5.87 31.79
C LEU F 160 -11.91 5.59 30.33
N ASN F 161 -11.44 6.44 29.44
CA ASN F 161 -11.71 6.31 28.02
C ASN F 161 -10.43 5.97 27.27
N SER F 162 -10.53 5.05 26.32
CA SER F 162 -9.41 4.68 25.49
C SER F 162 -9.93 4.46 24.07
N TRP F 163 -9.22 5.02 23.11
CA TRP F 163 -9.63 4.98 21.72
C TRP F 163 -8.62 4.14 20.94
N THR F 164 -9.11 3.45 19.92
CA THR F 164 -8.19 2.74 19.07
C THR F 164 -7.79 3.64 17.91
N ASP F 165 -6.68 3.28 17.27
CA ASP F 165 -6.30 3.93 16.04
C ASP F 165 -7.28 3.54 14.93
N GLN F 166 -7.40 4.41 13.94
CA GLN F 166 -8.29 4.14 12.81
C GLN F 166 -7.98 2.79 12.21
N ASP F 167 -9.03 2.03 11.90
CA ASP F 167 -8.88 0.67 11.44
C ASP F 167 -8.27 0.65 10.05
N SER F 168 -7.31 -0.27 9.85
CA SER F 168 -6.65 -0.38 8.56
C SER F 168 -7.61 -0.86 7.48
N ALA F 169 -8.54 -1.76 7.84
CA ALA F 169 -9.43 -2.36 6.86
C ALA F 169 -10.58 -1.44 6.48
N ASP F 170 -11.34 -0.95 7.46
CA ASP F 170 -12.58 -0.22 7.18
C ASP F 170 -12.56 1.23 7.64
N SER F 171 -11.42 1.73 8.13
CA SER F 171 -11.24 3.14 8.46
C SER F 171 -12.23 3.64 9.52
N THR F 172 -12.70 2.77 10.41
CA THR F 172 -13.66 3.14 11.43
C THR F 172 -12.97 3.21 12.78
N TYR F 173 -13.42 4.13 13.62
CA TYR F 173 -12.86 4.22 14.95
C TYR F 173 -13.66 3.38 15.95
N SER F 174 -13.08 3.20 17.14
CA SER F 174 -13.71 2.48 18.23
C SER F 174 -13.12 2.96 19.55
N MET F 175 -13.92 2.90 20.61
CA MET F 175 -13.47 3.29 21.94
C MET F 175 -14.12 2.40 22.98
N SER F 176 -13.52 2.38 24.17
CA SER F 176 -14.02 1.62 25.30
C SER F 176 -14.01 2.54 26.52
N SER F 177 -15.18 2.75 27.11
CA SER F 177 -15.36 3.58 28.29
C SER F 177 -15.57 2.68 29.50
N THR F 178 -14.72 2.81 30.51
CA THR F 178 -14.77 1.98 31.70
C THR F 178 -15.07 2.84 32.91
N LEU F 179 -16.16 2.53 33.60
CA LEU F 179 -16.53 3.20 34.84
C LEU F 179 -16.09 2.34 36.01
N THR F 180 -15.18 2.87 36.82
CA THR F 180 -14.54 2.10 37.88
C THR F 180 -15.07 2.56 39.22
N LEU F 181 -15.54 1.60 40.01
CA LEU F 181 -16.04 1.86 41.35
C LEU F 181 -15.52 0.78 42.27
N THR F 182 -15.58 1.04 43.57
CA THR F 182 -15.37 -0.02 44.54
C THR F 182 -16.62 -0.90 44.59
N LYS F 183 -16.47 -2.11 45.13
CA LYS F 183 -17.63 -3.00 45.22
C LYS F 183 -18.73 -2.36 46.03
N ASP F 184 -18.39 -1.82 47.22
CA ASP F 184 -19.40 -1.27 48.11
C ASP F 184 -20.19 -0.16 47.43
N GLU F 185 -19.51 0.70 46.66
CA GLU F 185 -20.20 1.77 45.96
C GLU F 185 -21.00 1.25 44.77
N TYR F 186 -20.50 0.23 44.07
CA TYR F 186 -21.25 -0.36 42.97
C TYR F 186 -22.58 -0.91 43.47
N GLU F 187 -22.56 -1.66 44.56
CA GLU F 187 -23.75 -2.29 45.13
C GLU F 187 -24.75 -1.30 45.72
N ARG F 188 -24.44 0.00 45.70
CA ARG F 188 -25.38 0.98 46.23
C ARG F 188 -26.50 1.30 45.26
N HIS F 189 -26.30 1.08 43.96
CA HIS F 189 -27.26 1.49 42.95
C HIS F 189 -27.75 0.29 42.18
N ASN F 190 -28.85 0.50 41.44
CA ASN F 190 -29.52 -0.58 40.72
C ASN F 190 -29.29 -0.54 39.21
N SER F 191 -29.29 0.64 38.58
CA SER F 191 -29.33 0.75 37.14
C SER F 191 -28.12 1.52 36.63
N TYR F 192 -27.34 0.89 35.76
CA TYR F 192 -26.19 1.50 35.11
C TYR F 192 -26.47 1.62 33.62
N THR F 193 -26.21 2.81 33.06
CA THR F 193 -26.59 3.12 31.70
C THR F 193 -25.43 3.77 30.94
N CYS F 194 -25.33 3.45 29.66
CA CYS F 194 -24.29 3.96 28.76
C CYS F 194 -24.97 4.66 27.60
N GLU F 195 -24.79 5.98 27.51
CA GLU F 195 -25.45 6.80 26.50
C GLU F 195 -24.40 7.29 25.50
N ALA F 196 -24.51 6.83 24.26
CA ALA F 196 -23.59 7.19 23.20
C ALA F 196 -24.30 8.15 22.25
N THR F 197 -23.79 9.37 22.16
CA THR F 197 -24.37 10.41 21.33
C THR F 197 -23.44 10.66 20.15
N HIS F 198 -23.96 10.49 18.94
CA HIS F 198 -23.16 10.52 17.72
C HIS F 198 -23.91 11.32 16.67
N LYS F 199 -23.17 11.78 15.66
CA LYS F 199 -23.79 12.55 14.58
C LYS F 199 -24.72 11.69 13.73
N THR F 200 -24.61 10.37 13.82
CA THR F 200 -25.43 9.50 12.97
C THR F 200 -26.91 9.57 13.34
N SER F 201 -27.23 9.86 14.60
CA SER F 201 -28.60 9.83 15.06
C SER F 201 -28.92 11.06 15.90
N THR F 202 -30.14 11.58 15.75
CA THR F 202 -30.57 12.69 16.59
C THR F 202 -30.74 12.24 18.04
N SER F 203 -31.20 11.01 18.26
CA SER F 203 -31.40 10.37 19.54
C SER F 203 -30.24 9.44 19.85
N PRO F 204 -29.73 9.48 21.07
CA PRO F 204 -28.52 8.68 21.38
C PRO F 204 -28.82 7.19 21.40
N ILE F 205 -27.74 6.42 21.35
CA ILE F 205 -27.82 4.97 21.47
C ILE F 205 -27.64 4.64 22.95
N VAL F 206 -28.65 4.03 23.55
CA VAL F 206 -28.68 3.76 24.98
C VAL F 206 -28.59 2.25 25.18
N LYS F 207 -27.63 1.83 25.99
CA LYS F 207 -27.51 0.45 26.44
C LYS F 207 -27.34 0.50 27.95
N SER F 208 -28.02 -0.40 28.65
CA SER F 208 -28.02 -0.35 30.10
C SER F 208 -28.36 -1.71 30.64
N PHE F 209 -28.26 -1.85 31.95
CA PHE F 209 -28.61 -3.07 32.65
C PHE F 209 -28.96 -2.72 34.08
N ASN F 210 -29.67 -3.63 34.73
CA ASN F 210 -30.05 -3.48 36.13
C ASN F 210 -29.30 -4.51 36.96
N ARG F 211 -28.77 -4.08 38.10
CA ARG F 211 -28.05 -5.03 38.96
C ARG F 211 -28.99 -6.07 39.54
N ALA F 212 -30.26 -5.70 39.72
CA ALA F 212 -31.27 -6.63 40.27
C ALA F 212 -31.95 -7.38 39.13
N GLU F 213 -31.17 -8.22 38.46
CA GLU F 213 -31.68 -9.04 37.37
C GLU F 213 -30.78 -10.25 37.13
NA NA G . 43.96 19.62 -0.25
N DAL H . 44.66 21.56 2.42
CA DAL H . 43.63 20.74 3.04
CB DAL H . 43.80 20.79 4.56
C DAL H . 43.76 19.33 2.57
O DAL H . 44.21 18.47 3.37
OXT DAL H . 43.41 19.06 1.39
#